data_7XUF
#
_entry.id   7XUF
#
_cell.length_a   1.00
_cell.length_b   1.00
_cell.length_c   1.00
_cell.angle_alpha   90.00
_cell.angle_beta   90.00
_cell.angle_gamma   90.00
#
_symmetry.space_group_name_H-M   'P 1'
#
loop_
_entity.id
_entity.type
_entity.pdbx_description
1 polymer 'Potassium channel KAT3'
2 polymer 'Potassium channel AKT1'
3 non-polymer 'POTASSIUM ION'
#
loop_
_entity_poly.entity_id
_entity_poly.type
_entity_poly.pdbx_seq_one_letter_code
_entity_poly.pdbx_strand_id
1 'polypeptide(L)'
;MSTTTTEARSPLPLLLRRGRSSTALSASTAEARSPLSILQFRRRSSKDVRNITSVSSSLLPAFGTFIEDDNPSSKPFIVL
HFDRRYRLWELFLVILVGYSAWASLFELAFEKAAEGALLTIDLVVDFFFAVDIILTFFVSYLDNTTYLNVTDHKLIAKRY
LKSVAFVMDVASTLPIQFIYKTITGDVGRGQAFGFLNLLRLWRLRRVAELFKRLEKDAHFNYFVIRVIKLLCVTIFWIHL
AGCILYWIAYHYPRPTDTWIGSQVEDFKERSVWLGYTYSMYWSIVTLTTVGYGDLHAVNSREKTFNMFYMLFNIGLTSYI
IGIMTNLVVHGALRTFAMRSAINDILRYTSKNRLPDTMREQMLAHMQLKFKTAELRQEEVLQDLPKAIRSSINQHLFRSI
IEEAYLFKGFPEGLLVQLVSQIQAEYFPPKMEIILQNEIPTDFYVIVSGGVDIIASKGVSEQVLAKLGPGSMAGEIGVVF
NIPQPFTVRTRRLSQVIRIGHHKFKEMVQSDNDVDAKMIIANFMTYLKGLNDELKKEIPFLRDLLDDADAQVQETVQSEE
TPQSNDEEIVTVSRHENGQIEERRREGVPKRVIIHGQAPPNQDNKNNGDSNGRLIILPDSIQLLFDLAEKKLGKRGSTIA
MADGAHVEQIDALRENDHLYIF
;
A,C
2 'polypeptide(L)'
;MRGGALLCGQVQDEIEQLSRESSHFSLSTGILPSLGARSNRRVKLRRFVVSPYDHKYRIWEAFLVVLVVYTAWVSPFEFG
FLRKPRPPLSITDNIVNAFFAIDIIMTFFVGYLDKSTYLIVDDRKQIAFKYLRSWFLLDLVSTIPSEAAMRISSQSYGLF
NMLRLWRLRRVGALFARLEKDRNFNYFWVRCAKLVCVTLFAVHCAACFYYLIAARNSNPAKTWIGANVANFLEESLWMRY
VTSMYWSITTLTTVGYGDLHPVNTKEMIFDIFYMLFNLGLTAYLIGNMTNLVVHGTSRTRNFRDTIQAASNFAHRNHLPP
RLQDQMLAHLCLKYRTDSEGLQQQETLDALPKAIRSSISHFLFYSLMDKVYLFRGVSNDLLFQLVSEMKAEYFPPKEDVI
LQNEAPTDFYILVNGTADLVDVDTGTESIVREVKAGDIIGEIGVLCYRPQLFTVRTKRLCQLLRMNRTTFLNIIQANVGD
GTIIMNNLLQHLKEMNDPVMTNVLLEIENMLARGKMDLPLNLCFAAIREDDLLLHQLLKRGLDPNESDNNGRTPLHIAAS
KGTLNCVLLLLEYHADPNCRDAEGSVPLWEAMVEGHEKVVKVLLEHGSTIDAGDVGHFACTAAEQGNLKLLKEIVLHGGD
VTRPRATGTSALHTAVCEENIEMVKYLLEQGADVNKQDMHGWTPRDLAEQQGHEDIKALFREKLHERRVHIETSSSVPIL
KTGIRFLGRFTSEPNIRPASREVSFRIRETRARRKTNNFDNSLFGILANQSVPKNGLATVDEGRTGNPVRVTISCAEKDD
IAGKLVLLPGSFKELLELGSNKFGIVATKVMNKDNNAEIDDVDVIRDGDHLIFATDS
;
B,D
#
loop_
_chem_comp.id
_chem_comp.type
_chem_comp.name
_chem_comp.formula
K non-polymer 'POTASSIUM ION' 'K 1'
#
# COMPACT_ATOMS: atom_id res chain seq x y z
N SER A 54 25.18 25.67 11.29
CA SER A 54 25.27 27.10 11.04
C SER A 54 25.14 27.40 9.55
N VAL A 55 25.47 26.43 8.72
CA VAL A 55 25.39 26.59 7.27
C VAL A 55 23.99 26.27 6.75
N SER A 56 23.53 25.04 6.99
CA SER A 56 22.19 24.62 6.57
C SER A 56 21.19 24.61 7.71
N SER A 57 21.64 24.76 8.96
CA SER A 57 20.71 24.74 10.09
C SER A 57 19.78 25.95 10.06
N SER A 58 20.30 27.12 9.71
CA SER A 58 19.50 28.34 9.77
C SER A 58 18.49 28.43 8.63
N LEU A 59 18.78 27.81 7.49
CA LEU A 59 17.88 27.87 6.34
C LEU A 59 16.67 26.96 6.47
N LEU A 60 16.65 26.07 7.46
CA LEU A 60 15.55 25.11 7.57
C LEU A 60 14.19 25.77 7.82
N PRO A 61 14.03 26.70 8.76
CA PRO A 61 12.70 27.28 8.98
C PRO A 61 12.23 28.07 7.77
N ALA A 62 10.91 28.09 7.59
CA ALA A 62 10.32 28.69 6.40
C ALA A 62 10.34 30.21 6.41
N PHE A 63 10.29 30.83 7.59
CA PHE A 63 10.19 32.28 7.70
C PHE A 63 11.43 32.90 8.34
N GLY A 64 12.59 32.25 8.16
CA GLY A 64 13.83 32.84 8.61
C GLY A 64 14.04 32.76 10.12
N THR A 65 15.00 33.57 10.58
CA THR A 65 15.38 33.57 11.99
C THR A 65 15.95 34.94 12.34
N PHE A 66 15.87 35.29 13.62
CA PHE A 66 16.42 36.55 14.09
C PHE A 66 17.95 36.55 14.00
N ILE A 67 18.53 37.74 13.90
CA ILE A 67 19.98 37.93 13.82
C ILE A 67 20.43 38.73 15.03
N GLU A 68 21.32 38.14 15.83
CA GLU A 68 21.75 38.79 17.06
C GLU A 68 23.02 39.61 16.90
N ASP A 69 24.13 38.96 16.57
CA ASP A 69 25.44 39.60 16.50
C ASP A 69 26.48 38.56 16.11
N ASP A 70 27.66 39.05 15.71
CA ASP A 70 28.83 38.23 15.41
C ASP A 70 28.60 37.26 14.26
N ASN A 71 27.52 37.42 13.52
CA ASN A 71 27.22 36.59 12.37
C ASN A 71 28.14 36.99 11.23
N PRO A 72 28.16 36.23 10.10
CA PRO A 72 28.90 36.65 8.91
C PRO A 72 28.29 37.88 8.25
N SER A 73 28.13 38.95 9.03
CA SER A 73 27.34 40.09 8.60
C SER A 73 28.04 40.88 7.50
N SER A 74 29.32 41.18 7.68
CA SER A 74 30.02 42.15 6.85
C SER A 74 29.20 43.43 6.78
N LYS A 75 29.01 44.04 7.95
CA LYS A 75 27.97 45.01 8.25
C LYS A 75 27.81 46.14 7.24
N PRO A 76 28.87 46.77 6.72
CA PRO A 76 28.67 47.90 5.81
C PRO A 76 27.96 47.48 4.53
N PHE A 77 26.72 47.98 4.37
CA PHE A 77 25.97 47.94 3.12
C PHE A 77 25.75 46.51 2.63
N ILE A 78 25.00 45.73 3.41
CA ILE A 78 24.53 44.42 2.97
C ILE A 78 23.45 43.96 3.94
N VAL A 79 22.54 43.12 3.44
CA VAL A 79 21.54 42.44 4.26
C VAL A 79 21.62 40.95 3.96
N LEU A 80 21.44 40.14 5.00
CA LEU A 80 21.56 38.70 4.88
C LEU A 80 20.26 38.09 4.37
N HIS A 81 20.38 37.09 3.50
CA HIS A 81 19.22 36.54 2.81
C HIS A 81 18.46 35.50 3.62
N PHE A 82 18.93 35.16 4.83
CA PHE A 82 18.16 34.33 5.74
C PHE A 82 17.65 35.13 6.93
N ASP A 83 17.63 36.45 6.82
CA ASP A 83 17.13 37.30 7.88
C ASP A 83 15.62 37.14 8.04
N ARG A 84 15.07 37.81 9.05
CA ARG A 84 13.63 37.76 9.29
C ARG A 84 12.90 38.94 8.66
N ARG A 85 13.48 40.15 8.75
CA ARG A 85 12.83 41.31 8.15
C ARG A 85 12.81 41.23 6.63
N TYR A 86 13.78 40.55 6.03
CA TYR A 86 13.75 40.35 4.59
C TYR A 86 12.72 39.31 4.19
N ARG A 87 12.40 38.37 5.09
CA ARG A 87 11.43 37.33 4.77
C ARG A 87 9.99 37.80 4.88
N LEU A 88 9.76 39.02 5.39
CA LEU A 88 8.43 39.61 5.38
C LEU A 88 8.25 40.64 4.27
N TRP A 89 9.30 40.96 3.53
CA TRP A 89 9.20 41.79 2.34
C TRP A 89 8.90 40.96 1.09
N GLU A 90 8.96 39.63 1.19
CA GLU A 90 8.62 38.76 0.07
C GLU A 90 7.17 38.31 0.13
N LEU A 91 6.63 38.08 1.34
CA LEU A 91 5.22 37.74 1.46
C LEU A 91 4.33 38.89 0.99
N PHE A 92 4.77 40.13 1.22
CA PHE A 92 4.03 41.29 0.76
C PHE A 92 3.92 41.31 -0.76
N LEU A 93 5.03 41.03 -1.45
CA LEU A 93 4.99 40.98 -2.91
C LEU A 93 4.19 39.78 -3.41
N VAL A 94 4.22 38.65 -2.68
CA VAL A 94 3.38 37.52 -3.08
C VAL A 94 1.91 37.88 -2.96
N ILE A 95 1.54 38.62 -1.92
CA ILE A 95 0.16 39.09 -1.81
C ILE A 95 -0.19 40.02 -2.95
N LEU A 96 0.70 40.95 -3.28
CA LEU A 96 0.44 41.87 -4.39
C LEU A 96 0.36 41.16 -5.73
N VAL A 97 0.99 39.99 -5.88
CA VAL A 97 0.84 39.22 -7.10
C VAL A 97 -0.60 38.75 -7.28
N GLY A 98 -1.32 38.52 -6.17
CA GLY A 98 -2.69 38.06 -6.27
C GLY A 98 -3.59 39.03 -7.01
N TYR A 99 -3.39 40.33 -6.79
CA TYR A 99 -4.17 41.34 -7.49
C TYR A 99 -3.70 41.54 -8.92
N SER A 100 -2.41 41.38 -9.18
CA SER A 100 -1.87 41.70 -10.50
C SER A 100 -2.01 40.56 -11.50
N ALA A 101 -2.47 39.39 -11.08
CA ALA A 101 -2.80 38.32 -12.00
C ALA A 101 -4.28 38.28 -12.34
N TRP A 102 -5.06 39.25 -11.85
CA TRP A 102 -6.49 39.36 -12.12
C TRP A 102 -6.78 40.51 -13.08
N ALA A 103 -6.25 41.70 -12.78
CA ALA A 103 -6.51 42.85 -13.64
C ALA A 103 -5.90 42.68 -15.02
N SER A 104 -4.78 41.96 -15.12
CA SER A 104 -4.14 41.78 -16.42
C SER A 104 -5.04 41.04 -17.39
N LEU A 105 -5.71 39.99 -16.92
CA LEU A 105 -6.67 39.28 -17.76
C LEU A 105 -8.00 40.02 -17.88
N PHE A 106 -8.41 40.75 -16.83
CA PHE A 106 -9.68 41.45 -16.89
C PHE A 106 -9.64 42.62 -17.86
N GLU A 107 -8.47 43.21 -18.10
CA GLU A 107 -8.37 44.32 -19.04
C GLU A 107 -8.26 43.87 -20.50
N LEU A 108 -7.96 42.59 -20.74
CA LEU A 108 -7.87 42.10 -22.11
C LEU A 108 -9.23 42.07 -22.80
N ALA A 109 -10.22 41.49 -22.12
CA ALA A 109 -11.52 41.25 -22.72
C ALA A 109 -12.47 42.43 -22.55
N PHE A 110 -12.70 42.84 -21.29
CA PHE A 110 -13.69 43.89 -21.00
C PHE A 110 -13.07 45.26 -21.21
N GLU A 111 -12.84 45.57 -22.48
CA GLU A 111 -12.38 46.90 -22.86
C GLU A 111 -13.41 47.94 -22.43
N LYS A 112 -12.92 49.17 -22.26
CA LYS A 112 -13.48 50.40 -21.67
C LYS A 112 -13.32 50.37 -20.15
N ALA A 113 -12.75 49.31 -19.59
CA ALA A 113 -12.39 49.29 -18.18
C ALA A 113 -10.96 49.75 -17.94
N ALA A 114 -10.16 49.91 -18.98
CA ALA A 114 -8.77 50.32 -18.83
C ALA A 114 -8.62 51.77 -18.40
N GLU A 115 -9.69 52.56 -18.43
CA GLU A 115 -9.67 53.94 -17.97
C GLU A 115 -10.52 54.07 -16.71
N GLY A 116 -9.92 54.57 -15.65
CA GLY A 116 -10.58 54.69 -14.37
C GLY A 116 -9.57 54.51 -13.25
N ALA A 117 -10.08 54.00 -12.12
CA ALA A 117 -9.22 53.78 -10.95
C ALA A 117 -8.18 52.70 -11.21
N LEU A 118 -8.50 51.73 -12.07
CA LEU A 118 -7.56 50.66 -12.38
C LEU A 118 -6.26 51.21 -12.93
N LEU A 119 -6.32 52.28 -13.71
CA LEU A 119 -5.10 52.88 -14.27
C LEU A 119 -4.21 53.42 -13.15
N THR A 120 -4.79 54.01 -12.11
CA THR A 120 -4.00 54.55 -11.01
C THR A 120 -3.41 53.43 -10.15
N ILE A 121 -4.22 52.40 -9.86
CA ILE A 121 -3.74 51.30 -9.04
C ILE A 121 -2.63 50.55 -9.77
N ASP A 122 -2.73 50.43 -11.09
CA ASP A 122 -1.73 49.72 -11.87
C ASP A 122 -0.37 50.40 -11.83
N LEU A 123 -0.31 51.68 -11.53
CA LEU A 123 0.97 52.38 -11.37
C LEU A 123 1.45 52.36 -9.93
N VAL A 124 0.51 52.55 -8.98
CA VAL A 124 0.89 52.48 -7.57
C VAL A 124 1.50 51.13 -7.25
N VAL A 125 0.96 50.06 -7.83
CA VAL A 125 1.52 48.73 -7.58
C VAL A 125 2.88 48.58 -8.26
N ASP A 126 3.03 49.10 -9.48
CA ASP A 126 4.28 48.95 -10.22
C ASP A 126 5.44 49.69 -9.56
N PHE A 127 5.15 50.72 -8.78
CA PHE A 127 6.21 51.41 -8.05
C PHE A 127 7.05 50.44 -7.21
N PHE A 128 6.37 49.54 -6.48
CA PHE A 128 7.09 48.63 -5.59
C PHE A 128 7.95 47.64 -6.36
N PHE A 129 7.41 47.08 -7.45
CA PHE A 129 8.20 46.15 -8.26
C PHE A 129 9.34 46.87 -8.97
N ALA A 130 9.25 48.19 -9.14
CA ALA A 130 10.41 48.94 -9.62
C ALA A 130 11.45 49.11 -8.52
N VAL A 131 11.01 49.32 -7.28
CA VAL A 131 11.94 49.46 -6.16
C VAL A 131 12.69 48.16 -5.91
N ASP A 132 12.03 47.01 -6.12
CA ASP A 132 12.65 45.74 -5.78
C ASP A 132 13.91 45.46 -6.60
N ILE A 133 13.95 45.90 -7.86
CA ILE A 133 15.13 45.67 -8.69
C ILE A 133 16.33 46.45 -8.16
N ILE A 134 16.11 47.69 -7.70
CA ILE A 134 17.19 48.42 -7.06
C ILE A 134 17.59 47.75 -5.76
N LEU A 135 16.62 47.17 -5.04
CA LEU A 135 16.94 46.52 -3.77
C LEU A 135 17.82 45.28 -3.97
N THR A 136 17.58 44.52 -5.04
CA THR A 136 18.20 43.21 -5.17
C THR A 136 19.68 43.24 -5.56
N PHE A 137 20.35 44.39 -5.48
CA PHE A 137 21.80 44.45 -5.58
C PHE A 137 22.49 44.41 -4.22
N PHE A 138 21.73 44.36 -3.12
CA PHE A 138 22.31 44.37 -1.78
C PHE A 138 22.04 43.07 -1.03
N VAL A 139 21.79 41.97 -1.75
CA VAL A 139 21.42 40.70 -1.14
C VAL A 139 22.55 39.70 -1.34
N SER A 140 22.71 38.80 -0.39
CA SER A 140 23.75 37.78 -0.44
C SER A 140 23.18 36.44 -0.86
N TYR A 141 24.01 35.63 -1.50
CA TYR A 141 23.59 34.33 -2.00
C TYR A 141 24.55 33.25 -1.53
N LEU A 142 24.07 32.02 -1.52
CA LEU A 142 24.81 30.86 -1.01
C LEU A 142 25.31 30.03 -2.18
N ASP A 143 26.60 29.71 -2.17
CA ASP A 143 27.24 29.04 -3.30
C ASP A 143 26.83 27.58 -3.34
N ASN A 144 27.36 26.85 -4.33
CA ASN A 144 27.04 25.44 -4.51
C ASN A 144 28.25 24.52 -4.36
N THR A 145 29.35 24.79 -5.07
CA THR A 145 30.54 23.96 -4.92
C THR A 145 31.09 24.05 -3.51
N THR A 146 31.17 25.26 -2.97
CA THR A 146 31.39 25.48 -1.55
C THR A 146 30.08 25.93 -0.93
N TYR A 147 29.98 25.81 0.40
CA TYR A 147 28.77 26.19 1.11
C TYR A 147 28.96 27.50 1.88
N LEU A 148 29.71 28.43 1.31
CA LEU A 148 29.90 29.76 1.89
C LEU A 148 28.96 30.74 1.20
N ASN A 149 28.55 31.76 1.94
CA ASN A 149 27.69 32.81 1.41
C ASN A 149 28.53 34.00 1.00
N VAL A 150 28.33 34.45 -0.24
CA VAL A 150 29.13 35.53 -0.81
C VAL A 150 28.65 36.86 -0.25
N THR A 151 29.58 37.69 0.22
CA THR A 151 29.25 39.00 0.75
C THR A 151 30.13 40.10 0.13
N ASP A 152 30.48 39.94 -1.14
CA ASP A 152 31.27 40.93 -1.87
C ASP A 152 30.43 41.49 -3.01
N HIS A 153 30.37 42.81 -3.12
CA HIS A 153 29.48 43.45 -4.09
C HIS A 153 29.87 43.11 -5.53
N LYS A 154 31.17 43.11 -5.82
CA LYS A 154 31.61 42.90 -7.19
C LYS A 154 31.38 41.46 -7.66
N LEU A 155 31.08 40.54 -6.75
CA LEU A 155 30.75 39.17 -7.14
C LEU A 155 29.25 38.97 -7.31
N ILE A 156 28.44 39.63 -6.49
CA ILE A 156 26.99 39.50 -6.63
C ILE A 156 26.47 40.35 -7.79
N ALA A 157 27.18 41.42 -8.15
CA ALA A 157 26.74 42.25 -9.26
C ALA A 157 26.87 41.52 -10.59
N LYS A 158 27.95 40.75 -10.77
CA LYS A 158 28.18 40.08 -12.04
C LYS A 158 27.24 38.90 -12.26
N ARG A 159 26.73 38.31 -11.17
CA ARG A 159 25.88 37.14 -11.30
C ARG A 159 24.53 37.49 -11.90
N TYR A 160 23.97 38.64 -11.53
CA TYR A 160 22.60 38.97 -11.90
C TYR A 160 22.47 39.26 -13.39
N LEU A 161 23.39 40.07 -13.93
CA LEU A 161 23.26 40.55 -15.30
C LEU A 161 23.40 39.44 -16.33
N LYS A 162 23.89 38.25 -15.94
CA LYS A 162 24.13 37.17 -16.88
C LYS A 162 22.97 36.19 -16.96
N SER A 163 21.86 36.46 -16.28
CA SER A 163 20.71 35.58 -16.28
C SER A 163 19.53 36.24 -16.99
N VAL A 164 18.48 35.44 -17.22
CA VAL A 164 17.26 35.96 -17.84
C VAL A 164 16.35 36.67 -16.85
N ALA A 165 16.58 36.49 -15.55
CA ALA A 165 15.72 37.10 -14.55
C ALA A 165 15.76 38.62 -14.65
N PHE A 166 16.95 39.19 -14.86
CA PHE A 166 17.08 40.65 -14.93
C PHE A 166 16.29 41.22 -16.10
N VAL A 167 16.49 40.66 -17.30
CA VAL A 167 15.81 41.18 -18.48
C VAL A 167 14.30 40.96 -18.38
N MET A 168 13.88 39.80 -17.88
CA MET A 168 12.45 39.53 -17.77
C MET A 168 11.79 40.46 -16.74
N ASP A 169 12.46 40.71 -15.61
CA ASP A 169 11.91 41.64 -14.63
C ASP A 169 11.80 43.04 -15.20
N VAL A 170 12.83 43.50 -15.91
CA VAL A 170 12.80 44.84 -16.47
C VAL A 170 11.67 44.95 -17.50
N ALA A 171 11.50 43.91 -18.33
CA ALA A 171 10.41 43.93 -19.30
C ALA A 171 9.05 43.95 -18.63
N SER A 172 8.86 43.13 -17.58
CA SER A 172 7.55 43.03 -16.94
C SER A 172 7.18 44.31 -16.20
N THR A 173 8.13 44.94 -15.52
CA THR A 173 7.79 46.07 -14.66
C THR A 173 7.61 47.37 -15.42
N LEU A 174 7.48 47.33 -16.75
CA LEU A 174 7.42 48.55 -17.55
C LEU A 174 5.98 48.84 -17.96
N PRO A 175 5.39 49.97 -17.55
CA PRO A 175 4.06 50.33 -18.05
C PRO A 175 4.14 50.71 -19.52
N ILE A 176 3.22 50.17 -20.32
CA ILE A 176 3.28 50.38 -21.76
C ILE A 176 1.98 50.99 -22.27
N GLN A 177 0.87 50.74 -21.57
CA GLN A 177 -0.41 51.29 -22.01
C GLN A 177 -0.46 52.79 -21.75
N PHE A 178 0.01 53.24 -20.59
CA PHE A 178 -0.05 54.66 -20.25
C PHE A 178 0.90 55.48 -21.13
N ILE A 179 2.13 55.01 -21.29
CA ILE A 179 3.14 55.82 -22.00
C ILE A 179 2.80 55.93 -23.49
N TYR A 180 2.31 54.85 -24.08
CA TYR A 180 2.08 54.81 -25.52
C TYR A 180 0.84 55.61 -25.92
N LYS A 181 0.04 56.05 -24.95
CA LYS A 181 -0.93 57.12 -25.13
C LYS A 181 -0.72 58.29 -24.18
N THR A 182 0.51 58.50 -23.71
CA THR A 182 0.79 59.70 -22.91
C THR A 182 0.68 60.95 -23.76
N ILE A 183 1.15 60.90 -25.01
CA ILE A 183 1.05 62.02 -25.93
C ILE A 183 0.56 61.63 -27.31
N THR A 184 0.63 60.35 -27.69
CA THR A 184 0.24 59.94 -29.03
C THR A 184 -1.26 60.13 -29.26
N GLY A 185 -2.09 59.63 -28.35
CA GLY A 185 -3.54 59.73 -28.50
C GLY A 185 -4.17 59.53 -27.13
N ASP A 186 -5.50 59.58 -27.11
CA ASP A 186 -6.23 59.47 -25.85
C ASP A 186 -6.24 58.03 -25.33
N VAL A 187 -6.83 57.12 -26.09
CA VAL A 187 -6.97 55.72 -25.68
C VAL A 187 -6.49 54.82 -26.81
N GLY A 188 -6.11 53.60 -26.46
CA GLY A 188 -5.51 52.66 -27.39
C GLY A 188 -6.49 51.59 -27.83
N ARG A 189 -6.33 51.12 -29.07
CA ARG A 189 -7.13 50.04 -29.62
C ARG A 189 -6.30 49.36 -30.71
N GLY A 190 -6.91 48.40 -31.40
CA GLY A 190 -6.25 47.77 -32.54
C GLY A 190 -6.38 46.27 -32.60
N GLN A 191 -7.12 45.66 -31.66
CA GLN A 191 -7.45 44.24 -31.61
C GLN A 191 -6.25 43.36 -31.32
N ALA A 192 -5.05 43.93 -31.22
CA ALA A 192 -3.86 43.16 -30.87
C ALA A 192 -3.13 43.84 -29.72
N PHE A 193 -3.27 45.16 -29.63
CA PHE A 193 -2.75 45.93 -28.51
C PHE A 193 -3.64 45.60 -27.30
N GLY A 194 -3.12 44.77 -26.40
CA GLY A 194 -3.91 44.18 -25.34
C GLY A 194 -3.48 42.76 -25.08
N PHE A 195 -2.93 42.10 -26.11
CA PHE A 195 -2.16 40.89 -25.89
C PHE A 195 -0.80 41.18 -25.27
N LEU A 196 -0.38 42.45 -25.28
CA LEU A 196 0.81 42.88 -24.58
C LEU A 196 0.65 42.79 -23.06
N ASN A 197 -0.58 42.72 -22.57
CA ASN A 197 -0.83 42.63 -21.14
C ASN A 197 -0.48 41.27 -20.56
N LEU A 198 -0.16 40.28 -21.39
CA LEU A 198 0.20 38.96 -20.91
C LEU A 198 1.64 38.87 -20.42
N LEU A 199 2.38 39.98 -20.42
CA LEU A 199 3.76 39.94 -19.94
C LEU A 199 3.82 39.84 -18.42
N ARG A 200 2.80 40.33 -17.72
CA ARG A 200 2.80 40.35 -16.27
C ARG A 200 2.40 39.01 -15.66
N LEU A 201 2.33 37.95 -16.45
CA LEU A 201 2.11 36.61 -15.93
C LEU A 201 3.40 35.92 -15.53
N TRP A 202 4.54 36.60 -15.66
CA TRP A 202 5.83 36.05 -15.26
C TRP A 202 6.05 36.09 -13.76
N ARG A 203 5.15 36.75 -13.01
CA ARG A 203 5.30 36.91 -11.57
C ARG A 203 4.76 35.73 -10.78
N LEU A 204 4.25 34.69 -11.44
CA LEU A 204 3.71 33.53 -10.75
C LEU A 204 4.79 32.60 -10.21
N ARG A 205 6.03 32.76 -10.68
CA ARG A 205 7.13 31.96 -10.14
C ARG A 205 7.33 32.24 -8.65
N ARG A 206 6.95 33.43 -8.18
CA ARG A 206 7.07 33.72 -6.76
C ARG A 206 6.15 32.83 -5.93
N VAL A 207 4.90 32.66 -6.36
CA VAL A 207 4.01 31.75 -5.66
C VAL A 207 4.50 30.31 -5.80
N ALA A 208 4.97 29.94 -6.99
CA ALA A 208 5.48 28.60 -7.20
C ALA A 208 6.64 28.29 -6.25
N GLU A 209 7.51 29.27 -6.02
CA GLU A 209 8.64 29.07 -5.10
C GLU A 209 8.17 29.08 -3.64
N LEU A 210 7.20 29.93 -3.31
CA LEU A 210 6.72 29.99 -1.93
C LEU A 210 6.11 28.66 -1.51
N PHE A 211 5.32 28.03 -2.38
CA PHE A 211 4.67 26.79 -1.97
C PHE A 211 5.65 25.62 -1.84
N LYS A 212 6.91 25.78 -2.25
CA LYS A 212 7.89 24.72 -2.05
C LYS A 212 8.56 24.81 -0.68
N ARG A 213 8.60 26.00 -0.07
CA ARG A 213 9.23 26.17 1.23
C ARG A 213 8.30 25.88 2.39
N LEU A 214 7.02 25.62 2.13
CA LEU A 214 6.08 25.33 3.20
C LEU A 214 5.91 23.84 3.47
N GLU A 215 6.28 22.99 2.52
CA GLU A 215 6.15 21.55 2.70
C GLU A 215 7.38 20.92 3.35
N LYS A 216 8.51 21.63 3.36
CA LYS A 216 9.74 21.12 3.97
C LYS A 216 9.82 21.41 5.47
N ASP A 217 8.83 22.09 6.04
CA ASP A 217 8.83 22.40 7.45
C ASP A 217 7.96 21.39 8.20
N ALA A 218 8.40 21.05 9.41
CA ALA A 218 7.68 20.09 10.25
C ALA A 218 6.71 20.75 11.22
N HIS A 219 6.68 22.09 11.27
CA HIS A 219 5.72 22.80 12.09
C HIS A 219 4.38 23.01 11.38
N PHE A 220 4.29 22.67 10.11
CA PHE A 220 3.09 22.88 9.31
C PHE A 220 2.57 21.54 8.81
N ASN A 221 1.25 21.47 8.62
CA ASN A 221 0.60 20.23 8.22
C ASN A 221 1.00 19.83 6.81
N TYR A 222 0.47 18.69 6.38
CA TYR A 222 0.57 18.24 5.00
C TYR A 222 -0.79 18.00 4.35
N PHE A 223 -1.85 17.93 5.15
CA PHE A 223 -3.22 17.82 4.65
C PHE A 223 -3.88 19.18 4.49
N VAL A 224 -3.23 20.25 4.93
CA VAL A 224 -3.78 21.59 4.79
C VAL A 224 -2.97 22.44 3.80
N ILE A 225 -1.69 22.15 3.60
CA ILE A 225 -0.89 22.91 2.66
C ILE A 225 -1.09 22.41 1.23
N ARG A 226 -1.37 21.12 1.06
CA ARG A 226 -1.59 20.56 -0.27
C ARG A 226 -3.06 20.57 -0.68
N VAL A 227 -3.93 21.18 0.12
CA VAL A 227 -5.32 21.36 -0.26
C VAL A 227 -5.65 22.83 -0.54
N ILE A 228 -4.88 23.78 -0.02
CA ILE A 228 -4.98 25.17 -0.46
C ILE A 228 -4.28 25.37 -1.79
N LYS A 229 -3.50 24.39 -2.24
CA LYS A 229 -2.88 24.42 -3.56
C LYS A 229 -3.81 23.90 -4.64
N LEU A 230 -5.01 23.46 -4.29
CA LEU A 230 -6.00 23.01 -5.27
C LEU A 230 -7.06 24.04 -5.58
N LEU A 231 -7.26 25.02 -4.70
CA LEU A 231 -8.20 26.10 -4.99
C LEU A 231 -7.65 27.06 -6.03
N CYS A 232 -6.37 27.44 -5.90
CA CYS A 232 -5.80 28.50 -6.72
C CYS A 232 -5.74 28.08 -8.19
N VAL A 233 -5.32 26.85 -8.46
CA VAL A 233 -5.19 26.39 -9.85
C VAL A 233 -6.55 26.40 -10.53
N THR A 234 -7.56 25.86 -9.87
CA THR A 234 -8.89 25.80 -10.49
C THR A 234 -9.48 27.19 -10.68
N ILE A 235 -9.31 28.08 -9.70
CA ILE A 235 -9.88 29.42 -9.85
C ILE A 235 -9.20 30.17 -10.99
N PHE A 236 -7.86 30.06 -11.10
CA PHE A 236 -7.17 30.71 -12.20
C PHE A 236 -7.60 30.14 -13.55
N TRP A 237 -7.75 28.81 -13.63
CA TRP A 237 -8.17 28.18 -14.87
C TRP A 237 -9.55 28.69 -15.29
N ILE A 238 -10.49 28.75 -14.34
CA ILE A 238 -11.84 29.21 -14.63
C ILE A 238 -11.82 30.65 -15.11
N HIS A 239 -11.06 31.51 -14.42
CA HIS A 239 -11.02 32.92 -14.80
C HIS A 239 -10.45 33.10 -16.20
N LEU A 240 -9.38 32.37 -16.53
CA LEU A 240 -8.78 32.48 -17.85
C LEU A 240 -9.75 32.07 -18.95
N ALA A 241 -10.41 30.93 -18.77
CA ALA A 241 -11.35 30.48 -19.81
C ALA A 241 -12.51 31.45 -19.96
N GLY A 242 -13.05 31.93 -18.83
CA GLY A 242 -14.18 32.85 -18.89
C GLY A 242 -13.85 34.15 -19.60
N CYS A 243 -12.62 34.66 -19.41
CA CYS A 243 -12.25 35.89 -20.09
C CYS A 243 -12.01 35.66 -21.59
N ILE A 244 -11.34 34.55 -21.94
CA ILE A 244 -11.02 34.30 -23.35
C ILE A 244 -12.30 34.13 -24.17
N LEU A 245 -13.30 33.43 -23.62
CA LEU A 245 -14.51 33.19 -24.39
C LEU A 245 -15.25 34.50 -24.71
N TYR A 246 -15.38 35.38 -23.72
CA TYR A 246 -16.03 36.67 -23.96
C TYR A 246 -15.23 37.50 -24.96
N TRP A 247 -13.90 37.46 -24.88
CA TRP A 247 -13.11 38.19 -25.86
C TRP A 247 -13.40 37.69 -27.27
N ILE A 248 -13.50 36.36 -27.45
CA ILE A 248 -13.84 35.82 -28.75
C ILE A 248 -15.20 36.32 -29.21
N ALA A 249 -16.17 36.38 -28.27
CA ALA A 249 -17.51 36.80 -28.63
C ALA A 249 -17.58 38.27 -29.04
N TYR A 250 -16.76 39.12 -28.44
CA TYR A 250 -16.90 40.57 -28.66
C TYR A 250 -16.64 40.96 -30.11
N HIS A 251 -15.50 40.54 -30.66
CA HIS A 251 -15.06 41.00 -31.98
C HIS A 251 -15.56 40.07 -33.08
N TYR A 252 -16.86 40.14 -33.34
CA TYR A 252 -17.45 39.34 -34.41
C TYR A 252 -18.31 40.21 -35.30
N PRO A 253 -18.35 39.92 -36.60
CA PRO A 253 -19.17 40.72 -37.53
C PRO A 253 -20.65 40.74 -37.17
N ARG A 254 -21.27 39.56 -37.09
CA ARG A 254 -22.70 39.47 -36.83
C ARG A 254 -22.93 39.24 -35.34
N PRO A 255 -23.49 40.20 -34.60
CA PRO A 255 -23.68 40.01 -33.16
C PRO A 255 -24.80 39.05 -32.80
N THR A 256 -25.64 38.64 -33.74
CA THR A 256 -26.77 37.78 -33.47
C THR A 256 -26.41 36.30 -33.59
N ASP A 257 -25.18 35.99 -33.99
CA ASP A 257 -24.70 34.62 -34.12
C ASP A 257 -23.62 34.33 -33.09
N THR A 258 -23.83 34.77 -31.86
CA THR A 258 -22.90 34.56 -30.75
C THR A 258 -23.64 33.92 -29.59
N TRP A 259 -22.87 33.33 -28.66
CA TRP A 259 -23.49 32.60 -27.57
C TRP A 259 -24.31 33.52 -26.68
N ILE A 260 -23.82 34.73 -26.43
CA ILE A 260 -24.52 35.69 -25.57
C ILE A 260 -25.44 36.61 -26.36
N GLY A 261 -25.20 36.80 -27.66
CA GLY A 261 -25.97 37.75 -28.42
C GLY A 261 -27.39 37.31 -28.72
N SER A 262 -27.67 36.01 -28.61
CA SER A 262 -29.00 35.50 -28.90
C SER A 262 -29.89 35.43 -27.67
N GLN A 263 -29.36 35.74 -26.48
CA GLN A 263 -30.15 35.81 -25.26
C GLN A 263 -30.43 37.25 -24.84
N VAL A 264 -29.42 38.12 -24.95
CA VAL A 264 -29.57 39.55 -24.70
C VAL A 264 -29.34 40.27 -26.03
N GLU A 265 -30.30 41.11 -26.42
CA GLU A 265 -30.20 41.77 -27.72
C GLU A 265 -29.01 42.71 -27.79
N ASP A 266 -28.76 43.46 -26.71
CA ASP A 266 -27.62 44.37 -26.63
C ASP A 266 -26.81 44.02 -25.38
N PHE A 267 -25.89 43.06 -25.52
CA PHE A 267 -24.96 42.81 -24.43
C PHE A 267 -23.95 43.94 -24.30
N LYS A 268 -23.65 44.62 -25.40
CA LYS A 268 -22.89 45.85 -25.34
C LYS A 268 -23.76 46.96 -24.72
N GLU A 269 -23.14 48.13 -24.55
CA GLU A 269 -23.79 49.30 -23.95
C GLU A 269 -24.34 49.02 -22.55
N ARG A 270 -23.94 47.91 -21.94
CA ARG A 270 -24.37 47.54 -20.60
C ARG A 270 -23.17 47.51 -19.67
N SER A 271 -23.44 47.29 -18.39
CA SER A 271 -22.39 47.24 -17.39
C SER A 271 -21.47 46.05 -17.64
N VAL A 272 -20.20 46.20 -17.23
CA VAL A 272 -19.23 45.13 -17.43
C VAL A 272 -19.51 43.96 -16.49
N TRP A 273 -20.11 44.23 -15.33
CA TRP A 273 -20.38 43.16 -14.38
C TRP A 273 -21.49 42.24 -14.88
N LEU A 274 -22.47 42.79 -15.61
CA LEU A 274 -23.51 41.95 -16.18
C LEU A 274 -22.97 41.06 -17.28
N GLY A 275 -21.92 41.49 -17.96
CA GLY A 275 -21.24 40.62 -18.91
C GLY A 275 -20.19 39.71 -18.29
N TYR A 276 -19.83 39.96 -17.04
CA TYR A 276 -18.89 39.13 -16.29
C TYR A 276 -19.58 37.94 -15.62
N THR A 277 -20.77 38.18 -15.05
CA THR A 277 -21.47 37.09 -14.37
C THR A 277 -21.85 35.97 -15.33
N TYR A 278 -22.31 36.32 -16.53
CA TYR A 278 -22.70 35.30 -17.50
C TYR A 278 -21.53 34.39 -17.86
N SER A 279 -20.36 34.98 -18.12
CA SER A 279 -19.21 34.22 -18.57
C SER A 279 -18.51 33.48 -17.44
N MET A 280 -18.74 33.89 -16.18
CA MET A 280 -18.29 33.04 -15.08
C MET A 280 -19.24 31.85 -14.87
N TYR A 281 -20.54 32.09 -15.00
CA TYR A 281 -21.53 31.04 -14.83
C TYR A 281 -21.37 29.94 -15.87
N TRP A 282 -21.14 30.33 -17.13
CA TRP A 282 -20.95 29.32 -18.18
C TRP A 282 -19.72 28.46 -17.91
N SER A 283 -18.63 29.06 -17.45
CA SER A 283 -17.41 28.31 -17.20
C SER A 283 -17.58 27.32 -16.06
N ILE A 284 -18.20 27.76 -14.96
CA ILE A 284 -18.38 26.83 -13.84
C ILE A 284 -19.39 25.74 -14.17
N VAL A 285 -20.33 26.01 -15.08
CA VAL A 285 -21.23 24.95 -15.52
C VAL A 285 -20.50 23.94 -16.40
N THR A 286 -19.69 24.43 -17.35
CA THR A 286 -19.00 23.50 -18.26
C THR A 286 -17.98 22.65 -17.51
N LEU A 287 -17.22 23.25 -16.58
CA LEU A 287 -16.47 22.44 -15.64
C LEU A 287 -17.46 21.82 -14.65
N THR A 288 -17.02 20.77 -13.95
CA THR A 288 -17.82 19.97 -13.02
C THR A 288 -18.84 19.10 -13.75
N THR A 289 -18.98 19.24 -15.07
CA THR A 289 -19.73 18.34 -15.94
C THR A 289 -21.23 18.35 -15.68
N VAL A 290 -21.78 19.45 -15.17
CA VAL A 290 -23.22 19.67 -15.22
C VAL A 290 -23.51 20.45 -16.49
N GLY A 291 -24.46 19.98 -17.28
CA GLY A 291 -24.78 20.75 -18.46
C GLY A 291 -26.25 21.00 -18.68
N TYR A 292 -26.67 22.26 -18.61
CA TYR A 292 -27.98 22.64 -19.10
C TYR A 292 -27.86 23.08 -20.56
N GLY A 293 -28.99 23.22 -21.22
CA GLY A 293 -29.00 23.74 -22.57
C GLY A 293 -29.14 25.25 -22.56
N ASP A 294 -28.87 25.86 -21.41
CA ASP A 294 -29.05 27.29 -21.24
C ASP A 294 -28.24 28.08 -22.25
N LEU A 295 -26.91 27.95 -22.19
CA LEU A 295 -26.00 28.71 -23.06
C LEU A 295 -25.07 27.71 -23.74
N HIS A 296 -25.03 27.74 -25.07
CA HIS A 296 -24.18 26.84 -25.84
C HIS A 296 -23.51 27.64 -26.96
N ALA A 297 -22.72 26.95 -27.77
CA ALA A 297 -21.96 27.57 -28.85
C ALA A 297 -22.76 27.54 -30.15
N VAL A 298 -22.56 28.58 -30.97
CA VAL A 298 -23.33 28.72 -32.21
C VAL A 298 -22.41 28.86 -33.42
N ASN A 299 -21.21 29.40 -33.23
CA ASN A 299 -20.31 29.70 -34.33
C ASN A 299 -19.48 28.47 -34.71
N SER A 300 -18.47 28.68 -35.55
CA SER A 300 -17.40 27.72 -35.75
C SER A 300 -16.07 28.18 -35.19
N ARG A 301 -15.98 29.44 -34.76
CA ARG A 301 -14.79 29.95 -34.08
C ARG A 301 -14.73 29.55 -32.62
N GLU A 302 -15.87 29.20 -32.02
CA GLU A 302 -15.92 28.90 -30.61
C GLU A 302 -16.27 27.45 -30.29
N LYS A 303 -16.81 26.70 -31.26
CA LYS A 303 -16.93 25.26 -31.09
C LYS A 303 -15.56 24.62 -30.87
N THR A 304 -14.53 25.12 -31.58
CA THR A 304 -13.20 24.54 -31.47
C THR A 304 -12.58 24.82 -30.11
N PHE A 305 -12.69 26.08 -29.64
CA PHE A 305 -12.19 26.41 -28.32
C PHE A 305 -12.93 25.62 -27.25
N ASN A 306 -14.24 25.45 -27.41
CA ASN A 306 -15.01 24.64 -26.46
C ASN A 306 -14.52 23.19 -26.45
N MET A 307 -14.25 22.63 -27.63
CA MET A 307 -13.76 21.25 -27.71
C MET A 307 -12.44 21.11 -26.96
N PHE A 308 -11.51 22.02 -27.19
CA PHE A 308 -10.21 21.90 -26.51
C PHE A 308 -10.34 22.11 -25.01
N TYR A 309 -11.22 23.04 -24.60
CA TYR A 309 -11.44 23.27 -23.18
C TYR A 309 -12.03 22.05 -22.49
N MET A 310 -12.91 21.32 -23.20
CA MET A 310 -13.46 20.10 -22.62
C MET A 310 -12.47 18.94 -22.64
N LEU A 311 -11.56 18.92 -23.61
CA LEU A 311 -10.57 17.83 -23.65
C LEU A 311 -9.49 18.00 -22.58
N PHE A 312 -9.11 19.24 -22.26
CA PHE A 312 -8.06 19.45 -21.28
C PHE A 312 -8.52 19.30 -19.83
N ASN A 313 -9.78 18.95 -19.59
CA ASN A 313 -10.34 18.91 -18.24
C ASN A 313 -10.38 17.53 -17.62
N ILE A 314 -10.32 16.48 -18.44
CA ILE A 314 -10.27 15.12 -17.91
C ILE A 314 -9.02 14.95 -17.04
N GLY A 315 -7.89 15.47 -17.50
CA GLY A 315 -6.63 15.32 -16.76
C GLY A 315 -6.59 16.03 -15.44
N LEU A 316 -7.48 17.00 -15.21
CA LEU A 316 -7.55 17.72 -13.95
C LEU A 316 -8.61 17.17 -13.01
N THR A 317 -9.80 16.85 -13.54
CA THR A 317 -10.79 16.19 -12.71
C THR A 317 -10.41 14.76 -12.37
N SER A 318 -9.45 14.17 -13.08
CA SER A 318 -8.88 12.87 -12.73
C SER A 318 -7.62 13.00 -11.89
N TYR A 319 -7.19 14.22 -11.59
CA TYR A 319 -6.01 14.49 -10.77
C TYR A 319 -6.36 14.98 -9.39
N ILE A 320 -7.52 15.62 -9.23
CA ILE A 320 -8.00 15.96 -7.89
C ILE A 320 -8.29 14.69 -7.07
N ILE A 321 -8.90 13.69 -7.72
CA ILE A 321 -9.22 12.44 -7.03
C ILE A 321 -7.95 11.69 -6.65
N GLY A 322 -6.94 11.72 -7.50
CA GLY A 322 -5.70 11.01 -7.23
C GLY A 322 -4.90 11.56 -6.06
N ILE A 323 -5.32 12.70 -5.51
CA ILE A 323 -4.70 13.26 -4.31
C ILE A 323 -5.62 13.11 -3.11
N MET A 324 -6.92 13.33 -3.30
CA MET A 324 -7.83 13.15 -2.17
C MET A 324 -8.07 11.68 -1.84
N THR A 325 -7.66 10.75 -2.70
CA THR A 325 -7.68 9.33 -2.35
C THR A 325 -6.34 8.84 -1.83
N ASN A 326 -5.31 9.68 -1.88
CA ASN A 326 -4.01 9.34 -1.31
C ASN A 326 -3.88 9.84 0.12
N LEU A 327 -4.38 11.05 0.39
CA LEU A 327 -4.36 11.55 1.76
C LEU A 327 -5.10 10.62 2.71
N VAL A 328 -6.32 10.23 2.34
CA VAL A 328 -7.13 9.39 3.22
C VAL A 328 -6.48 8.03 3.42
N VAL A 329 -5.98 7.41 2.34
CA VAL A 329 -5.38 6.09 2.45
C VAL A 329 -4.16 6.13 3.36
N HIS A 330 -3.24 7.08 3.12
CA HIS A 330 -2.03 7.11 3.93
C HIS A 330 -2.20 7.82 5.27
N GLY A 331 -3.42 8.21 5.62
CA GLY A 331 -3.60 8.69 6.99
C GLY A 331 -4.17 7.69 7.99
N ALA A 332 -4.41 6.44 7.59
CA ALA A 332 -5.17 5.50 8.42
C ALA A 332 -4.55 4.09 8.44
N LEU A 333 -3.24 4.00 8.71
CA LEU A 333 -2.61 2.68 8.79
C LEU A 333 -2.36 2.20 10.22
N ARG A 334 -1.86 3.08 11.10
CA ARG A 334 -1.55 2.67 12.46
C ARG A 334 -2.78 2.14 13.17
N THR A 335 -3.92 2.83 13.02
CA THR A 335 -5.15 2.38 13.65
C THR A 335 -5.57 1.03 13.10
N PHE A 336 -5.39 0.80 11.81
CA PHE A 336 -5.73 -0.50 11.23
C PHE A 336 -4.91 -1.62 11.87
N ALA A 337 -3.59 -1.42 11.95
CA ALA A 337 -2.74 -2.48 12.54
C ALA A 337 -3.09 -2.73 14.01
N MET A 338 -3.23 -1.65 14.78
CA MET A 338 -3.53 -1.80 16.20
C MET A 338 -4.89 -2.47 16.41
N ARG A 339 -5.89 -2.08 15.61
CA ARG A 339 -7.20 -2.72 15.70
C ARG A 339 -7.11 -4.19 15.33
N SER A 340 -6.31 -4.54 14.32
CA SER A 340 -6.14 -5.94 13.96
C SER A 340 -5.60 -6.74 15.15
N ALA A 341 -4.57 -6.21 15.81
CA ALA A 341 -4.03 -6.91 16.96
C ALA A 341 -5.05 -7.04 18.09
N ILE A 342 -5.73 -5.94 18.43
CA ILE A 342 -6.65 -5.95 19.55
C ILE A 342 -7.83 -6.89 19.30
N ASN A 343 -8.41 -6.85 18.10
CA ASN A 343 -9.54 -7.75 17.83
C ASN A 343 -9.07 -9.18 17.54
N ASP A 344 -7.78 -9.36 17.26
CA ASP A 344 -7.23 -10.71 17.23
C ASP A 344 -7.21 -11.31 18.64
N ILE A 345 -6.86 -10.49 19.64
CA ILE A 345 -6.88 -10.99 21.02
C ILE A 345 -8.29 -11.37 21.44
N LEU A 346 -9.27 -10.49 21.15
CA LEU A 346 -10.60 -10.64 21.74
C LEU A 346 -11.32 -11.88 21.21
N ARG A 347 -11.18 -12.18 19.92
CA ARG A 347 -11.95 -13.28 19.34
C ARG A 347 -11.55 -14.62 19.95
N TYR A 348 -10.25 -14.82 20.22
CA TYR A 348 -9.80 -16.09 20.77
C TYR A 348 -10.28 -16.28 22.21
N THR A 349 -10.12 -15.25 23.04
CA THR A 349 -10.41 -15.40 24.46
C THR A 349 -11.91 -15.55 24.73
N SER A 350 -12.74 -14.93 23.89
CA SER A 350 -14.18 -14.97 24.13
C SER A 350 -14.76 -16.34 23.79
N LYS A 351 -14.30 -16.94 22.69
CA LYS A 351 -14.85 -18.23 22.27
C LYS A 351 -14.46 -19.34 23.24
N ASN A 352 -13.26 -19.25 23.83
CA ASN A 352 -12.79 -20.30 24.72
C ASN A 352 -13.38 -20.20 26.12
N ARG A 353 -14.21 -19.20 26.37
CA ARG A 353 -14.97 -19.00 27.61
C ARG A 353 -14.05 -18.67 28.78
N LEU A 354 -12.81 -18.26 28.53
CA LEU A 354 -11.92 -17.87 29.61
C LEU A 354 -12.45 -16.63 30.31
N PRO A 355 -12.22 -16.51 31.61
CA PRO A 355 -12.74 -15.37 32.37
C PRO A 355 -12.09 -14.06 31.93
N ASP A 356 -12.69 -12.96 32.38
CA ASP A 356 -12.20 -11.64 32.03
C ASP A 356 -10.88 -11.33 32.72
N THR A 357 -10.59 -12.03 33.82
CA THR A 357 -9.40 -11.77 34.62
C THR A 357 -8.13 -11.98 33.81
N MET A 358 -8.07 -13.06 33.04
CA MET A 358 -6.88 -13.34 32.23
C MET A 358 -6.77 -12.38 31.06
N ARG A 359 -7.90 -12.08 30.42
CA ARG A 359 -7.92 -11.18 29.27
C ARG A 359 -7.59 -9.74 29.65
N GLU A 360 -7.81 -9.35 30.91
CA GLU A 360 -7.42 -8.02 31.33
C GLU A 360 -5.90 -7.83 31.25
N GLN A 361 -5.14 -8.84 31.68
CA GLN A 361 -3.68 -8.79 31.58
C GLN A 361 -3.19 -9.08 30.17
N MET A 362 -3.83 -10.01 29.47
CA MET A 362 -3.41 -10.35 28.12
C MET A 362 -3.49 -9.13 27.20
N LEU A 363 -4.59 -8.37 27.30
CA LEU A 363 -4.75 -7.19 26.48
C LEU A 363 -3.71 -6.13 26.81
N ALA A 364 -3.45 -5.91 28.10
CA ALA A 364 -2.54 -4.84 28.50
C ALA A 364 -1.09 -5.18 28.21
N HIS A 365 -0.75 -6.47 28.13
CA HIS A 365 0.64 -6.85 27.92
C HIS A 365 1.16 -6.35 26.57
N MET A 366 0.39 -6.52 25.50
CA MET A 366 0.85 -6.17 24.17
C MET A 366 1.02 -4.67 23.96
N GLN A 367 0.39 -3.83 24.78
CA GLN A 367 0.51 -2.39 24.62
C GLN A 367 1.96 -1.92 24.75
N LEU A 368 2.75 -2.55 25.63
CA LEU A 368 4.14 -2.15 25.79
C LEU A 368 5.00 -2.59 24.60
N LYS A 369 4.57 -3.63 23.88
CA LYS A 369 5.34 -4.07 22.72
C LYS A 369 5.42 -2.98 21.67
N PHE A 370 4.31 -2.30 21.41
CA PHE A 370 4.32 -1.22 20.44
C PHE A 370 5.17 -0.04 20.91
N LYS A 371 5.17 0.22 22.22
CA LYS A 371 6.03 1.28 22.75
C LYS A 371 7.50 0.95 22.57
N THR A 372 7.88 -0.31 22.82
CA THR A 372 9.27 -0.70 22.59
C THR A 372 9.63 -0.61 21.12
N ALA A 373 8.73 -1.02 20.22
CA ALA A 373 9.02 -0.91 18.80
C ALA A 373 9.18 0.55 18.38
N GLU A 374 8.31 1.43 18.87
CA GLU A 374 8.40 2.84 18.53
C GLU A 374 9.70 3.45 19.06
N LEU A 375 10.09 3.11 20.28
CA LEU A 375 11.35 3.60 20.82
C LEU A 375 12.53 3.06 20.03
N ARG A 376 12.42 1.84 19.52
CA ARG A 376 13.47 1.30 18.66
C ARG A 376 13.57 2.09 17.36
N GLN A 377 12.43 2.51 16.80
CA GLN A 377 12.41 3.22 15.53
C GLN A 377 12.89 4.67 15.66
N GLU A 378 13.22 5.13 16.86
CA GLU A 378 13.67 6.49 17.10
C GLU A 378 15.18 6.65 16.93
N GLU A 379 15.89 5.59 16.54
CA GLU A 379 17.33 5.64 16.36
C GLU A 379 17.64 5.95 14.90
N VAL A 380 18.39 7.02 14.67
CA VAL A 380 18.69 7.46 13.31
C VAL A 380 20.18 7.63 13.05
N LEU A 381 21.02 7.85 14.06
CA LEU A 381 22.45 8.07 13.83
C LEU A 381 23.13 6.72 13.60
N GLN A 382 23.42 6.43 12.34
CA GLN A 382 24.08 5.18 11.99
C GLN A 382 25.29 5.37 11.08
N ASP A 383 25.23 6.32 10.14
CA ASP A 383 26.28 6.50 9.15
C ASP A 383 27.05 7.80 9.34
N LEU A 384 26.78 8.55 10.41
CA LEU A 384 27.51 9.79 10.66
C LEU A 384 28.97 9.49 10.96
N PRO A 385 29.89 10.40 10.58
CA PRO A 385 31.31 10.20 10.87
C PRO A 385 31.61 9.90 12.34
N LYS A 386 32.79 9.32 12.59
CA LYS A 386 33.11 8.80 13.92
C LYS A 386 33.21 9.91 14.96
N ALA A 387 33.65 11.11 14.55
CA ALA A 387 33.88 12.18 15.52
C ALA A 387 32.59 12.68 16.16
N ILE A 388 31.44 12.35 15.62
CA ILE A 388 30.15 12.75 16.18
C ILE A 388 29.59 11.68 17.11
N ARG A 389 29.57 10.43 16.64
CA ARG A 389 29.12 9.33 17.47
C ARG A 389 29.99 9.19 18.71
N SER A 390 31.30 9.39 18.56
CA SER A 390 32.20 9.32 19.71
C SER A 390 31.81 10.34 20.77
N SER A 391 31.60 11.60 20.37
CA SER A 391 31.26 12.63 21.33
C SER A 391 29.90 12.39 21.97
N ILE A 392 28.93 11.92 21.19
CA ILE A 392 27.61 11.63 21.75
C ILE A 392 27.71 10.51 22.78
N ASN A 393 28.50 9.47 22.48
CA ASN A 393 28.69 8.39 23.45
C ASN A 393 29.44 8.88 24.68
N GLN A 394 30.37 9.82 24.50
CA GLN A 394 31.03 10.43 25.66
C GLN A 394 30.02 11.11 26.55
N HIS A 395 29.09 11.85 25.95
CA HIS A 395 28.10 12.57 26.74
C HIS A 395 27.07 11.64 27.37
N LEU A 396 26.84 10.47 26.79
CA LEU A 396 25.79 9.58 27.28
C LEU A 396 26.27 8.40 28.10
N PHE A 397 27.44 7.82 27.79
CA PHE A 397 27.82 6.53 28.34
C PHE A 397 29.12 6.50 29.12
N ARG A 398 29.80 7.64 29.29
CA ARG A 398 31.15 7.59 29.85
C ARG A 398 31.16 7.33 31.35
N SER A 399 30.16 7.82 32.09
CA SER A 399 30.22 7.77 33.54
C SER A 399 29.96 6.36 34.07
N ILE A 400 29.02 5.64 33.47
CA ILE A 400 28.63 4.35 34.04
C ILE A 400 29.67 3.27 33.76
N ILE A 401 30.45 3.42 32.69
CA ILE A 401 31.45 2.40 32.35
C ILE A 401 32.52 2.33 33.43
N GLU A 402 32.93 3.49 33.96
CA GLU A 402 34.00 3.53 34.94
C GLU A 402 33.61 2.83 36.24
N GLU A 403 32.37 3.00 36.70
CA GLU A 403 31.96 2.45 37.99
C GLU A 403 31.56 0.98 37.90
N ALA A 404 32.48 0.13 37.46
CA ALA A 404 32.28 -1.30 37.43
C ALA A 404 33.44 -1.99 38.15
N TYR A 405 33.15 -3.11 38.81
CA TYR A 405 34.19 -3.80 39.56
C TYR A 405 35.25 -4.38 38.63
N LEU A 406 34.83 -4.89 37.46
CA LEU A 406 35.81 -5.37 36.49
C LEU A 406 36.67 -4.25 35.95
N PHE A 407 36.09 -3.06 35.79
CA PHE A 407 36.79 -1.91 35.22
C PHE A 407 37.01 -0.88 36.33
N LYS A 408 38.10 -1.06 37.08
CA LYS A 408 38.47 -0.11 38.14
C LYS A 408 39.98 -0.03 38.16
N GLY A 409 40.51 1.17 38.00
CA GLY A 409 41.93 1.35 37.79
C GLY A 409 42.39 1.04 36.39
N PHE A 410 41.46 0.71 35.49
CA PHE A 410 41.82 0.40 34.12
C PHE A 410 42.39 1.63 33.44
N PRO A 411 43.39 1.47 32.56
CA PRO A 411 44.00 2.64 31.92
C PRO A 411 42.98 3.49 31.18
N GLU A 412 43.11 4.81 31.34
CA GLU A 412 42.14 5.73 30.73
C GLU A 412 42.35 5.83 29.22
N GLY A 413 43.56 5.56 28.74
CA GLY A 413 43.81 5.61 27.32
C GLY A 413 43.06 4.54 26.54
N LEU A 414 42.70 3.44 27.22
CA LEU A 414 41.93 2.38 26.59
C LEU A 414 40.44 2.49 26.86
N LEU A 415 40.04 3.19 27.92
CA LEU A 415 38.62 3.40 28.18
C LEU A 415 37.96 4.20 27.06
N VAL A 416 38.67 5.20 26.53
CA VAL A 416 38.13 6.00 25.44
C VAL A 416 37.86 5.12 24.22
N GLN A 417 38.78 4.22 23.90
CA GLN A 417 38.55 3.28 22.81
C GLN A 417 37.44 2.29 23.13
N LEU A 418 37.29 1.94 24.41
CA LEU A 418 36.28 0.96 24.83
C LEU A 418 34.89 1.56 24.98
N VAL A 419 34.78 2.85 25.30
CA VAL A 419 33.50 3.47 25.59
C VAL A 419 32.81 3.85 24.29
N SER A 420 33.48 3.64 23.17
CA SER A 420 32.91 3.91 21.86
C SER A 420 32.30 2.63 21.29
N GLN A 421 31.71 2.76 20.09
CA GLN A 421 31.10 1.67 19.32
C GLN A 421 30.29 0.70 20.18
N ILE A 422 29.59 1.22 21.18
CA ILE A 422 28.74 0.40 22.03
C ILE A 422 27.29 0.71 21.67
N GLN A 423 26.60 -0.28 21.10
CA GLN A 423 25.22 -0.14 20.68
C GLN A 423 24.30 -0.79 21.72
N ALA A 424 23.30 -0.05 22.17
CA ALA A 424 22.41 -0.52 23.21
C ALA A 424 21.25 -1.30 22.62
N GLU A 425 20.39 -1.82 23.50
CA GLU A 425 19.24 -2.62 23.11
C GLU A 425 18.05 -2.24 23.98
N TYR A 426 16.89 -2.79 23.63
CA TYR A 426 15.65 -2.54 24.37
C TYR A 426 14.87 -3.83 24.51
N PHE A 427 14.36 -4.09 25.71
CA PHE A 427 13.68 -5.34 26.02
C PHE A 427 12.36 -5.06 26.73
N PRO A 428 11.27 -5.71 26.31
CA PRO A 428 10.00 -5.59 27.03
C PRO A 428 10.11 -6.25 28.39
N PRO A 429 9.19 -5.94 29.32
CA PRO A 429 9.28 -6.53 30.66
C PRO A 429 9.08 -8.04 30.64
N LYS A 430 9.75 -8.70 31.58
CA LYS A 430 9.61 -10.14 31.83
C LYS A 430 10.06 -10.95 30.61
N MET A 431 11.20 -10.57 30.05
CA MET A 431 11.85 -11.31 28.97
C MET A 431 13.10 -12.01 29.49
N GLU A 432 13.73 -12.76 28.59
CA GLU A 432 14.94 -13.50 28.88
C GLU A 432 16.04 -13.09 27.91
N ILE A 433 17.27 -12.97 28.42
CA ILE A 433 18.42 -12.56 27.64
C ILE A 433 19.53 -13.62 27.66
N ILE A 434 19.82 -14.17 28.83
CA ILE A 434 20.80 -15.23 28.99
C ILE A 434 20.12 -16.41 29.67
N LEU A 435 20.13 -17.56 28.99
CA LEU A 435 19.58 -18.79 29.55
C LEU A 435 20.67 -19.53 30.32
N GLN A 436 20.41 -20.77 30.71
CA GLN A 436 21.35 -21.57 31.46
C GLN A 436 22.00 -22.61 30.56
N ASN A 437 23.31 -22.80 30.74
CA ASN A 437 24.08 -23.85 30.08
C ASN A 437 24.03 -23.71 28.55
N GLU A 438 24.58 -22.60 28.06
CA GLU A 438 24.84 -22.45 26.64
C GLU A 438 26.20 -21.79 26.46
N ILE A 439 26.73 -21.91 25.24
CA ILE A 439 28.09 -21.45 24.91
C ILE A 439 28.19 -19.95 25.17
N PRO A 440 29.30 -19.46 25.68
CA PRO A 440 29.41 -18.03 26.04
C PRO A 440 29.67 -17.17 24.82
N THR A 441 28.91 -16.10 24.68
CA THR A 441 29.14 -15.12 23.64
C THR A 441 29.26 -13.70 24.17
N ASP A 442 28.46 -13.32 25.16
CA ASP A 442 28.34 -11.93 25.57
C ASP A 442 28.20 -11.86 27.09
N PHE A 443 28.52 -10.68 27.62
CA PHE A 443 28.07 -10.25 28.93
C PHE A 443 27.46 -8.85 28.79
N TYR A 444 26.85 -8.35 29.85
CA TYR A 444 25.96 -7.21 29.71
C TYR A 444 26.31 -6.16 30.76
N VAL A 445 25.72 -4.97 30.60
CA VAL A 445 25.85 -3.87 31.55
C VAL A 445 24.47 -3.27 31.74
N ILE A 446 24.13 -2.99 32.99
CA ILE A 446 22.76 -2.62 33.37
C ILE A 446 22.73 -1.10 33.49
N VAL A 447 22.14 -0.44 32.49
CA VAL A 447 21.99 1.00 32.54
C VAL A 447 20.78 1.39 33.38
N SER A 448 19.63 0.79 33.12
CA SER A 448 18.40 1.15 33.82
C SER A 448 17.52 -0.10 33.92
N GLY A 449 16.40 0.05 34.61
CA GLY A 449 15.48 -1.05 34.79
C GLY A 449 15.98 -2.00 35.86
N GLY A 450 15.75 -3.29 35.64
CA GLY A 450 16.22 -4.30 36.58
C GLY A 450 16.03 -5.69 36.02
N VAL A 451 16.88 -6.60 36.47
CA VAL A 451 16.84 -7.99 36.04
C VAL A 451 16.94 -8.88 37.27
N ASP A 452 16.56 -10.14 37.09
CA ASP A 452 16.63 -11.14 38.16
C ASP A 452 17.27 -12.41 37.64
N ILE A 453 18.00 -13.09 38.51
CA ILE A 453 18.73 -14.31 38.19
C ILE A 453 17.95 -15.49 38.74
N ILE A 454 17.69 -16.49 37.89
CA ILE A 454 16.98 -17.70 38.27
C ILE A 454 17.87 -18.90 37.94
N ALA A 455 17.96 -19.85 38.88
CA ALA A 455 18.80 -21.01 38.71
C ALA A 455 18.17 -22.31 39.18
N SER A 456 16.87 -22.33 39.48
CA SER A 456 16.19 -23.52 39.97
C SER A 456 15.16 -23.97 38.94
N LYS A 457 15.45 -25.08 38.25
CA LYS A 457 14.50 -25.62 37.28
C LYS A 457 13.22 -26.07 37.96
N GLY A 458 13.34 -26.74 39.11
CA GLY A 458 12.19 -27.20 39.87
C GLY A 458 11.86 -26.19 40.96
N VAL A 459 10.61 -25.74 40.98
CA VAL A 459 10.16 -24.71 41.91
C VAL A 459 11.02 -23.45 41.80
N SER A 460 10.98 -22.82 40.63
CA SER A 460 11.77 -21.62 40.39
C SER A 460 11.35 -20.50 41.34
N GLU A 461 12.33 -19.70 41.76
CA GLU A 461 12.08 -18.67 42.76
C GLU A 461 13.18 -17.61 42.63
N GLN A 462 13.03 -16.55 43.43
CA GLN A 462 13.98 -15.44 43.43
C GLN A 462 14.99 -15.66 44.56
N VAL A 463 16.21 -16.05 44.19
CA VAL A 463 17.31 -16.18 45.13
C VAL A 463 18.56 -15.57 44.51
N LEU A 464 19.34 -14.84 45.32
CA LEU A 464 20.57 -14.21 44.87
C LEU A 464 20.33 -13.31 43.66
N ALA A 465 19.21 -12.57 43.70
CA ALA A 465 18.81 -11.79 42.54
C ALA A 465 18.11 -10.51 43.00
N LYS A 466 18.88 -9.43 43.09
CA LYS A 466 18.34 -8.09 43.28
C LYS A 466 19.16 -7.10 42.45
N LEU A 467 19.44 -7.47 41.20
CA LEU A 467 20.29 -6.65 40.36
C LEU A 467 19.58 -5.36 39.96
N GLY A 468 20.33 -4.25 39.99
CA GLY A 468 19.80 -2.96 39.66
C GLY A 468 20.75 -2.19 38.75
N PRO A 469 20.42 -0.93 38.47
CA PRO A 469 21.29 -0.11 37.62
C PRO A 469 22.69 0.01 38.20
N GLY A 470 23.67 -0.43 37.43
CA GLY A 470 25.07 -0.42 37.85
C GLY A 470 25.67 -1.80 38.05
N SER A 471 24.90 -2.87 37.92
CA SER A 471 25.40 -4.22 38.08
C SER A 471 25.76 -4.82 36.72
N MET A 472 26.18 -6.09 36.74
CA MET A 472 26.58 -6.79 35.53
C MET A 472 25.99 -8.20 35.55
N ALA A 473 25.88 -8.79 34.37
CA ALA A 473 25.36 -10.14 34.23
C ALA A 473 26.21 -10.91 33.21
N GLY A 474 26.31 -12.22 33.42
CA GLY A 474 27.05 -13.06 32.51
C GLY A 474 28.55 -12.98 32.63
N GLU A 475 29.07 -12.31 33.66
CA GLU A 475 30.51 -12.12 33.80
C GLU A 475 31.23 -13.45 34.00
N ILE A 476 30.70 -14.29 34.89
CA ILE A 476 31.42 -15.49 35.31
C ILE A 476 31.65 -16.43 34.14
N GLY A 477 30.60 -16.67 33.34
CA GLY A 477 30.71 -17.61 32.24
C GLY A 477 31.71 -17.17 31.18
N VAL A 478 31.66 -15.90 30.79
CA VAL A 478 32.58 -15.43 29.76
C VAL A 478 34.01 -15.37 30.29
N VAL A 479 34.20 -15.01 31.56
CA VAL A 479 35.55 -14.87 32.10
C VAL A 479 36.19 -16.21 32.44
N PHE A 480 35.40 -17.24 32.72
CA PHE A 480 35.93 -18.55 33.05
C PHE A 480 35.95 -19.53 31.89
N ASN A 481 35.49 -19.11 30.70
CA ASN A 481 35.43 -19.97 29.52
C ASN A 481 34.63 -21.24 29.82
N ILE A 482 33.53 -21.07 30.56
CA ILE A 482 32.71 -22.19 31.02
C ILE A 482 31.26 -21.90 30.61
N PRO A 483 30.46 -22.91 30.28
CA PRO A 483 29.05 -22.65 29.93
C PRO A 483 28.32 -21.92 31.05
N GLN A 484 27.38 -21.07 30.65
CA GLN A 484 26.72 -20.18 31.58
C GLN A 484 25.99 -20.95 32.67
N PRO A 485 26.26 -20.69 33.94
CA PRO A 485 25.61 -21.44 35.03
C PRO A 485 24.36 -20.80 35.61
N PHE A 486 23.83 -19.74 35.01
CA PHE A 486 22.64 -19.07 35.54
C PHE A 486 21.78 -18.57 34.40
N THR A 487 20.52 -18.29 34.71
CA THR A 487 19.58 -17.67 33.80
C THR A 487 19.08 -16.37 34.41
N VAL A 488 19.07 -15.30 33.61
CA VAL A 488 18.71 -13.96 34.08
C VAL A 488 17.48 -13.47 33.32
N ARG A 489 16.54 -12.90 34.05
CA ARG A 489 15.27 -12.43 33.50
C ARG A 489 15.05 -10.97 33.88
N THR A 490 14.51 -10.21 32.95
CA THR A 490 14.25 -8.79 33.17
C THR A 490 13.01 -8.61 34.05
N ARG A 491 12.78 -7.37 34.46
CA ARG A 491 11.65 -7.03 35.32
C ARG A 491 10.74 -5.97 34.70
N ARG A 492 11.30 -4.94 34.08
CA ARG A 492 10.53 -3.90 33.41
C ARG A 492 11.25 -3.51 32.13
N LEU A 493 10.69 -2.51 31.44
CA LEU A 493 11.34 -1.96 30.26
C LEU A 493 12.68 -1.36 30.65
N SER A 494 13.73 -1.71 29.91
CA SER A 494 15.09 -1.33 30.29
C SER A 494 15.98 -1.27 29.05
N GLN A 495 17.15 -0.65 29.23
CA GLN A 495 18.17 -0.55 28.19
C GLN A 495 19.47 -1.09 28.76
N VAL A 496 20.17 -1.90 27.96
CA VAL A 496 21.40 -2.55 28.39
C VAL A 496 22.46 -2.40 27.30
N ILE A 497 23.68 -2.83 27.63
CA ILE A 497 24.84 -2.71 26.76
C ILE A 497 25.35 -4.10 26.43
N ARG A 498 25.74 -4.30 25.16
CA ARG A 498 26.31 -5.54 24.70
C ARG A 498 27.78 -5.31 24.33
N ILE A 499 28.66 -6.19 24.78
CA ILE A 499 30.10 -6.02 24.63
C ILE A 499 30.69 -7.05 23.67
N GLY A 500 30.58 -8.32 23.99
CA GLY A 500 31.17 -9.38 23.18
C GLY A 500 32.25 -10.14 23.94
N HIS A 501 32.74 -11.20 23.30
CA HIS A 501 33.74 -12.09 23.88
C HIS A 501 35.11 -11.93 23.23
N HIS A 502 35.19 -12.09 21.91
CA HIS A 502 36.49 -12.03 21.24
C HIS A 502 37.09 -10.63 21.32
N LYS A 503 36.27 -9.59 21.14
CA LYS A 503 36.77 -8.23 21.13
C LYS A 503 37.39 -7.86 22.47
N PHE A 504 36.70 -8.19 23.57
CA PHE A 504 37.24 -7.92 24.89
C PHE A 504 38.46 -8.78 25.20
N LYS A 505 38.57 -9.95 24.58
CA LYS A 505 39.77 -10.76 24.75
C LYS A 505 40.97 -10.10 24.07
N GLU A 506 40.79 -9.64 22.83
CA GLU A 506 41.91 -9.05 22.11
C GLU A 506 42.28 -7.67 22.62
N MET A 507 41.30 -6.92 23.15
CA MET A 507 41.57 -5.55 23.56
C MET A 507 42.63 -5.49 24.67
N VAL A 508 42.50 -6.35 25.67
CA VAL A 508 43.46 -6.36 26.77
C VAL A 508 44.80 -6.93 26.31
N GLN A 509 44.76 -7.92 25.41
CA GLN A 509 46.00 -8.56 24.97
C GLN A 509 46.86 -7.60 24.17
N SER A 510 46.23 -6.78 23.32
CA SER A 510 46.99 -5.85 22.48
C SER A 510 47.77 -4.83 23.30
N ASP A 511 47.27 -4.44 24.46
CA ASP A 511 47.94 -3.42 25.27
C ASP A 511 49.14 -4.03 26.00
N ASN A 512 50.11 -3.18 26.34
CA ASN A 512 51.30 -3.58 27.08
C ASN A 512 51.21 -3.25 28.57
N ASP A 513 50.90 -2.00 28.91
CA ASP A 513 50.74 -1.60 30.31
C ASP A 513 49.38 -2.08 30.83
N VAL A 514 49.27 -3.40 30.95
CA VAL A 514 48.02 -4.03 31.37
C VAL A 514 48.03 -4.25 32.86
N ASP A 515 46.90 -4.03 33.51
CA ASP A 515 46.76 -4.36 34.92
C ASP A 515 46.80 -5.88 35.09
N ALA A 516 47.91 -6.38 35.62
CA ALA A 516 48.16 -7.82 35.71
C ALA A 516 47.61 -8.34 37.03
N LYS A 517 46.55 -9.15 36.94
CA LYS A 517 45.91 -9.85 38.04
C LYS A 517 45.25 -8.93 39.06
N MET A 518 45.31 -7.61 38.87
CA MET A 518 44.49 -6.72 39.68
C MET A 518 43.02 -6.85 39.27
N ILE A 519 42.76 -7.12 37.99
CA ILE A 519 41.43 -7.52 37.58
C ILE A 519 41.00 -8.78 38.32
N ILE A 520 41.93 -9.72 38.46
CA ILE A 520 41.69 -10.96 39.21
C ILE A 520 41.44 -10.63 40.68
N ALA A 521 42.16 -9.63 41.20
CA ALA A 521 41.94 -9.22 42.58
C ALA A 521 40.53 -8.69 42.79
N ASN A 522 40.07 -7.81 41.91
CA ASN A 522 38.71 -7.30 42.00
C ASN A 522 37.70 -8.43 41.83
N PHE A 523 37.97 -9.36 40.90
CA PHE A 523 37.06 -10.46 40.66
C PHE A 523 36.93 -11.37 41.88
N MET A 524 38.05 -11.68 42.54
CA MET A 524 37.99 -12.54 43.70
C MET A 524 37.36 -11.82 44.89
N THR A 525 37.60 -10.52 45.01
CA THR A 525 36.92 -9.74 46.05
C THR A 525 35.41 -9.77 45.86
N TYR A 526 34.96 -9.64 44.61
CA TYR A 526 33.53 -9.67 44.33
C TYR A 526 32.95 -11.07 44.53
N LEU A 527 33.67 -12.11 44.08
CA LEU A 527 33.13 -13.46 44.08
C LEU A 527 33.14 -14.11 45.46
N LYS A 528 34.13 -13.77 46.30
CA LYS A 528 34.20 -14.38 47.62
C LYS A 528 32.99 -14.03 48.47
N GLY A 529 32.55 -12.77 48.42
CA GLY A 529 31.39 -12.34 49.18
C GLY A 529 31.69 -11.21 50.14
N ASP B 54 23.08 -1.40 -38.70
CA ASP B 54 22.15 -1.07 -37.62
C ASP B 54 21.70 0.39 -37.72
N HIS B 55 22.65 1.29 -37.98
CA HIS B 55 22.32 2.70 -38.11
C HIS B 55 21.42 2.95 -39.31
N LYS B 56 21.71 2.31 -40.44
CA LYS B 56 20.88 2.47 -41.63
C LYS B 56 19.50 1.86 -41.42
N TYR B 57 19.43 0.71 -40.73
CA TYR B 57 18.15 0.02 -40.56
C TYR B 57 17.18 0.85 -39.75
N ARG B 58 17.63 1.39 -38.60
CA ARG B 58 16.72 2.06 -37.68
C ARG B 58 15.97 3.20 -38.35
N ILE B 59 16.67 3.98 -39.18
CA ILE B 59 16.06 5.15 -39.80
C ILE B 59 14.89 4.74 -40.68
N TRP B 60 15.00 3.60 -41.36
CA TRP B 60 13.97 3.22 -42.32
C TRP B 60 12.65 2.89 -41.62
N GLU B 61 12.69 2.04 -40.59
CA GLU B 61 11.46 1.77 -39.84
C GLU B 61 10.99 2.99 -39.06
N ALA B 62 11.91 3.82 -38.55
CA ALA B 62 11.49 5.06 -37.92
C ALA B 62 10.76 5.96 -38.90
N PHE B 63 11.07 5.84 -40.19
CA PHE B 63 10.33 6.55 -41.22
C PHE B 63 8.98 5.91 -41.52
N LEU B 64 8.86 4.59 -41.30
CA LEU B 64 7.65 3.87 -41.63
C LEU B 64 6.67 3.77 -40.47
N VAL B 65 6.69 4.73 -39.56
CA VAL B 65 5.68 4.81 -38.50
C VAL B 65 4.82 6.06 -38.64
N VAL B 66 5.31 7.12 -39.28
CA VAL B 66 4.48 8.30 -39.55
C VAL B 66 3.42 7.99 -40.59
N LEU B 67 3.78 7.21 -41.62
CA LEU B 67 2.81 6.84 -42.64
C LEU B 67 1.67 6.01 -42.05
N VAL B 68 1.94 5.25 -40.99
CA VAL B 68 0.87 4.51 -40.32
C VAL B 68 -0.12 5.48 -39.70
N VAL B 69 0.37 6.55 -39.08
CA VAL B 69 -0.52 7.58 -38.54
C VAL B 69 -1.31 8.25 -39.65
N TYR B 70 -0.66 8.53 -40.78
CA TYR B 70 -1.37 9.11 -41.91
C TYR B 70 -2.50 8.21 -42.38
N THR B 71 -2.25 6.90 -42.50
CA THR B 71 -3.30 5.97 -42.89
C THR B 71 -4.42 5.91 -41.86
N ALA B 72 -4.05 5.84 -40.57
CA ALA B 72 -5.03 5.74 -39.50
C ALA B 72 -5.92 6.97 -39.42
N TRP B 73 -5.45 8.13 -39.88
CA TRP B 73 -6.35 9.26 -40.01
C TRP B 73 -7.15 9.25 -41.30
N VAL B 74 -6.54 8.88 -42.42
CA VAL B 74 -7.20 9.07 -43.71
C VAL B 74 -8.31 8.05 -43.93
N SER B 75 -8.04 6.77 -43.65
CA SER B 75 -8.96 5.72 -44.12
C SER B 75 -10.38 5.84 -43.57
N PRO B 76 -10.61 6.06 -42.26
CA PRO B 76 -12.01 6.21 -41.82
C PRO B 76 -12.68 7.47 -42.38
N PHE B 77 -11.94 8.56 -42.54
CA PHE B 77 -12.51 9.78 -43.10
C PHE B 77 -12.98 9.55 -44.52
N GLU B 78 -12.17 8.86 -45.33
CA GLU B 78 -12.59 8.54 -46.69
C GLU B 78 -13.74 7.55 -46.70
N PHE B 79 -13.77 6.63 -45.73
CA PHE B 79 -14.89 5.68 -45.65
C PHE B 79 -16.20 6.41 -45.38
N GLY B 80 -16.19 7.40 -44.49
CA GLY B 80 -17.42 8.05 -44.08
C GLY B 80 -17.90 9.21 -44.93
N PHE B 81 -16.99 10.12 -45.30
CA PHE B 81 -17.39 11.40 -45.86
C PHE B 81 -17.28 11.48 -47.38
N LEU B 82 -16.82 10.43 -48.05
CA LEU B 82 -16.65 10.46 -49.50
C LEU B 82 -17.21 9.18 -50.13
N ARG B 83 -17.47 9.25 -51.43
CA ARG B 83 -18.01 8.12 -52.18
C ARG B 83 -17.29 7.82 -53.48
N LYS B 84 -16.60 8.79 -54.08
CA LYS B 84 -15.90 8.60 -55.34
C LYS B 84 -14.56 9.29 -55.23
N PRO B 85 -13.50 8.73 -55.81
CA PRO B 85 -12.16 9.33 -55.65
C PRO B 85 -12.08 10.73 -56.23
N ARG B 86 -11.25 11.56 -55.59
CA ARG B 86 -11.01 12.94 -56.01
C ARG B 86 -9.50 13.16 -55.95
N PRO B 87 -8.94 13.94 -56.88
CA PRO B 87 -7.48 14.05 -57.03
C PRO B 87 -6.74 14.31 -55.72
N PRO B 88 -7.10 15.36 -54.96
CA PRO B 88 -6.18 15.77 -53.87
C PRO B 88 -5.89 14.69 -52.84
N LEU B 89 -6.85 13.83 -52.54
CA LEU B 89 -6.67 12.77 -51.55
C LEU B 89 -6.48 11.39 -52.18
N SER B 90 -6.25 11.32 -53.49
CA SER B 90 -6.10 10.05 -54.17
C SER B 90 -4.72 9.86 -54.78
N ILE B 91 -3.79 10.78 -54.53
CA ILE B 91 -2.45 10.71 -55.08
C ILE B 91 -1.45 10.18 -54.07
N THR B 92 -1.49 10.69 -52.84
CA THR B 92 -0.59 10.21 -51.79
C THR B 92 -0.83 8.74 -51.46
N ASP B 93 -2.03 8.24 -51.73
CA ASP B 93 -2.29 6.82 -51.55
C ASP B 93 -1.37 5.97 -52.41
N ASN B 94 -1.14 6.39 -53.65
CA ASN B 94 -0.23 5.66 -54.53
C ASN B 94 1.18 5.66 -53.95
N ILE B 95 1.63 6.81 -53.42
CA ILE B 95 2.98 6.89 -52.88
C ILE B 95 3.14 5.96 -51.68
N VAL B 96 2.16 5.98 -50.76
CA VAL B 96 2.28 5.14 -49.58
C VAL B 96 2.17 3.66 -49.95
N ASN B 97 1.33 3.33 -50.94
CA ASN B 97 1.25 1.94 -51.40
C ASN B 97 2.56 1.48 -52.03
N ALA B 98 3.21 2.36 -52.79
CA ALA B 98 4.51 2.01 -53.36
C ALA B 98 5.54 1.80 -52.26
N PHE B 99 5.56 2.66 -51.24
CA PHE B 99 6.48 2.49 -50.13
C PHE B 99 6.25 1.15 -49.43
N PHE B 100 4.98 0.81 -49.17
CA PHE B 100 4.71 -0.44 -48.47
C PHE B 100 5.00 -1.67 -49.35
N ALA B 101 4.82 -1.55 -50.67
CA ALA B 101 5.21 -2.63 -51.55
C ALA B 101 6.72 -2.83 -51.55
N ILE B 102 7.47 -1.72 -51.54
CA ILE B 102 8.92 -1.80 -51.42
C ILE B 102 9.31 -2.48 -50.11
N ASP B 103 8.61 -2.14 -49.03
CA ASP B 103 8.87 -2.80 -47.75
C ASP B 103 8.60 -4.30 -47.85
N ILE B 104 7.48 -4.67 -48.49
CA ILE B 104 7.09 -6.07 -48.56
C ILE B 104 8.12 -6.89 -49.36
N ILE B 105 8.55 -6.36 -50.51
CA ILE B 105 9.50 -7.12 -51.31
C ILE B 105 10.86 -7.21 -50.61
N MET B 106 11.27 -6.16 -49.89
CA MET B 106 12.55 -6.19 -49.19
C MET B 106 12.35 -6.74 -47.77
N THR B 107 12.18 -8.05 -47.65
CA THR B 107 12.09 -8.70 -46.35
C THR B 107 12.92 -9.97 -46.25
N PHE B 108 13.53 -10.40 -47.36
CA PHE B 108 14.38 -11.59 -47.38
C PHE B 108 15.85 -11.25 -47.48
N PHE B 109 16.20 -9.97 -47.46
CA PHE B 109 17.59 -9.53 -47.45
C PHE B 109 18.13 -9.39 -46.03
N VAL B 110 17.31 -9.64 -45.02
CA VAL B 110 17.73 -9.59 -43.62
C VAL B 110 17.17 -10.81 -42.91
N GLY B 111 17.89 -11.25 -41.88
CA GLY B 111 17.55 -12.46 -41.14
C GLY B 111 16.98 -12.14 -39.77
N TYR B 112 16.15 -13.04 -39.27
CA TYR B 112 15.63 -12.91 -37.92
C TYR B 112 16.73 -13.20 -36.91
N LEU B 113 16.52 -12.78 -35.66
CA LEU B 113 17.46 -13.03 -34.59
C LEU B 113 16.76 -13.76 -33.46
N ASP B 114 17.27 -14.94 -33.11
CA ASP B 114 16.77 -15.72 -31.98
C ASP B 114 17.88 -15.80 -30.93
N LYS B 115 17.57 -15.34 -29.72
CA LYS B 115 18.58 -15.26 -28.68
C LYS B 115 18.94 -16.64 -28.16
N SER B 116 17.94 -17.48 -27.90
CA SER B 116 18.18 -18.79 -27.30
C SER B 116 18.95 -19.69 -28.26
N THR B 117 18.60 -19.67 -29.54
CA THR B 117 19.24 -20.56 -30.50
C THR B 117 20.73 -20.24 -30.66
N TYR B 118 21.07 -18.96 -30.76
CA TYR B 118 22.46 -18.55 -30.94
C TYR B 118 22.57 -17.07 -30.63
N LEU B 119 23.80 -16.56 -30.71
CA LEU B 119 24.02 -15.12 -30.56
C LEU B 119 23.33 -14.35 -31.68
N ILE B 120 23.42 -14.85 -32.91
CA ILE B 120 22.74 -14.27 -34.05
C ILE B 120 22.50 -15.37 -35.07
N VAL B 121 21.38 -15.27 -35.79
CA VAL B 121 20.97 -16.29 -36.75
C VAL B 121 20.89 -15.67 -38.13
N ASP B 122 21.58 -16.28 -39.09
CA ASP B 122 21.45 -15.95 -40.51
C ASP B 122 21.12 -17.22 -41.25
N ASP B 123 19.98 -17.21 -41.96
CA ASP B 123 19.51 -18.40 -42.64
C ASP B 123 18.76 -17.98 -43.91
N ARG B 124 18.39 -18.97 -44.71
CA ARG B 124 17.60 -18.75 -45.93
C ARG B 124 16.25 -19.44 -45.87
N LYS B 125 16.23 -20.74 -45.56
CA LYS B 125 14.97 -21.48 -45.59
C LYS B 125 14.03 -21.05 -44.48
N GLN B 126 14.56 -20.83 -43.27
CA GLN B 126 13.70 -20.53 -42.13
C GLN B 126 12.97 -19.21 -42.30
N ILE B 127 13.63 -18.22 -42.91
CA ILE B 127 12.98 -16.93 -43.12
C ILE B 127 11.75 -17.08 -44.00
N ALA B 128 11.85 -17.92 -45.04
CA ALA B 128 10.71 -18.15 -45.93
C ALA B 128 9.52 -18.73 -45.15
N PHE B 129 9.78 -19.73 -44.31
CA PHE B 129 8.69 -20.33 -43.53
C PHE B 129 8.18 -19.37 -42.47
N LYS B 130 9.06 -18.59 -41.86
CA LYS B 130 8.63 -17.64 -40.84
C LYS B 130 7.74 -16.56 -41.43
N TYR B 131 8.11 -16.02 -42.59
CA TYR B 131 7.33 -14.94 -43.19
C TYR B 131 6.03 -15.46 -43.79
N LEU B 132 6.08 -16.62 -44.45
CA LEU B 132 4.91 -17.10 -45.18
C LEU B 132 3.74 -17.41 -44.25
N ARG B 133 4.02 -18.02 -43.10
CA ARG B 133 2.97 -18.61 -42.27
C ARG B 133 2.51 -17.68 -41.15
N SER B 134 2.92 -16.42 -41.14
CA SER B 134 2.56 -15.51 -40.06
C SER B 134 1.66 -14.37 -40.52
N TRP B 135 2.09 -13.55 -41.47
CA TRP B 135 1.29 -12.41 -41.89
C TRP B 135 1.47 -12.08 -43.37
N PHE B 136 1.85 -13.07 -44.19
CA PHE B 136 2.15 -12.77 -45.60
C PHE B 136 0.91 -12.37 -46.36
N LEU B 137 -0.17 -13.14 -46.24
CA LEU B 137 -1.36 -12.90 -47.04
C LEU B 137 -2.01 -11.57 -46.68
N LEU B 138 -2.15 -11.28 -45.39
CA LEU B 138 -2.79 -10.04 -44.97
C LEU B 138 -1.99 -8.83 -45.43
N ASP B 139 -0.67 -8.88 -45.31
CA ASP B 139 0.16 -7.75 -45.74
C ASP B 139 0.14 -7.60 -47.26
N LEU B 140 0.07 -8.72 -47.99
CA LEU B 140 0.07 -8.64 -49.44
C LEU B 140 -1.25 -8.10 -49.98
N VAL B 141 -2.38 -8.57 -49.43
CA VAL B 141 -3.68 -8.21 -50.00
C VAL B 141 -3.97 -6.72 -49.82
N SER B 142 -3.54 -6.11 -48.71
CA SER B 142 -3.84 -4.70 -48.45
C SER B 142 -2.79 -3.79 -49.08
N THR B 143 -2.52 -4.01 -50.36
CA THR B 143 -1.61 -3.16 -51.13
C THR B 143 -2.12 -2.81 -52.52
N ILE B 144 -3.14 -3.49 -53.03
CA ILE B 144 -3.65 -3.18 -54.37
C ILE B 144 -4.21 -1.76 -54.39
N PRO B 145 -3.93 -0.97 -55.42
CA PRO B 145 -4.53 0.37 -55.49
C PRO B 145 -6.05 0.30 -55.50
N SER B 146 -6.66 1.28 -54.84
CA SER B 146 -8.12 1.34 -54.78
C SER B 146 -8.74 1.65 -56.14
N GLU B 147 -7.99 2.26 -57.04
CA GLU B 147 -8.50 2.52 -58.38
C GLU B 147 -8.67 1.23 -59.18
N ALA B 148 -7.76 0.28 -59.00
CA ALA B 148 -7.79 -0.94 -59.80
C ALA B 148 -9.01 -1.80 -59.47
N ALA B 149 -9.29 -2.00 -58.18
CA ALA B 149 -10.35 -2.90 -57.76
C ALA B 149 -11.72 -2.24 -57.73
N MET B 150 -11.81 -0.93 -57.96
CA MET B 150 -13.09 -0.25 -57.87
C MET B 150 -14.04 -0.67 -59.00
N ARG B 151 -13.48 -1.11 -60.13
CA ARG B 151 -14.32 -1.51 -61.27
C ARG B 151 -15.16 -2.75 -60.97
N ILE B 152 -14.85 -3.50 -59.90
CA ILE B 152 -15.71 -4.60 -59.50
C ILE B 152 -17.09 -4.08 -59.11
N SER B 153 -17.12 -3.02 -58.31
CA SER B 153 -18.34 -2.35 -57.90
C SER B 153 -17.97 -1.05 -57.19
N SER B 154 -18.81 -0.02 -57.36
CA SER B 154 -18.56 1.23 -56.67
C SER B 154 -18.77 1.10 -55.16
N GLN B 155 -19.61 0.16 -54.74
CA GLN B 155 -19.89 -0.02 -53.32
C GLN B 155 -18.70 -0.61 -52.56
N SER B 156 -17.78 -1.28 -53.26
CA SER B 156 -16.62 -1.86 -52.61
C SER B 156 -15.59 -0.81 -52.21
N TYR B 157 -15.59 0.35 -52.88
CA TYR B 157 -14.58 1.38 -52.63
C TYR B 157 -14.60 1.87 -51.19
N GLY B 158 -15.76 1.86 -50.53
CA GLY B 158 -15.84 2.30 -49.15
C GLY B 158 -15.33 1.25 -48.18
N LEU B 159 -15.77 0.01 -48.34
CA LEU B 159 -15.40 -1.05 -47.42
C LEU B 159 -13.97 -1.52 -47.62
N PHE B 160 -13.44 -1.40 -48.85
CA PHE B 160 -12.09 -1.89 -49.11
C PHE B 160 -11.04 -1.09 -48.34
N ASN B 161 -11.22 0.23 -48.24
CA ASN B 161 -10.21 1.07 -47.60
C ASN B 161 -10.09 0.83 -46.11
N MET B 162 -11.08 0.17 -45.48
CA MET B 162 -10.99 -0.12 -44.06
C MET B 162 -10.10 -1.32 -43.75
N LEU B 163 -9.64 -2.04 -44.77
CA LEU B 163 -8.70 -3.13 -44.57
C LEU B 163 -7.27 -2.65 -44.36
N ARG B 164 -6.97 -1.39 -44.69
CA ARG B 164 -5.62 -0.86 -44.51
C ARG B 164 -5.27 -0.64 -43.05
N LEU B 165 -6.22 -0.77 -42.13
CA LEU B 165 -5.93 -0.65 -40.72
C LEU B 165 -5.12 -1.81 -40.17
N TRP B 166 -4.90 -2.86 -40.98
CA TRP B 166 -4.06 -3.96 -40.54
C TRP B 166 -2.61 -3.51 -40.34
N ARG B 167 -2.18 -2.47 -41.05
CA ARG B 167 -0.84 -1.94 -40.87
C ARG B 167 -0.65 -1.24 -39.54
N LEU B 168 -1.64 -1.28 -38.65
CA LEU B 168 -1.52 -0.63 -37.34
C LEU B 168 -0.78 -1.50 -36.34
N ARG B 169 -0.35 -2.71 -36.74
CA ARG B 169 0.44 -3.56 -35.85
C ARG B 169 1.82 -2.98 -35.59
N ARG B 170 2.33 -2.16 -36.52
CA ARG B 170 3.67 -1.61 -36.37
C ARG B 170 3.76 -0.66 -35.18
N VAL B 171 2.71 0.09 -34.88
CA VAL B 171 2.69 0.88 -33.66
C VAL B 171 2.66 -0.04 -32.45
N GLY B 172 2.07 -1.23 -32.57
CA GLY B 172 2.12 -2.20 -31.50
C GLY B 172 3.50 -2.75 -31.23
N ALA B 173 4.43 -2.59 -32.16
CA ALA B 173 5.81 -3.01 -31.96
C ALA B 173 6.64 -1.92 -31.29
N LEU B 174 6.47 -0.67 -31.70
CA LEU B 174 7.22 0.43 -31.11
C LEU B 174 6.88 0.64 -29.63
N PHE B 175 5.68 0.24 -29.21
CA PHE B 175 5.30 0.38 -27.81
C PHE B 175 5.57 -0.90 -27.01
N ALA B 176 6.16 -1.91 -27.63
CA ALA B 176 6.67 -3.08 -26.94
C ALA B 176 8.18 -3.12 -26.86
N ARG B 177 8.86 -2.65 -27.91
CA ARG B 177 10.32 -2.55 -27.89
C ARG B 177 10.81 -1.39 -27.03
N LEU B 178 10.05 -0.30 -26.95
CA LEU B 178 10.45 0.84 -26.14
C LEU B 178 10.19 0.61 -24.65
N GLU B 179 9.30 -0.31 -24.30
CA GLU B 179 8.99 -0.55 -22.89
C GLU B 179 10.20 -1.11 -22.15
N LYS B 180 10.87 -2.11 -22.73
CA LYS B 180 12.04 -2.72 -22.11
C LYS B 180 13.28 -1.94 -22.55
N ASP B 181 13.52 -0.83 -21.86
CA ASP B 181 14.65 0.04 -22.15
C ASP B 181 14.94 0.87 -20.91
N ARG B 182 16.10 1.51 -20.92
CA ARG B 182 16.53 2.34 -19.79
C ARG B 182 16.81 3.79 -20.15
N ASN B 183 17.01 4.10 -21.43
CA ASN B 183 17.29 5.48 -21.84
C ASN B 183 16.05 6.35 -21.86
N PHE B 184 14.85 5.77 -21.78
CA PHE B 184 13.60 6.51 -21.78
C PHE B 184 12.84 6.22 -20.49
N ASN B 185 12.27 7.28 -19.90
CA ASN B 185 11.55 7.16 -18.65
C ASN B 185 10.34 6.23 -18.82
N TYR B 186 9.77 5.83 -17.68
CA TYR B 186 8.57 5.01 -17.67
C TYR B 186 7.30 5.84 -17.58
N PHE B 187 7.42 7.15 -17.43
CA PHE B 187 6.25 8.03 -17.38
C PHE B 187 5.85 8.55 -18.74
N TRP B 188 6.80 8.70 -19.66
CA TRP B 188 6.53 9.14 -21.02
C TRP B 188 6.27 7.99 -21.97
N VAL B 189 5.82 6.84 -21.46
CA VAL B 189 5.50 5.68 -22.29
C VAL B 189 4.07 5.19 -22.04
N ARG B 190 3.38 5.74 -21.04
CA ARG B 190 1.98 5.43 -20.79
C ARG B 190 1.03 6.55 -21.20
N CYS B 191 1.43 7.81 -20.94
CA CYS B 191 0.57 8.93 -21.28
C CYS B 191 0.34 9.01 -22.79
N ALA B 192 1.38 8.79 -23.59
CA ALA B 192 1.24 8.83 -25.04
C ALA B 192 0.28 7.75 -25.52
N LYS B 193 0.40 6.54 -24.96
CA LYS B 193 -0.49 5.45 -25.34
C LYS B 193 -1.95 5.79 -25.03
N LEU B 194 -2.20 6.32 -23.83
CA LEU B 194 -3.57 6.66 -23.46
C LEU B 194 -4.13 7.76 -24.36
N VAL B 195 -3.32 8.77 -24.66
CA VAL B 195 -3.77 9.88 -25.51
C VAL B 195 -4.13 9.36 -26.89
N CYS B 196 -3.27 8.51 -27.46
CA CYS B 196 -3.52 7.99 -28.80
C CYS B 196 -4.80 7.15 -28.83
N VAL B 197 -4.99 6.29 -27.82
CA VAL B 197 -6.19 5.46 -27.79
C VAL B 197 -7.45 6.33 -27.73
N THR B 198 -7.45 7.34 -26.85
CA THR B 198 -8.62 8.19 -26.71
C THR B 198 -8.95 8.92 -28.01
N LEU B 199 -7.92 9.50 -28.65
CA LEU B 199 -8.17 10.26 -29.87
C LEU B 199 -8.67 9.36 -30.99
N PHE B 200 -8.11 8.15 -31.11
CA PHE B 200 -8.59 7.24 -32.15
C PHE B 200 -10.05 6.87 -31.92
N ALA B 201 -10.43 6.59 -30.67
CA ALA B 201 -11.82 6.25 -30.37
C ALA B 201 -12.76 7.38 -30.78
N VAL B 202 -12.41 8.61 -30.41
CA VAL B 202 -13.26 9.76 -30.73
C VAL B 202 -13.45 9.88 -32.24
N HIS B 203 -12.34 9.79 -32.99
CA HIS B 203 -12.41 9.98 -34.44
C HIS B 203 -13.27 8.91 -35.09
N CYS B 204 -13.07 7.64 -34.70
CA CYS B 204 -13.84 6.56 -35.32
C CYS B 204 -15.33 6.70 -35.03
N ALA B 205 -15.69 7.03 -33.78
CA ALA B 205 -17.10 7.17 -33.45
C ALA B 205 -17.76 8.27 -34.26
N ALA B 206 -17.07 9.42 -34.38
CA ALA B 206 -17.64 10.53 -35.16
C ALA B 206 -17.89 10.13 -36.60
N CYS B 207 -16.90 9.49 -37.24
CA CYS B 207 -17.06 9.12 -38.65
C CYS B 207 -18.22 8.15 -38.84
N PHE B 208 -18.31 7.12 -38.00
CA PHE B 208 -19.38 6.14 -38.18
C PHE B 208 -20.76 6.77 -37.96
N TYR B 209 -20.89 7.64 -36.96
CA TYR B 209 -22.18 8.26 -36.72
C TYR B 209 -22.62 9.11 -37.89
N TYR B 210 -21.69 9.90 -38.46
CA TYR B 210 -22.09 10.69 -39.62
C TYR B 210 -22.46 9.80 -40.80
N LEU B 211 -21.77 8.66 -40.97
CA LEU B 211 -22.14 7.76 -42.06
C LEU B 211 -23.58 7.28 -41.90
N ILE B 212 -23.93 6.82 -40.68
CA ILE B 212 -25.29 6.38 -40.43
C ILE B 212 -26.29 7.48 -40.74
N ALA B 213 -25.96 8.72 -40.37
CA ALA B 213 -26.87 9.84 -40.66
C ALA B 213 -27.03 10.04 -42.16
N ALA B 214 -25.93 10.01 -42.91
CA ALA B 214 -25.96 10.42 -44.30
C ALA B 214 -26.58 9.36 -45.21
N ARG B 215 -26.46 8.07 -44.86
CA ARG B 215 -26.98 7.05 -45.77
C ARG B 215 -28.51 7.04 -45.86
N ASN B 216 -29.20 7.75 -44.97
CA ASN B 216 -30.65 7.68 -44.89
C ASN B 216 -31.31 8.45 -46.04
N SER B 217 -32.55 8.06 -46.34
CA SER B 217 -33.42 8.81 -47.22
C SER B 217 -34.27 9.78 -46.39
N ASN B 218 -35.00 10.66 -47.09
CA ASN B 218 -35.76 11.71 -46.44
C ASN B 218 -34.86 12.51 -45.51
N PRO B 219 -34.01 13.39 -46.06
CA PRO B 219 -32.91 13.99 -45.27
C PRO B 219 -33.32 14.65 -43.95
N ALA B 220 -34.62 14.85 -43.73
CA ALA B 220 -35.07 15.35 -42.44
C ALA B 220 -35.20 14.21 -41.44
N LYS B 221 -35.62 14.54 -40.22
CA LYS B 221 -35.81 13.57 -39.15
C LYS B 221 -34.54 12.74 -38.90
N THR B 222 -33.42 13.44 -38.76
CA THR B 222 -32.15 12.86 -38.35
C THR B 222 -31.57 13.73 -37.24
N TRP B 223 -30.41 13.34 -36.72
CA TRP B 223 -29.83 14.11 -35.62
C TRP B 223 -29.31 15.46 -36.09
N ILE B 224 -29.10 15.64 -37.39
CA ILE B 224 -28.57 16.90 -37.92
C ILE B 224 -29.61 17.68 -38.72
N GLY B 225 -30.52 16.99 -39.42
CA GLY B 225 -31.51 17.69 -40.22
C GLY B 225 -32.45 18.54 -39.39
N ALA B 226 -32.79 18.09 -38.19
CA ALA B 226 -33.68 18.85 -37.32
C ALA B 226 -33.05 20.14 -36.80
N ASN B 227 -31.73 20.26 -36.88
CA ASN B 227 -31.01 21.43 -36.37
C ASN B 227 -30.70 22.45 -37.45
N VAL B 228 -30.30 22.00 -38.63
CA VAL B 228 -30.06 22.87 -39.78
C VAL B 228 -30.97 22.40 -40.91
N ALA B 229 -31.69 23.33 -41.53
CA ALA B 229 -32.67 22.97 -42.54
C ALA B 229 -32.03 22.26 -43.73
N ASN B 230 -30.91 22.79 -44.22
CA ASN B 230 -30.23 22.22 -45.38
C ASN B 230 -28.77 21.98 -44.99
N PHE B 231 -28.40 20.72 -44.81
CA PHE B 231 -27.04 20.36 -44.42
C PHE B 231 -26.22 19.76 -45.56
N LEU B 232 -26.84 19.48 -46.70
CA LEU B 232 -26.14 18.92 -47.85
C LEU B 232 -25.61 19.99 -48.80
N GLU B 233 -25.75 21.26 -48.45
CA GLU B 233 -25.35 22.36 -49.32
C GLU B 233 -24.30 23.25 -48.67
N GLU B 234 -23.54 22.70 -47.72
CA GLU B 234 -22.49 23.43 -47.04
C GLU B 234 -21.13 22.79 -47.32
N SER B 235 -20.08 23.45 -46.86
CA SER B 235 -18.72 23.00 -47.13
C SER B 235 -18.43 21.67 -46.45
N LEU B 236 -17.49 20.92 -47.03
CA LEU B 236 -17.14 19.61 -46.48
C LEU B 236 -16.36 19.71 -45.19
N TRP B 237 -15.75 20.86 -44.91
CA TRP B 237 -15.03 21.06 -43.66
C TRP B 237 -15.89 21.66 -42.55
N MET B 238 -17.16 21.96 -42.84
CA MET B 238 -18.10 22.44 -41.84
C MET B 238 -18.95 21.34 -41.23
N ARG B 239 -19.19 20.27 -41.97
CA ARG B 239 -19.91 19.12 -41.45
C ARG B 239 -19.04 18.23 -40.57
N TYR B 240 -17.72 18.43 -40.58
CA TYR B 240 -16.80 17.61 -39.79
C TYR B 240 -16.53 18.19 -38.41
N VAL B 241 -16.94 19.43 -38.15
CA VAL B 241 -16.76 20.00 -36.82
C VAL B 241 -17.93 19.66 -35.91
N THR B 242 -19.14 19.64 -36.45
CA THR B 242 -20.32 19.31 -35.64
C THR B 242 -20.25 17.89 -35.10
N SER B 243 -19.79 16.94 -35.92
CA SER B 243 -19.70 15.56 -35.48
C SER B 243 -18.72 15.40 -34.32
N MET B 244 -17.56 16.04 -34.41
CA MET B 244 -16.60 15.98 -33.31
C MET B 244 -17.11 16.71 -32.09
N TYR B 245 -17.87 17.79 -32.28
CA TYR B 245 -18.49 18.48 -31.16
C TYR B 245 -19.42 17.53 -30.40
N TRP B 246 -20.28 16.82 -31.13
CA TRP B 246 -21.18 15.86 -30.48
C TRP B 246 -20.40 14.74 -29.80
N SER B 247 -19.36 14.22 -30.45
CA SER B 247 -18.61 13.09 -29.90
C SER B 247 -17.93 13.46 -28.58
N ILE B 248 -17.28 14.62 -28.53
CA ILE B 248 -16.61 15.01 -27.29
C ILE B 248 -17.59 15.53 -26.25
N THR B 249 -18.76 16.01 -26.67
CA THR B 249 -19.82 16.34 -25.71
C THR B 249 -20.32 15.09 -25.00
N THR B 250 -20.47 13.98 -25.73
CA THR B 250 -20.95 12.75 -25.12
C THR B 250 -19.87 12.03 -24.31
N LEU B 251 -18.63 12.03 -24.79
CA LEU B 251 -17.59 11.22 -24.15
C LEU B 251 -17.22 11.73 -22.77
N THR B 252 -17.26 13.04 -22.55
CA THR B 252 -16.91 13.63 -21.27
C THR B 252 -18.09 13.75 -20.32
N THR B 253 -19.27 13.27 -20.72
CA THR B 253 -20.49 13.26 -19.91
C THR B 253 -20.95 14.67 -19.55
N VAL B 254 -20.83 15.59 -20.51
CA VAL B 254 -21.46 16.90 -20.39
C VAL B 254 -22.55 16.98 -21.46
N GLY B 255 -23.78 16.60 -21.12
CA GLY B 255 -24.80 16.57 -22.13
C GLY B 255 -25.55 17.89 -22.26
N TYR B 256 -25.23 18.67 -23.29
CA TYR B 256 -25.86 19.98 -23.44
C TYR B 256 -27.34 19.85 -23.77
N GLY B 257 -27.68 19.03 -24.76
CA GLY B 257 -29.08 18.82 -25.06
C GLY B 257 -29.41 18.89 -26.53
N ASP B 258 -28.69 19.70 -27.28
CA ASP B 258 -28.83 19.75 -28.72
C ASP B 258 -28.04 18.61 -29.37
N LEU B 259 -28.42 18.28 -30.60
CA LEU B 259 -27.79 17.20 -31.36
C LEU B 259 -27.88 15.87 -30.60
N HIS B 260 -29.12 15.41 -30.45
CA HIS B 260 -29.45 14.16 -29.80
C HIS B 260 -30.17 13.23 -30.78
N PRO B 261 -30.16 11.92 -30.52
CA PRO B 261 -30.79 10.98 -31.46
C PRO B 261 -32.28 11.20 -31.59
N VAL B 262 -32.81 10.82 -32.76
CA VAL B 262 -34.22 11.05 -33.09
C VAL B 262 -34.96 9.73 -33.28
N ASN B 263 -34.49 8.91 -34.23
CA ASN B 263 -35.13 7.64 -34.51
C ASN B 263 -34.33 6.50 -33.86
N THR B 264 -34.78 5.26 -34.10
CA THR B 264 -34.36 4.13 -33.27
C THR B 264 -32.94 3.67 -33.56
N LYS B 265 -32.49 3.72 -34.81
CA LYS B 265 -31.14 3.23 -35.11
C LYS B 265 -30.08 4.01 -34.35
N GLU B 266 -30.23 5.32 -34.29
CA GLU B 266 -29.28 6.13 -33.53
C GLU B 266 -29.41 5.87 -32.04
N MET B 267 -30.62 5.56 -31.54
CA MET B 267 -30.75 5.16 -30.14
C MET B 267 -29.95 3.90 -29.84
N ILE B 268 -30.02 2.90 -30.73
CA ILE B 268 -29.28 1.66 -30.48
C ILE B 268 -27.78 1.89 -30.54
N PHE B 269 -27.32 2.65 -31.54
CA PHE B 269 -25.90 2.96 -31.63
C PHE B 269 -25.43 3.68 -30.38
N ASP B 270 -26.21 4.63 -29.89
CA ASP B 270 -25.83 5.38 -28.69
C ASP B 270 -25.82 4.49 -27.46
N ILE B 271 -26.79 3.57 -27.34
CA ILE B 271 -26.79 2.64 -26.22
C ILE B 271 -25.50 1.82 -26.21
N PHE B 272 -25.06 1.36 -27.38
CA PHE B 272 -23.84 0.56 -27.42
C PHE B 272 -22.59 1.40 -27.21
N TYR B 273 -22.59 2.65 -27.66
CA TYR B 273 -21.43 3.51 -27.51
C TYR B 273 -21.27 4.06 -26.09
N MET B 274 -22.35 4.14 -25.32
CA MET B 274 -22.27 4.74 -23.98
C MET B 274 -21.82 3.76 -22.91
N LEU B 275 -21.66 2.48 -23.22
CA LEU B 275 -21.17 1.50 -22.26
C LEU B 275 -19.65 1.36 -22.28
N PHE B 276 -19.04 1.51 -23.46
CA PHE B 276 -17.59 1.40 -23.58
C PHE B 276 -16.88 2.51 -22.80
N ASN B 277 -17.43 3.72 -22.84
CA ASN B 277 -16.82 4.82 -22.09
C ASN B 277 -16.89 4.60 -20.58
N LEU B 278 -17.93 3.90 -20.10
CA LEU B 278 -18.05 3.65 -18.67
C LEU B 278 -16.89 2.85 -18.13
N GLY B 279 -16.20 2.08 -18.97
CA GLY B 279 -15.03 1.36 -18.57
C GLY B 279 -13.75 2.08 -18.94
N LEU B 280 -13.75 2.73 -20.10
CA LEU B 280 -12.56 3.47 -20.52
C LEU B 280 -12.25 4.62 -19.58
N THR B 281 -13.27 5.26 -19.00
CA THR B 281 -13.04 6.35 -18.07
C THR B 281 -12.55 5.85 -16.73
N ALA B 282 -13.12 4.75 -16.23
CA ALA B 282 -12.70 4.20 -14.95
C ALA B 282 -11.33 3.54 -15.03
N TYR B 283 -10.86 3.20 -16.23
CA TYR B 283 -9.52 2.67 -16.38
C TYR B 283 -8.44 3.73 -16.30
N LEU B 284 -8.78 5.01 -16.48
CA LEU B 284 -7.81 6.10 -16.51
C LEU B 284 -7.57 6.74 -15.15
N ILE B 285 -8.33 6.39 -14.11
CA ILE B 285 -8.10 6.95 -12.80
C ILE B 285 -7.19 6.06 -11.95
N GLY B 286 -7.24 4.75 -12.16
CA GLY B 286 -6.27 3.88 -11.53
C GLY B 286 -4.84 4.19 -11.95
N ASN B 287 -4.64 4.43 -13.25
CA ASN B 287 -3.32 4.76 -13.77
C ASN B 287 -2.83 6.14 -13.34
N MET B 288 -3.71 6.98 -12.79
CA MET B 288 -3.28 8.27 -12.26
C MET B 288 -3.01 8.20 -10.76
N THR B 289 -3.81 7.43 -10.01
CA THR B 289 -3.47 7.21 -8.61
C THR B 289 -2.17 6.43 -8.48
N ASN B 290 -1.97 5.41 -9.33
CA ASN B 290 -0.74 4.63 -9.32
C ASN B 290 0.47 5.48 -9.68
N LEU B 291 0.27 6.65 -10.29
CA LEU B 291 1.35 7.56 -10.62
C LEU B 291 1.58 8.57 -9.52
N VAL B 292 0.51 9.09 -8.91
CA VAL B 292 0.67 10.05 -7.83
C VAL B 292 1.30 9.39 -6.60
N VAL B 293 0.98 8.11 -6.34
CA VAL B 293 1.53 7.46 -5.16
C VAL B 293 3.05 7.28 -5.28
N HIS B 294 3.54 6.97 -6.48
CA HIS B 294 4.95 6.71 -6.71
C HIS B 294 5.76 7.98 -6.97
N GLY B 295 5.28 9.15 -6.55
CA GLY B 295 5.95 10.38 -6.87
C GLY B 295 6.18 11.32 -5.70
N THR B 296 5.63 10.99 -4.54
CA THR B 296 5.76 11.80 -3.34
C THR B 296 6.36 11.01 -2.20
N SER B 297 7.44 10.26 -2.48
CA SER B 297 8.06 9.43 -1.46
C SER B 297 9.23 10.12 -0.77
N ARG B 298 9.95 11.00 -1.48
CA ARG B 298 11.13 11.63 -0.91
C ARG B 298 10.77 12.57 0.22
N THR B 299 9.80 13.45 0.01
CA THR B 299 9.48 14.49 0.99
C THR B 299 8.96 13.88 2.28
N ARG B 300 8.11 12.85 2.19
CA ARG B 300 7.60 12.21 3.39
C ARG B 300 8.71 11.55 4.19
N ASN B 301 9.64 10.89 3.50
CA ASN B 301 10.79 10.29 4.19
C ASN B 301 11.62 11.35 4.88
N PHE B 302 11.87 12.48 4.21
CA PHE B 302 12.68 13.53 4.81
C PHE B 302 12.00 14.09 6.06
N ARG B 303 10.70 14.35 5.97
CA ARG B 303 9.97 14.87 7.14
C ARG B 303 10.00 13.87 8.28
N ASP B 304 9.79 12.59 7.99
CA ASP B 304 9.80 11.57 9.04
C ASP B 304 11.16 11.51 9.71
N THR B 305 12.24 11.53 8.93
CA THR B 305 13.58 11.45 9.52
C THR B 305 13.88 12.66 10.39
N ILE B 306 13.52 13.86 9.91
CA ILE B 306 13.78 15.06 10.72
C ILE B 306 12.98 15.01 12.02
N GLN B 307 11.72 14.59 11.94
CA GLN B 307 10.90 14.50 13.15
C GLN B 307 11.47 13.49 14.14
N ALA B 308 11.92 12.34 13.64
CA ALA B 308 12.49 11.32 14.52
C ALA B 308 13.77 11.83 15.20
N ALA B 309 14.63 12.50 14.44
CA ALA B 309 15.86 13.05 15.03
C ALA B 309 15.54 14.09 16.10
N SER B 310 14.55 14.94 15.83
CA SER B 310 14.15 15.94 16.83
C SER B 310 13.61 15.27 18.08
N ASN B 311 12.80 14.23 17.92
CA ASN B 311 12.27 13.51 19.08
C ASN B 311 13.40 12.89 19.90
N PHE B 312 14.37 12.27 19.23
CA PHE B 312 15.53 11.69 19.93
C PHE B 312 16.27 12.75 20.72
N ALA B 313 16.61 13.87 20.07
CA ALA B 313 17.38 14.92 20.72
C ALA B 313 16.62 15.51 21.91
N HIS B 314 15.32 15.72 21.75
CA HIS B 314 14.53 16.27 22.85
C HIS B 314 14.43 15.29 24.01
N ARG B 315 14.26 13.99 23.70
CA ARG B 315 14.10 13.01 24.78
C ARG B 315 15.38 12.88 25.59
N ASN B 316 16.54 12.86 24.94
CA ASN B 316 17.77 12.70 25.71
C ASN B 316 18.37 14.02 26.18
N HIS B 317 17.75 15.16 25.86
CA HIS B 317 18.17 16.48 26.36
C HIS B 317 19.63 16.77 26.01
N LEU B 318 19.89 16.83 24.72
CA LEU B 318 21.24 17.12 24.25
C LEU B 318 21.54 18.62 24.39
N PRO B 319 22.81 18.99 24.54
CA PRO B 319 23.15 20.41 24.64
C PRO B 319 22.90 21.12 23.33
N PRO B 320 22.66 22.43 23.35
CA PRO B 320 22.32 23.15 22.12
C PRO B 320 23.41 23.11 21.05
N ARG B 321 24.68 23.04 21.45
CA ARG B 321 25.78 23.10 20.49
C ARG B 321 26.21 21.74 19.96
N LEU B 322 25.52 20.67 20.35
CA LEU B 322 25.78 19.34 19.79
C LEU B 322 24.66 18.84 18.89
N GLN B 323 23.48 19.48 18.93
CA GLN B 323 22.42 19.13 17.99
C GLN B 323 22.70 19.68 16.59
N ASP B 324 23.50 20.74 16.51
CA ASP B 324 23.78 21.36 15.22
C ASP B 324 24.55 20.42 14.30
N GLN B 325 25.52 19.67 14.85
CA GLN B 325 26.27 18.75 14.01
C GLN B 325 25.39 17.64 13.46
N MET B 326 24.47 17.12 14.28
CA MET B 326 23.55 16.09 13.82
C MET B 326 22.65 16.62 12.72
N LEU B 327 22.02 17.78 12.94
CA LEU B 327 21.11 18.33 11.94
C LEU B 327 21.84 18.89 10.73
N ALA B 328 23.16 19.07 10.81
CA ALA B 328 23.91 19.46 9.63
C ALA B 328 24.32 18.24 8.81
N HIS B 329 24.79 17.18 9.47
CA HIS B 329 25.18 15.98 8.75
C HIS B 329 23.98 15.31 8.11
N LEU B 330 22.83 15.30 8.78
CA LEU B 330 21.64 14.70 8.19
C LEU B 330 21.22 15.46 6.93
N CYS B 331 21.19 16.78 7.00
CA CYS B 331 20.83 17.59 5.84
C CYS B 331 21.82 17.41 4.70
N LEU B 332 23.11 17.38 5.02
CA LEU B 332 24.13 17.18 4.00
C LEU B 332 23.96 15.83 3.32
N LYS B 333 23.71 14.78 4.10
CA LYS B 333 23.53 13.46 3.51
C LYS B 333 22.29 13.41 2.64
N TYR B 334 21.18 14.01 3.08
CA TYR B 334 19.96 13.93 2.28
C TYR B 334 19.95 14.89 1.09
N ARG B 335 20.85 15.87 1.03
CA ARG B 335 20.98 16.67 -0.18
C ARG B 335 22.19 16.27 -1.01
N THR B 336 22.99 15.31 -0.56
CA THR B 336 24.06 14.73 -1.35
C THR B 336 23.63 13.42 -2.02
N ASP B 337 22.34 13.25 -2.26
CA ASP B 337 21.83 12.02 -2.85
C ASP B 337 22.12 11.90 -4.34
N SER B 338 22.64 12.96 -4.97
CA SER B 338 22.89 12.92 -6.41
C SER B 338 24.11 12.09 -6.74
N GLU B 339 25.06 11.99 -5.82
CA GLU B 339 26.34 11.34 -6.10
C GLU B 339 26.95 10.89 -4.78
N GLY B 340 27.82 9.88 -4.85
CA GLY B 340 28.62 9.51 -3.70
C GLY B 340 27.91 8.52 -2.80
N LEU B 341 27.79 8.89 -1.51
CA LEU B 341 27.27 7.99 -0.49
C LEU B 341 25.74 7.95 -0.52
N GLN B 342 25.22 7.51 -1.67
CA GLN B 342 23.80 7.26 -1.84
C GLN B 342 23.54 5.78 -2.08
N GLN B 343 24.20 5.19 -3.08
CA GLN B 343 24.09 3.75 -3.31
C GLN B 343 24.92 2.94 -2.33
N GLN B 344 25.90 3.55 -1.67
CA GLN B 344 26.78 2.79 -0.78
C GLN B 344 26.05 2.26 0.44
N GLU B 345 24.84 2.75 0.71
CA GLU B 345 24.02 2.12 1.74
C GLU B 345 23.56 0.74 1.30
N THR B 346 23.28 0.59 0.00
CA THR B 346 22.90 -0.70 -0.57
C THR B 346 24.01 -1.31 -1.44
N LEU B 347 25.17 -0.66 -1.52
CA LEU B 347 26.31 -1.19 -2.24
C LEU B 347 27.17 -2.08 -1.35
N ASP B 348 26.85 -2.16 -0.06
CA ASP B 348 27.58 -2.99 0.88
C ASP B 348 27.15 -4.45 0.84
N ALA B 349 26.11 -4.79 0.08
CA ALA B 349 25.67 -6.18 -0.06
C ALA B 349 26.46 -6.95 -1.10
N LEU B 350 27.35 -6.29 -1.83
CA LEU B 350 28.13 -6.96 -2.86
C LEU B 350 29.25 -7.79 -2.23
N PRO B 351 29.74 -8.79 -2.94
CA PRO B 351 30.84 -9.62 -2.42
C PRO B 351 32.12 -8.82 -2.31
N LYS B 352 33.05 -9.36 -1.51
CA LYS B 352 34.33 -8.69 -1.30
C LYS B 352 35.13 -8.59 -2.59
N ALA B 353 35.00 -9.58 -3.48
CA ALA B 353 35.79 -9.59 -4.71
C ALA B 353 35.46 -8.38 -5.59
N ILE B 354 34.17 -8.06 -5.73
CA ILE B 354 33.78 -6.91 -6.55
C ILE B 354 34.15 -5.60 -5.84
N ARG B 355 33.85 -5.52 -4.54
CA ARG B 355 34.08 -4.26 -3.82
C ARG B 355 35.57 -3.93 -3.72
N SER B 356 36.44 -4.95 -3.77
CA SER B 356 37.87 -4.69 -3.70
C SER B 356 38.37 -3.96 -4.94
N SER B 357 37.68 -4.09 -6.06
CA SER B 357 38.08 -3.41 -7.29
C SER B 357 37.61 -1.96 -7.36
N ILE B 358 36.76 -1.52 -6.43
CA ILE B 358 36.30 -0.14 -6.44
C ILE B 358 37.43 0.81 -6.10
N SER B 359 38.25 0.46 -5.12
CA SER B 359 39.29 1.38 -4.65
C SER B 359 40.39 1.56 -5.69
N HIS B 360 40.60 0.58 -6.56
CA HIS B 360 41.70 0.65 -7.53
C HIS B 360 41.51 1.80 -8.51
N PHE B 361 40.29 2.03 -8.98
CA PHE B 361 40.02 3.09 -9.94
C PHE B 361 39.70 4.43 -9.29
N LEU B 362 39.81 4.55 -7.97
CA LEU B 362 39.49 5.83 -7.33
C LEU B 362 40.60 6.34 -6.42
N PHE B 363 41.46 5.46 -5.91
CA PHE B 363 42.47 5.91 -4.96
C PHE B 363 43.87 5.36 -5.19
N TYR B 364 44.06 4.33 -6.01
CA TYR B 364 45.37 3.70 -6.12
C TYR B 364 46.40 4.67 -6.71
N SER B 365 46.01 5.41 -7.75
CA SER B 365 46.95 6.35 -8.37
C SER B 365 47.38 7.44 -7.39
N LEU B 366 46.43 7.97 -6.62
CA LEU B 366 46.77 8.98 -5.62
C LEU B 366 47.61 8.41 -4.49
N MET B 367 47.42 7.13 -4.16
CA MET B 367 48.12 6.53 -3.03
C MET B 367 49.61 6.34 -3.30
N ASP B 368 50.02 6.37 -4.57
CA ASP B 368 51.41 6.07 -4.90
C ASP B 368 52.35 7.18 -4.41
N LYS B 369 52.02 8.43 -4.72
CA LYS B 369 52.91 9.57 -4.44
C LYS B 369 52.43 10.24 -3.15
N VAL B 370 53.00 9.80 -2.02
CA VAL B 370 52.63 10.27 -0.69
C VAL B 370 53.92 10.54 0.08
N TYR B 371 53.80 11.31 1.17
CA TYR B 371 54.93 11.57 2.05
C TYR B 371 55.62 10.29 2.47
N LEU B 372 54.85 9.32 2.96
CA LEU B 372 55.37 8.00 3.30
C LEU B 372 55.28 7.08 2.08
N PHE B 373 55.52 5.79 2.32
CA PHE B 373 55.35 4.76 1.29
C PHE B 373 56.20 5.04 0.06
N ARG B 374 57.43 5.48 0.31
CA ARG B 374 58.32 5.91 -0.76
C ARG B 374 58.62 4.78 -1.72
N GLY B 375 59.26 3.72 -1.23
CA GLY B 375 59.52 2.54 -2.03
C GLY B 375 59.07 1.27 -1.34
N VAL B 376 58.08 0.59 -1.91
CA VAL B 376 57.51 -0.61 -1.32
C VAL B 376 57.30 -1.64 -2.42
N SER B 377 57.08 -2.89 -2.00
CA SER B 377 56.82 -3.96 -2.96
C SER B 377 55.45 -3.83 -3.61
N ASN B 378 54.61 -2.92 -3.11
CA ASN B 378 53.24 -2.65 -3.50
C ASN B 378 52.28 -3.73 -3.02
N ASP B 379 52.77 -4.80 -2.42
CA ASP B 379 51.89 -5.79 -1.82
C ASP B 379 51.15 -5.22 -0.62
N LEU B 380 51.84 -4.39 0.17
CA LEU B 380 51.20 -3.76 1.32
C LEU B 380 50.09 -2.81 0.88
N LEU B 381 50.32 -2.05 -0.20
CA LEU B 381 49.33 -1.08 -0.66
C LEU B 381 48.06 -1.78 -1.15
N PHE B 382 48.22 -2.96 -1.76
CA PHE B 382 47.06 -3.68 -2.29
C PHE B 382 46.04 -3.98 -1.19
N GLN B 383 46.48 -4.06 0.06
CA GLN B 383 45.57 -4.28 1.17
C GLN B 383 45.23 -2.98 1.88
N LEU B 384 46.21 -2.09 2.02
CA LEU B 384 45.95 -0.81 2.70
C LEU B 384 44.89 0.00 1.97
N VAL B 385 44.96 0.05 0.65
CA VAL B 385 43.92 0.73 -0.12
C VAL B 385 42.60 -0.02 -0.04
N SER B 386 42.65 -1.35 -0.04
CA SER B 386 41.44 -2.16 0.02
C SER B 386 40.72 -2.08 1.35
N GLU B 387 41.39 -1.60 2.41
CA GLU B 387 40.79 -1.50 3.74
C GLU B 387 40.68 -0.02 4.15
N MET B 388 40.19 0.81 3.23
CA MET B 388 40.01 2.23 3.50
C MET B 388 38.53 2.59 3.40
N LYS B 389 38.15 3.67 4.10
CA LYS B 389 36.77 4.14 4.14
C LYS B 389 36.73 5.63 3.85
N ALA B 390 35.63 6.10 3.30
CA ALA B 390 35.47 7.49 2.90
C ALA B 390 34.37 8.17 3.70
N GLU B 391 34.56 9.46 3.99
CA GLU B 391 33.62 10.24 4.76
C GLU B 391 33.57 11.66 4.23
N TYR B 392 32.47 12.37 4.53
CA TYR B 392 32.28 13.76 4.16
C TYR B 392 32.14 14.62 5.41
N PHE B 393 32.63 15.86 5.32
CA PHE B 393 32.54 16.79 6.42
C PHE B 393 31.94 18.11 5.96
N PRO B 394 31.08 18.73 6.77
CA PRO B 394 30.57 20.05 6.42
C PRO B 394 31.64 21.12 6.63
N PRO B 395 31.55 22.23 5.92
CA PRO B 395 32.53 23.32 6.13
C PRO B 395 32.46 23.87 7.54
N LYS B 396 33.62 24.32 8.03
CA LYS B 396 33.76 24.87 9.38
C LYS B 396 33.34 23.85 10.44
N GLU B 397 34.08 22.74 10.48
CA GLU B 397 33.83 21.67 11.43
C GLU B 397 35.15 21.13 11.94
N ASP B 398 35.20 20.85 13.24
CA ASP B 398 36.41 20.34 13.89
C ASP B 398 36.43 18.82 13.84
N VAL B 399 37.60 18.27 13.53
CA VAL B 399 37.76 16.82 13.40
C VAL B 399 38.71 16.31 14.48
N ILE B 400 39.65 17.15 14.91
CA ILE B 400 40.66 16.76 15.89
C ILE B 400 40.80 17.86 16.92
N LEU B 401 40.80 17.47 18.20
CA LEU B 401 41.01 18.38 19.32
C LEU B 401 42.39 18.10 19.92
N GLN B 402 42.73 18.82 20.98
CA GLN B 402 44.06 18.78 21.57
C GLN B 402 44.16 17.70 22.63
N ASN B 403 45.08 16.76 22.43
CA ASN B 403 45.48 15.78 23.45
C ASN B 403 44.29 14.94 23.90
N GLU B 404 43.76 14.16 22.96
CA GLU B 404 42.56 13.36 23.20
C GLU B 404 42.74 11.94 22.67
N ALA B 405 43.86 11.30 23.04
CA ALA B 405 44.06 9.87 22.82
C ALA B 405 43.97 9.51 21.33
N PRO B 406 44.96 9.88 20.52
CA PRO B 406 44.85 9.68 19.07
C PRO B 406 44.60 8.22 18.70
N THR B 407 43.74 8.02 17.70
CA THR B 407 43.37 6.68 17.25
C THR B 407 43.45 6.48 15.75
N ASP B 408 43.40 7.54 14.95
CA ASP B 408 43.33 7.41 13.50
C ASP B 408 44.19 8.48 12.83
N PHE B 409 44.51 8.24 11.56
CA PHE B 409 45.16 9.23 10.71
C PHE B 409 44.41 9.30 9.39
N TYR B 410 44.36 10.51 8.82
CA TYR B 410 43.46 10.81 7.72
C TYR B 410 44.24 11.26 6.47
N ILE B 411 43.67 10.94 5.31
CA ILE B 411 44.21 11.35 4.02
C ILE B 411 43.22 12.33 3.39
N LEU B 412 43.74 13.43 2.84
CA LEU B 412 42.93 14.50 2.28
C LEU B 412 42.87 14.36 0.76
N VAL B 413 41.66 14.38 0.21
CA VAL B 413 41.42 14.18 -1.21
C VAL B 413 41.02 15.48 -1.90
N ASN B 414 39.99 16.15 -1.39
CA ASN B 414 39.50 17.39 -1.97
C ASN B 414 39.34 18.43 -0.86
N GLY B 415 39.23 19.68 -1.28
CA GLY B 415 39.02 20.76 -0.34
C GLY B 415 40.30 21.20 0.34
N THR B 416 40.12 21.91 1.45
CA THR B 416 41.23 22.46 2.22
C THR B 416 41.04 22.16 3.69
N ALA B 417 42.09 22.42 4.46
CA ALA B 417 42.04 22.31 5.92
C ALA B 417 43.10 23.23 6.50
N ASP B 418 42.93 23.55 7.79
CA ASP B 418 43.82 24.47 8.48
C ASP B 418 44.37 23.81 9.74
N LEU B 419 45.69 23.90 9.90
CA LEU B 419 46.35 23.42 11.11
C LEU B 419 46.50 24.59 12.09
N VAL B 420 45.82 24.50 13.22
CA VAL B 420 45.74 25.58 14.19
C VAL B 420 46.26 25.08 15.53
N ASP B 421 47.18 25.83 16.13
CA ASP B 421 47.67 25.54 17.47
C ASP B 421 46.82 26.30 18.47
N VAL B 422 46.22 25.58 19.42
CA VAL B 422 45.36 26.17 20.43
C VAL B 422 46.27 26.61 21.58
N ASP B 423 46.82 27.81 21.45
CA ASP B 423 47.71 28.36 22.46
C ASP B 423 46.89 28.95 23.60
N THR B 424 47.55 29.68 24.50
CA THR B 424 46.87 30.27 25.64
C THR B 424 46.07 31.49 25.23
N GLY B 425 44.80 31.29 24.86
CA GLY B 425 43.91 32.38 24.51
C GLY B 425 43.97 32.84 23.07
N THR B 426 44.85 32.27 22.25
CA THR B 426 44.98 32.66 20.86
C THR B 426 45.02 31.43 19.97
N GLU B 427 44.59 31.60 18.72
CA GLU B 427 44.56 30.53 17.74
C GLU B 427 45.23 31.01 16.47
N SER B 428 46.46 30.55 16.23
CA SER B 428 47.23 30.95 15.06
C SER B 428 46.89 30.05 13.86
N ILE B 429 47.25 30.53 12.69
CA ILE B 429 46.97 29.85 11.42
C ILE B 429 48.29 29.50 10.75
N VAL B 430 49.29 29.16 11.57
CA VAL B 430 50.67 29.06 11.10
C VAL B 430 50.78 28.09 9.92
N ARG B 431 50.13 26.94 10.00
CA ARG B 431 50.24 25.92 8.96
C ARG B 431 48.90 25.71 8.27
N GLU B 432 48.93 25.69 6.93
CA GLU B 432 47.77 25.40 6.12
C GLU B 432 48.11 24.24 5.19
N VAL B 433 47.21 23.26 5.11
CA VAL B 433 47.45 22.03 4.37
C VAL B 433 46.52 21.96 3.16
N LYS B 434 47.07 21.50 2.04
CA LYS B 434 46.35 21.32 0.79
C LYS B 434 46.14 19.83 0.55
N ALA B 435 45.26 19.50 -0.39
CA ALA B 435 44.93 18.11 -0.68
C ALA B 435 46.16 17.30 -1.05
N GLY B 436 46.26 16.09 -0.50
CA GLY B 436 47.36 15.20 -0.81
C GLY B 436 48.13 14.72 0.41
N ASP B 437 48.31 15.59 1.40
CA ASP B 437 49.10 15.25 2.57
C ASP B 437 48.27 14.45 3.57
N ILE B 438 48.96 13.88 4.56
CA ILE B 438 48.34 13.10 5.62
C ILE B 438 48.63 13.79 6.96
N ILE B 439 47.61 13.85 7.81
CA ILE B 439 47.68 14.55 9.08
C ILE B 439 47.55 13.55 10.23
N GLY B 440 48.40 13.68 11.23
CA GLY B 440 48.35 12.85 12.41
C GLY B 440 49.22 11.61 12.39
N GLU B 441 50.18 11.54 11.46
CA GLU B 441 51.02 10.34 11.35
C GLU B 441 51.91 10.16 12.57
N ILE B 442 52.64 11.21 12.96
CA ILE B 442 53.66 11.06 13.99
C ILE B 442 53.03 10.78 15.35
N GLY B 443 51.86 11.39 15.62
CA GLY B 443 51.23 11.20 16.91
C GLY B 443 50.68 9.80 17.14
N VAL B 444 50.37 9.08 16.08
CA VAL B 444 49.81 7.73 16.22
C VAL B 444 50.86 6.64 16.10
N LEU B 445 52.04 6.95 15.55
CA LEU B 445 53.11 5.98 15.44
C LEU B 445 54.10 6.03 16.60
N CYS B 446 53.86 6.91 17.59
CA CYS B 446 54.74 7.01 18.74
C CYS B 446 53.96 7.04 20.06
N TYR B 447 52.67 6.71 20.04
CA TYR B 447 51.83 6.72 21.24
C TYR B 447 51.88 8.06 21.96
N ARG B 448 51.85 9.15 21.19
CA ARG B 448 51.89 10.47 21.77
C ARG B 448 50.57 11.21 21.49
N PRO B 449 50.17 12.12 22.37
CA PRO B 449 48.95 12.89 22.12
C PRO B 449 49.09 13.76 20.89
N GLN B 450 47.95 14.10 20.29
CA GLN B 450 47.94 14.84 19.03
C GLN B 450 48.56 16.22 19.21
N LEU B 451 49.18 16.71 18.13
CA LEU B 451 49.94 17.96 18.20
C LEU B 451 49.03 19.18 18.05
N PHE B 452 48.35 19.30 16.91
CA PHE B 452 47.57 20.49 16.59
C PHE B 452 46.14 20.08 16.23
N THR B 453 45.30 21.09 16.01
CA THR B 453 43.89 20.90 15.71
C THR B 453 43.61 21.27 14.25
N VAL B 454 42.87 20.42 13.57
CA VAL B 454 42.58 20.58 12.15
C VAL B 454 41.13 21.01 11.99
N ARG B 455 40.91 22.14 11.31
CA ARG B 455 39.58 22.66 11.04
C ARG B 455 39.42 22.85 9.54
N THR B 456 38.32 22.35 9.00
CA THR B 456 38.08 22.42 7.56
C THR B 456 37.56 23.81 7.17
N LYS B 457 37.67 24.12 5.88
CA LYS B 457 37.25 25.41 5.36
C LYS B 457 36.48 25.30 4.05
N ARG B 458 35.94 24.12 3.74
CA ARG B 458 35.23 23.88 2.49
C ARG B 458 34.53 22.53 2.63
N LEU B 459 33.91 22.08 1.54
CA LEU B 459 33.32 20.75 1.49
C LEU B 459 34.43 19.75 1.19
N CYS B 460 34.78 18.93 2.17
CA CYS B 460 35.95 18.07 2.10
C CYS B 460 35.57 16.62 1.82
N GLN B 461 36.59 15.77 1.76
CA GLN B 461 36.41 14.33 1.65
C GLN B 461 37.68 13.67 2.19
N LEU B 462 37.52 12.78 3.16
CA LEU B 462 38.64 12.25 3.92
C LEU B 462 38.63 10.73 3.90
N LEU B 463 39.81 10.16 4.04
CA LEU B 463 40.00 8.71 4.16
C LEU B 463 40.50 8.41 5.56
N ARG B 464 40.03 7.28 6.10
CA ARG B 464 40.30 6.93 7.50
C ARG B 464 40.82 5.51 7.61
N MET B 465 41.79 5.32 8.49
CA MET B 465 42.33 4.00 8.82
C MET B 465 42.45 3.86 10.33
N ASN B 466 42.15 2.69 10.85
CA ASN B 466 42.26 2.43 12.27
C ASN B 466 43.68 1.99 12.63
N ARG B 467 44.17 2.47 13.77
CA ARG B 467 45.54 2.16 14.16
C ARG B 467 45.73 0.69 14.48
N THR B 468 44.68 0.01 14.95
CA THR B 468 44.79 -1.41 15.24
C THR B 468 45.09 -2.22 13.97
N THR B 469 44.39 -1.90 12.87
CA THR B 469 44.62 -2.62 11.63
C THR B 469 46.01 -2.32 11.07
N PHE B 470 46.46 -1.06 11.21
CA PHE B 470 47.81 -0.72 10.77
C PHE B 470 48.86 -1.47 11.57
N LEU B 471 48.67 -1.56 12.89
CA LEU B 471 49.59 -2.35 13.71
C LEU B 471 49.57 -3.82 13.29
N ASN B 472 48.38 -4.35 13.01
CA ASN B 472 48.26 -5.75 12.60
C ASN B 472 49.02 -6.00 11.30
N ILE B 473 48.86 -5.10 10.31
CA ILE B 473 49.51 -5.31 9.03
C ILE B 473 51.02 -5.09 9.13
N ILE B 474 51.46 -4.19 10.01
CA ILE B 474 52.90 -4.02 10.22
C ILE B 474 53.48 -5.25 10.89
N GLN B 475 52.76 -5.82 11.86
CA GLN B 475 53.20 -7.05 12.51
C GLN B 475 53.26 -8.20 11.52
N ALA B 476 52.29 -8.27 10.60
CA ALA B 476 52.27 -9.36 9.63
C ALA B 476 53.47 -9.31 8.70
N ASN B 477 53.97 -8.11 8.41
CA ASN B 477 55.14 -7.92 7.54
C ASN B 477 56.07 -6.92 8.24
N VAL B 478 57.00 -7.45 9.04
CA VAL B 478 57.90 -6.59 9.80
C VAL B 478 59.10 -6.13 8.97
N GLY B 479 59.47 -6.89 7.93
CA GLY B 479 60.65 -6.53 7.15
C GLY B 479 60.52 -5.18 6.45
N ASP B 480 59.33 -4.86 5.95
CA ASP B 480 59.13 -3.62 5.23
C ASP B 480 58.93 -2.42 6.13
N GLY B 481 58.82 -2.62 7.45
CA GLY B 481 58.61 -1.50 8.37
C GLY B 481 59.80 -0.59 8.51
N THR B 482 61.01 -1.09 8.23
CA THR B 482 62.19 -0.23 8.29
C THR B 482 62.13 0.87 7.25
N ILE B 483 61.53 0.61 6.08
CA ILE B 483 61.38 1.65 5.08
C ILE B 483 60.49 2.77 5.59
N ILE B 484 59.37 2.40 6.23
CA ILE B 484 58.48 3.40 6.81
C ILE B 484 59.18 4.18 7.91
N MET B 485 59.94 3.49 8.76
CA MET B 485 60.63 4.17 9.85
C MET B 485 61.67 5.16 9.31
N ASN B 486 62.45 4.75 8.31
CA ASN B 486 63.43 5.66 7.72
C ASN B 486 62.75 6.82 7.03
N ASN B 487 61.63 6.57 6.35
CA ASN B 487 60.89 7.64 5.68
C ASN B 487 60.38 8.66 6.68
N LEU B 488 59.88 8.19 7.83
CA LEU B 488 59.48 9.12 8.89
C LEU B 488 60.68 9.89 9.44
N LEU B 489 61.81 9.20 9.62
CA LEU B 489 62.95 9.82 10.29
C LEU B 489 63.61 10.89 9.43
N GLN B 490 63.90 10.59 8.16
CA GLN B 490 64.77 11.44 7.36
C GLN B 490 64.05 12.61 6.68
N HIS B 491 62.72 12.61 6.66
CA HIS B 491 62.00 13.62 5.90
C HIS B 491 61.57 14.83 6.72
N LEU B 492 62.03 14.94 7.96
CA LEU B 492 61.74 16.14 8.74
C LEU B 492 62.62 17.29 8.28
N LYS B 493 62.12 18.08 7.33
CA LYS B 493 62.99 19.01 6.60
C LYS B 493 62.61 20.49 6.73
N GLU B 494 61.88 20.89 7.78
CA GLU B 494 61.61 22.31 7.98
C GLU B 494 62.18 22.76 9.32
N MET B 495 62.21 24.08 9.52
CA MET B 495 62.88 24.68 10.66
C MET B 495 62.23 24.23 11.96
N ASN B 496 63.06 23.89 12.95
CA ASN B 496 62.68 23.51 14.31
C ASN B 496 61.96 22.16 14.35
N ASP B 497 61.67 21.58 13.19
CA ASP B 497 60.81 20.39 13.15
C ASP B 497 61.50 19.14 13.67
N PRO B 498 62.69 18.75 13.19
CA PRO B 498 63.30 17.52 13.75
C PRO B 498 63.52 17.61 15.25
N VAL B 499 63.89 18.78 15.76
CA VAL B 499 64.17 18.89 17.19
C VAL B 499 62.87 18.87 18.00
N MET B 500 61.80 19.53 17.52
CA MET B 500 60.57 19.47 18.30
C MET B 500 59.98 18.06 18.26
N THR B 501 60.21 17.33 17.16
CA THR B 501 59.73 15.96 17.09
C THR B 501 60.56 15.02 17.95
N ASN B 502 61.87 15.27 18.05
CA ASN B 502 62.79 14.38 18.73
C ASN B 502 63.20 14.90 20.10
N VAL B 503 62.47 15.86 20.66
CA VAL B 503 62.71 16.31 22.04
C VAL B 503 62.84 15.12 22.98
N LEU B 504 62.07 14.05 22.73
CA LEU B 504 62.20 12.82 23.50
C LEU B 504 62.32 11.57 22.64
N LEU B 505 62.12 11.69 21.31
CA LEU B 505 62.20 10.52 20.45
C LEU B 505 63.60 9.93 20.44
N GLU B 506 64.62 10.76 20.19
CA GLU B 506 65.99 10.26 20.13
C GLU B 506 66.41 9.68 21.48
N ILE B 507 65.88 10.23 22.58
CA ILE B 507 66.10 9.63 23.89
C ILE B 507 65.47 8.25 23.95
N GLU B 508 64.25 8.11 23.43
CA GLU B 508 63.51 6.86 23.50
C GLU B 508 63.60 6.03 22.22
N ASN B 509 64.39 6.46 21.23
CA ASN B 509 64.57 5.68 20.02
C ASN B 509 65.40 4.42 20.30
N SER C 54 -7.75 -37.34 0.51
CA SER C 54 -8.80 -38.14 -0.12
C SER C 54 -10.07 -37.33 -0.27
N VAL C 55 -10.55 -36.77 0.84
CA VAL C 55 -11.77 -35.96 0.82
C VAL C 55 -11.47 -34.51 0.49
N SER C 56 -10.58 -33.87 1.26
CA SER C 56 -10.21 -32.49 1.01
C SER C 56 -9.36 -32.32 -0.23
N SER C 57 -8.82 -33.41 -0.79
CA SER C 57 -8.05 -33.33 -2.02
C SER C 57 -8.95 -33.19 -3.25
N SER C 58 -10.18 -33.70 -3.18
CA SER C 58 -11.07 -33.68 -4.34
C SER C 58 -12.05 -32.51 -4.31
N LEU C 59 -12.27 -31.89 -3.15
CA LEU C 59 -13.15 -30.74 -3.08
C LEU C 59 -12.47 -29.44 -3.49
N LEU C 60 -11.14 -29.45 -3.63
CA LEU C 60 -10.44 -28.24 -4.06
C LEU C 60 -10.81 -27.80 -5.46
N PRO C 61 -10.83 -28.66 -6.49
CA PRO C 61 -11.19 -28.19 -7.82
C PRO C 61 -12.65 -27.75 -7.89
N ALA C 62 -12.91 -26.83 -8.81
CA ALA C 62 -14.23 -26.23 -8.97
C ALA C 62 -15.14 -27.01 -9.90
N PHE C 63 -14.65 -28.06 -10.57
CA PHE C 63 -15.46 -28.79 -11.54
C PHE C 63 -15.37 -30.30 -11.33
N GLY C 64 -15.12 -30.73 -10.09
CA GLY C 64 -15.18 -32.14 -9.77
C GLY C 64 -13.97 -32.92 -10.21
N THR C 65 -14.01 -34.23 -9.92
CA THR C 65 -12.94 -35.16 -10.27
C THR C 65 -13.55 -36.47 -10.76
N PHE C 66 -12.76 -37.20 -11.55
CA PHE C 66 -13.20 -38.50 -12.05
C PHE C 66 -13.28 -39.50 -10.91
N ILE C 67 -14.24 -40.42 -11.00
CA ILE C 67 -14.53 -41.38 -9.94
C ILE C 67 -14.37 -42.79 -10.49
N GLU C 68 -13.60 -43.62 -9.78
CA GLU C 68 -13.39 -45.01 -10.21
C GLU C 68 -13.21 -45.90 -8.97
N ASP C 69 -14.22 -46.69 -8.66
CA ASP C 69 -14.13 -47.83 -7.74
C ASP C 69 -13.39 -47.47 -6.45
N ASP C 70 -13.97 -46.54 -5.70
CA ASP C 70 -13.43 -46.14 -4.42
C ASP C 70 -14.33 -46.68 -3.31
N ASN C 71 -13.92 -46.50 -2.05
CA ASN C 71 -14.70 -47.05 -0.95
C ASN C 71 -16.02 -46.34 -0.64
N PRO C 72 -16.23 -45.02 -0.93
CA PRO C 72 -17.52 -44.44 -0.57
C PRO C 72 -18.55 -44.65 -1.67
N SER C 73 -18.63 -45.86 -2.20
CA SER C 73 -19.64 -46.17 -3.21
C SER C 73 -21.02 -46.29 -2.59
N SER C 74 -21.11 -46.72 -1.33
CA SER C 74 -22.36 -46.84 -0.58
C SER C 74 -23.34 -47.69 -1.40
N LYS C 75 -24.61 -47.34 -1.45
CA LYS C 75 -25.57 -48.06 -2.29
C LYS C 75 -25.30 -47.73 -3.76
N PRO C 76 -25.47 -48.71 -4.65
CA PRO C 76 -25.26 -48.47 -6.08
C PRO C 76 -26.26 -47.50 -6.69
N PHE C 77 -27.16 -46.92 -5.91
CA PHE C 77 -28.13 -45.94 -6.39
C PHE C 77 -27.90 -44.55 -5.81
N ILE C 78 -26.68 -44.28 -5.34
CA ILE C 78 -26.33 -43.00 -4.74
C ILE C 78 -25.24 -42.35 -5.56
N VAL C 79 -25.35 -41.03 -5.74
CA VAL C 79 -24.37 -40.24 -6.47
C VAL C 79 -23.69 -39.30 -5.49
N LEU C 80 -22.36 -39.19 -5.59
CA LEU C 80 -21.60 -38.32 -4.71
C LEU C 80 -21.77 -36.86 -5.14
N HIS C 81 -21.49 -35.96 -4.20
CA HIS C 81 -21.71 -34.54 -4.42
C HIS C 81 -20.49 -33.80 -4.94
N PHE C 82 -19.39 -34.50 -5.20
CA PHE C 82 -18.22 -33.91 -5.84
C PHE C 82 -17.87 -34.59 -7.15
N ASP C 83 -18.76 -35.42 -7.68
CA ASP C 83 -18.52 -36.11 -8.93
C ASP C 83 -18.51 -35.11 -10.09
N ARG C 84 -17.90 -35.53 -11.20
CA ARG C 84 -17.85 -34.67 -12.38
C ARG C 84 -19.18 -34.62 -13.12
N ARG C 85 -19.92 -35.72 -13.14
CA ARG C 85 -21.21 -35.73 -13.82
C ARG C 85 -22.23 -34.85 -13.10
N TYR C 86 -22.10 -34.68 -11.80
CA TYR C 86 -22.99 -33.81 -11.05
C TYR C 86 -22.58 -32.35 -11.09
N ARG C 87 -21.37 -32.05 -11.56
CA ARG C 87 -20.92 -30.67 -11.69
C ARG C 87 -21.11 -30.09 -13.09
N LEU C 88 -21.45 -30.93 -14.07
CA LEU C 88 -21.86 -30.46 -15.38
C LEU C 88 -23.38 -30.35 -15.51
N TRP C 89 -24.11 -30.63 -14.44
CA TRP C 89 -25.56 -30.47 -14.41
C TRP C 89 -26.00 -29.19 -13.72
N GLU C 90 -25.21 -28.68 -12.77
CA GLU C 90 -25.52 -27.40 -12.14
C GLU C 90 -25.20 -26.23 -13.06
N LEU C 91 -24.21 -26.38 -13.94
CA LEU C 91 -23.91 -25.32 -14.89
C LEU C 91 -25.07 -25.11 -15.86
N PHE C 92 -25.73 -26.19 -16.26
CA PHE C 92 -26.90 -26.08 -17.14
C PHE C 92 -28.01 -25.28 -16.47
N LEU C 93 -28.27 -25.55 -15.19
CA LEU C 93 -29.28 -24.79 -14.46
C LEU C 93 -28.87 -23.35 -14.29
N VAL C 94 -27.57 -23.09 -14.08
CA VAL C 94 -27.12 -21.71 -13.95
C VAL C 94 -27.30 -20.96 -15.26
N ILE C 95 -27.06 -21.64 -16.39
CA ILE C 95 -27.29 -21.01 -17.69
C ILE C 95 -28.78 -20.71 -17.88
N LEU C 96 -29.66 -21.66 -17.51
CA LEU C 96 -31.09 -21.41 -17.65
C LEU C 96 -31.61 -20.38 -16.66
N VAL C 97 -30.86 -20.09 -15.58
CA VAL C 97 -31.27 -19.02 -14.68
C VAL C 97 -31.22 -17.67 -15.38
N GLY C 98 -30.34 -17.52 -16.38
CA GLY C 98 -30.23 -16.24 -17.07
C GLY C 98 -31.45 -15.89 -17.89
N TYR C 99 -32.27 -16.89 -18.23
CA TYR C 99 -33.48 -16.63 -19.00
C TYR C 99 -34.69 -16.40 -18.10
N SER C 100 -34.67 -16.92 -16.88
CA SER C 100 -35.84 -16.87 -16.00
C SER C 100 -35.86 -15.65 -15.10
N ALA C 101 -34.83 -14.80 -15.16
CA ALA C 101 -34.86 -13.51 -14.48
C ALA C 101 -35.25 -12.37 -15.40
N TRP C 102 -34.98 -12.52 -16.71
CA TRP C 102 -35.40 -11.52 -17.69
C TRP C 102 -36.91 -11.59 -17.92
N ALA C 103 -37.44 -12.81 -18.08
CA ALA C 103 -38.82 -12.97 -18.53
C ALA C 103 -39.82 -12.49 -17.48
N SER C 104 -39.55 -12.74 -16.20
CA SER C 104 -40.49 -12.33 -15.16
C SER C 104 -40.67 -10.82 -15.15
N LEU C 105 -39.56 -10.08 -15.14
CA LEU C 105 -39.65 -8.63 -15.16
C LEU C 105 -40.26 -8.12 -16.46
N PHE C 106 -39.90 -8.72 -17.59
CA PHE C 106 -40.45 -8.27 -18.86
C PHE C 106 -41.95 -8.49 -18.93
N GLU C 107 -42.46 -9.54 -18.29
CA GLU C 107 -43.89 -9.80 -18.28
C GLU C 107 -44.63 -9.11 -17.15
N LEU C 108 -43.91 -8.56 -16.17
CA LEU C 108 -44.57 -7.77 -15.14
C LEU C 108 -45.23 -6.53 -15.72
N ALA C 109 -44.52 -5.82 -16.60
CA ALA C 109 -44.97 -4.53 -17.13
C ALA C 109 -45.71 -4.68 -18.46
N PHE C 110 -45.07 -5.27 -19.46
CA PHE C 110 -45.63 -5.35 -20.81
C PHE C 110 -46.71 -6.43 -20.84
N GLU C 111 -47.89 -6.05 -20.36
CA GLU C 111 -49.06 -6.91 -20.45
C GLU C 111 -49.36 -7.23 -21.91
N LYS C 112 -50.15 -8.28 -22.11
CA LYS C 112 -50.55 -8.85 -23.40
C LYS C 112 -49.38 -9.44 -24.17
N ALA C 113 -48.18 -9.45 -23.59
CA ALA C 113 -47.08 -10.26 -24.10
C ALA C 113 -47.02 -11.63 -23.45
N ALA C 114 -47.87 -11.89 -22.45
CA ALA C 114 -47.84 -13.15 -21.73
C ALA C 114 -48.41 -14.31 -22.54
N GLU C 115 -49.05 -14.02 -23.68
CA GLU C 115 -49.62 -15.05 -24.53
C GLU C 115 -48.81 -15.14 -25.82
N GLY C 116 -48.33 -16.34 -26.12
CA GLY C 116 -47.45 -16.56 -27.25
C GLY C 116 -46.51 -17.71 -26.95
N ALA C 117 -45.31 -17.64 -27.54
CA ALA C 117 -44.32 -18.69 -27.32
C ALA C 117 -43.79 -18.67 -25.88
N LEU C 118 -43.81 -17.50 -25.23
CA LEU C 118 -43.31 -17.41 -23.86
C LEU C 118 -44.11 -18.29 -22.92
N LEU C 119 -45.40 -18.48 -23.19
CA LEU C 119 -46.22 -19.36 -22.36
C LEU C 119 -45.72 -20.80 -22.42
N THR C 120 -45.29 -21.24 -23.60
CA THR C 120 -44.76 -22.60 -23.73
C THR C 120 -43.36 -22.72 -23.13
N ILE C 121 -42.52 -21.70 -23.36
CA ILE C 121 -41.15 -21.77 -22.85
C ILE C 121 -41.14 -21.74 -21.33
N ASP C 122 -42.06 -20.99 -20.71
CA ASP C 122 -42.10 -20.91 -19.26
C ASP C 122 -42.48 -22.24 -18.60
N LEU C 123 -43.03 -23.18 -19.36
CA LEU C 123 -43.30 -24.51 -18.86
C LEU C 123 -42.18 -25.49 -19.20
N VAL C 124 -41.64 -25.38 -20.41
CA VAL C 124 -40.53 -26.24 -20.79
C VAL C 124 -39.33 -26.01 -19.87
N VAL C 125 -39.09 -24.77 -19.48
CA VAL C 125 -38.01 -24.47 -18.54
C VAL C 125 -38.36 -24.97 -17.14
N ASP C 126 -39.61 -24.80 -16.72
CA ASP C 126 -40.00 -25.18 -15.35
C ASP C 126 -39.93 -26.68 -15.15
N PHE C 127 -40.08 -27.46 -16.22
CA PHE C 127 -40.02 -28.92 -16.07
C PHE C 127 -38.70 -29.38 -15.46
N PHE C 128 -37.58 -28.79 -15.88
CA PHE C 128 -36.28 -29.20 -15.37
C PHE C 128 -36.12 -28.86 -13.89
N PHE C 129 -36.54 -27.66 -13.48
CA PHE C 129 -36.49 -27.31 -12.08
C PHE C 129 -37.45 -28.13 -11.25
N ALA C 130 -38.47 -28.72 -11.88
CA ALA C 130 -39.30 -29.71 -11.19
C ALA C 130 -38.57 -31.03 -11.01
N VAL C 131 -37.85 -31.46 -12.05
CA VAL C 131 -37.11 -32.72 -11.98
C VAL C 131 -36.01 -32.66 -10.93
N ASP C 132 -35.39 -31.49 -10.78
CA ASP C 132 -34.30 -31.35 -9.81
C ASP C 132 -34.76 -31.66 -8.39
N ILE C 133 -36.01 -31.33 -8.05
CA ILE C 133 -36.50 -31.59 -6.71
C ILE C 133 -36.61 -33.08 -6.44
N ILE C 134 -37.04 -33.85 -7.45
CA ILE C 134 -37.02 -35.31 -7.33
C ILE C 134 -35.59 -35.81 -7.20
N LEU C 135 -34.66 -35.21 -7.96
CA LEU C 135 -33.28 -35.68 -7.95
C LEU C 135 -32.61 -35.45 -6.60
N THR C 136 -32.97 -34.38 -5.90
CA THR C 136 -32.20 -33.98 -4.71
C THR C 136 -32.30 -34.95 -3.54
N PHE C 137 -33.05 -36.06 -3.65
CA PHE C 137 -33.14 -37.03 -2.57
C PHE C 137 -32.13 -38.16 -2.69
N PHE C 138 -31.29 -38.16 -3.71
CA PHE C 138 -30.29 -39.21 -3.90
C PHE C 138 -28.87 -38.63 -3.86
N VAL C 139 -28.68 -37.55 -3.12
CA VAL C 139 -27.41 -36.83 -3.09
C VAL C 139 -26.91 -36.77 -1.65
N SER C 140 -25.66 -37.20 -1.45
CA SER C 140 -25.04 -37.19 -0.14
C SER C 140 -24.60 -35.77 0.24
N TYR C 141 -24.40 -35.57 1.54
CA TYR C 141 -23.92 -34.30 2.07
C TYR C 141 -22.81 -34.53 3.06
N LEU C 142 -21.94 -33.55 3.22
CA LEU C 142 -20.76 -33.65 4.06
C LEU C 142 -21.04 -32.99 5.40
N ASP C 143 -20.99 -33.78 6.47
CA ASP C 143 -21.26 -33.29 7.81
C ASP C 143 -20.13 -32.38 8.28
N ASN C 144 -20.41 -31.58 9.32
CA ASN C 144 -19.46 -30.59 9.78
C ASN C 144 -18.76 -30.97 11.08
N THR C 145 -19.48 -31.52 12.06
CA THR C 145 -18.84 -31.98 13.27
C THR C 145 -17.88 -33.14 12.99
N THR C 146 -18.30 -34.06 12.13
CA THR C 146 -17.46 -35.16 11.66
C THR C 146 -17.29 -35.01 10.16
N TYR C 147 -16.05 -34.94 9.69
CA TYR C 147 -15.81 -34.73 8.27
C TYR C 147 -16.18 -35.92 7.41
N LEU C 148 -16.75 -36.98 7.99
CA LEU C 148 -17.33 -38.05 7.20
C LEU C 148 -18.55 -37.53 6.47
N ASN C 149 -18.77 -38.03 5.25
CA ASN C 149 -19.91 -37.62 4.44
C ASN C 149 -21.04 -38.63 4.62
N VAL C 150 -22.21 -38.14 5.04
CA VAL C 150 -23.35 -39.01 5.30
C VAL C 150 -23.91 -39.52 3.97
N THR C 151 -24.11 -40.82 3.87
CA THR C 151 -24.61 -41.47 2.68
C THR C 151 -25.73 -42.46 3.01
N ASP C 152 -26.66 -42.03 3.85
CA ASP C 152 -27.82 -42.84 4.22
C ASP C 152 -29.08 -42.13 3.79
N HIS C 153 -29.97 -42.85 3.10
CA HIS C 153 -31.19 -42.24 2.57
C HIS C 153 -32.08 -41.71 3.68
N LYS C 154 -32.24 -42.47 4.76
CA LYS C 154 -33.07 -42.01 5.87
C LYS C 154 -32.50 -40.76 6.53
N LEU C 155 -31.17 -40.63 6.56
CA LEU C 155 -30.55 -39.46 7.17
C LEU C 155 -30.62 -38.23 6.28
N ILE C 156 -30.56 -38.42 4.95
CA ILE C 156 -30.64 -37.27 4.04
C ILE C 156 -32.07 -36.88 3.71
N ALA C 157 -33.05 -37.76 3.93
CA ALA C 157 -34.44 -37.40 3.69
C ALA C 157 -35.00 -36.47 4.77
N LYS C 158 -34.47 -36.57 5.99
CA LYS C 158 -34.91 -35.69 7.07
C LYS C 158 -34.18 -34.36 7.08
N ARG C 159 -33.01 -34.28 6.46
CA ARG C 159 -32.26 -33.02 6.44
C ARG C 159 -32.96 -31.97 5.59
N TYR C 160 -33.63 -32.38 4.52
CA TYR C 160 -34.20 -31.45 3.55
C TYR C 160 -35.59 -30.96 3.96
N LEU C 161 -36.43 -31.84 4.50
CA LEU C 161 -37.80 -31.46 4.85
C LEU C 161 -37.87 -30.47 6.00
N LYS C 162 -36.78 -30.25 6.72
CA LYS C 162 -36.76 -29.33 7.85
C LYS C 162 -36.06 -28.01 7.53
N SER C 163 -35.97 -27.65 6.25
CA SER C 163 -35.31 -26.43 5.83
C SER C 163 -36.26 -25.58 4.99
N VAL C 164 -36.11 -24.26 5.12
CA VAL C 164 -36.94 -23.33 4.36
C VAL C 164 -36.66 -23.41 2.86
N ALA C 165 -35.50 -23.94 2.47
CA ALA C 165 -35.19 -24.08 1.06
C ALA C 165 -36.19 -24.97 0.35
N PHE C 166 -36.70 -26.00 1.02
CA PHE C 166 -37.68 -26.89 0.41
C PHE C 166 -38.97 -26.15 0.09
N VAL C 167 -39.49 -25.39 1.06
CA VAL C 167 -40.75 -24.68 0.85
C VAL C 167 -40.58 -23.58 -0.18
N MET C 168 -39.42 -22.89 -0.17
CA MET C 168 -39.20 -21.86 -1.18
C MET C 168 -39.07 -22.45 -2.57
N ASP C 169 -38.41 -23.61 -2.69
CA ASP C 169 -38.26 -24.26 -3.98
C ASP C 169 -39.61 -24.72 -4.51
N VAL C 170 -40.48 -25.24 -3.65
CA VAL C 170 -41.77 -25.69 -4.13
C VAL C 170 -42.68 -24.50 -4.43
N ALA C 171 -42.47 -23.37 -3.76
CA ALA C 171 -43.27 -22.18 -4.03
C ALA C 171 -42.84 -21.49 -5.33
N SER C 172 -41.55 -21.53 -5.65
CA SER C 172 -41.00 -20.82 -6.80
C SER C 172 -41.03 -21.64 -8.08
N THR C 173 -41.91 -22.63 -8.17
CA THR C 173 -42.03 -23.43 -9.39
C THR C 173 -43.49 -23.70 -9.78
N LEU C 174 -44.45 -22.98 -9.21
CA LEU C 174 -45.86 -23.22 -9.47
C LEU C 174 -46.35 -22.32 -10.60
N PRO C 175 -46.99 -22.87 -11.64
CA PRO C 175 -47.55 -22.03 -12.70
C PRO C 175 -48.80 -21.31 -12.21
N ILE C 176 -48.71 -19.99 -12.10
CA ILE C 176 -49.83 -19.20 -11.59
C ILE C 176 -50.79 -18.81 -12.69
N GLN C 177 -50.28 -18.29 -13.81
CA GLN C 177 -51.16 -17.82 -14.88
C GLN C 177 -51.80 -18.98 -15.63
N PHE C 178 -51.04 -20.04 -15.89
CA PHE C 178 -51.57 -21.17 -16.65
C PHE C 178 -52.71 -21.87 -15.90
N ILE C 179 -52.54 -22.08 -14.60
CA ILE C 179 -53.57 -22.74 -13.81
C ILE C 179 -54.78 -21.83 -13.63
N TYR C 180 -54.54 -20.53 -13.44
CA TYR C 180 -55.64 -19.60 -13.18
C TYR C 180 -56.62 -19.55 -14.34
N LYS C 181 -56.11 -19.51 -15.58
CA LYS C 181 -57.00 -19.44 -16.73
C LYS C 181 -57.70 -20.76 -17.00
N THR C 182 -57.17 -21.88 -16.50
CA THR C 182 -57.85 -23.16 -16.68
C THR C 182 -59.17 -23.19 -15.94
N ILE C 183 -59.20 -22.66 -14.71
CA ILE C 183 -60.42 -22.65 -13.90
C ILE C 183 -61.19 -21.34 -14.03
N THR C 184 -60.51 -20.21 -13.86
CA THR C 184 -61.13 -18.90 -13.96
C THR C 184 -61.09 -18.42 -15.42
N GLY C 185 -61.37 -17.15 -15.64
CA GLY C 185 -61.35 -16.59 -16.98
C GLY C 185 -59.95 -16.68 -17.58
N ASP C 186 -59.89 -16.64 -18.92
CA ASP C 186 -58.64 -16.84 -19.63
C ASP C 186 -57.62 -15.74 -19.38
N VAL C 187 -58.06 -14.56 -18.93
CA VAL C 187 -57.19 -13.41 -18.75
C VAL C 187 -57.27 -12.96 -17.30
N GLY C 188 -56.11 -12.80 -16.67
CA GLY C 188 -56.03 -12.26 -15.32
C GLY C 188 -55.58 -10.81 -15.34
N ARG C 189 -56.16 -10.01 -14.44
CA ARG C 189 -55.89 -8.58 -14.39
C ARG C 189 -56.17 -8.08 -12.97
N GLY C 190 -56.07 -6.78 -12.80
CA GLY C 190 -56.41 -6.17 -11.52
C GLY C 190 -55.42 -5.15 -11.00
N GLN C 191 -54.41 -4.82 -11.82
CA GLN C 191 -53.35 -3.87 -11.47
C GLN C 191 -52.48 -4.38 -10.34
N ALA C 192 -52.82 -5.54 -9.77
CA ALA C 192 -52.02 -6.15 -8.71
C ALA C 192 -51.66 -7.58 -9.07
N PHE C 193 -52.57 -8.29 -9.74
CA PHE C 193 -52.35 -9.68 -10.12
C PHE C 193 -51.29 -9.73 -11.20
N GLY C 194 -50.08 -10.12 -10.82
CA GLY C 194 -48.93 -10.02 -11.69
C GLY C 194 -47.68 -9.67 -10.90
N PHE C 195 -47.87 -9.24 -9.66
CA PHE C 195 -46.76 -9.12 -8.72
C PHE C 195 -46.31 -10.47 -8.18
N LEU C 196 -47.08 -11.54 -8.44
CA LEU C 196 -46.61 -12.88 -8.13
C LEU C 196 -45.54 -13.36 -9.09
N ASN C 197 -45.27 -12.60 -10.16
CA ASN C 197 -44.16 -12.91 -11.05
C ASN C 197 -42.81 -12.64 -10.41
N LEU C 198 -42.78 -12.00 -9.25
CA LEU C 198 -41.53 -11.73 -8.55
C LEU C 198 -41.08 -12.90 -7.68
N LEU C 199 -41.86 -13.98 -7.62
CA LEU C 199 -41.44 -15.16 -6.88
C LEU C 199 -40.23 -15.82 -7.53
N ARG C 200 -40.15 -15.80 -8.85
CA ARG C 200 -39.08 -16.46 -9.58
C ARG C 200 -37.75 -15.72 -9.50
N LEU C 201 -37.64 -14.70 -8.65
CA LEU C 201 -36.36 -14.03 -8.42
C LEU C 201 -35.59 -14.67 -7.27
N TRP C 202 -36.02 -15.83 -6.79
CA TRP C 202 -35.32 -16.57 -5.75
C TRP C 202 -34.15 -17.39 -6.27
N ARG C 203 -34.07 -17.58 -7.60
CA ARG C 203 -33.08 -18.45 -8.19
C ARG C 203 -31.76 -17.76 -8.52
N LEU C 204 -31.47 -16.61 -7.89
CA LEU C 204 -30.17 -15.95 -8.06
C LEU C 204 -29.13 -16.48 -7.09
N ARG C 205 -29.56 -17.26 -6.09
CA ARG C 205 -28.62 -17.84 -5.14
C ARG C 205 -27.65 -18.80 -5.84
N ARG C 206 -28.08 -19.43 -6.93
CA ARG C 206 -27.19 -20.36 -7.62
C ARG C 206 -26.04 -19.63 -8.31
N VAL C 207 -26.33 -18.49 -8.94
CA VAL C 207 -25.25 -17.68 -9.52
C VAL C 207 -24.34 -17.15 -8.42
N ALA C 208 -24.93 -16.65 -7.32
CA ALA C 208 -24.11 -16.16 -6.22
C ALA C 208 -23.22 -17.27 -5.65
N GLU C 209 -23.70 -18.51 -5.67
CA GLU C 209 -22.89 -19.63 -5.18
C GLU C 209 -21.79 -20.01 -6.16
N LEU C 210 -22.11 -20.00 -7.46
CA LEU C 210 -21.09 -20.31 -8.46
C LEU C 210 -19.95 -19.31 -8.42
N PHE C 211 -20.25 -18.03 -8.18
CA PHE C 211 -19.19 -17.05 -8.14
C PHE C 211 -18.40 -17.06 -6.83
N LYS C 212 -18.54 -18.12 -6.02
CA LYS C 212 -17.66 -18.35 -4.89
C LYS C 212 -16.76 -19.57 -5.07
N ARG C 213 -17.11 -20.47 -5.98
CA ARG C 213 -16.28 -21.63 -6.27
C ARG C 213 -15.20 -21.36 -7.31
N LEU C 214 -15.21 -20.18 -7.94
CA LEU C 214 -14.25 -19.86 -8.97
C LEU C 214 -13.10 -18.98 -8.46
N GLU C 215 -13.33 -18.22 -7.39
CA GLU C 215 -12.27 -17.37 -6.87
C GLU C 215 -11.23 -18.16 -6.10
N LYS C 216 -11.65 -19.22 -5.39
CA LYS C 216 -10.72 -20.01 -4.58
C LYS C 216 -9.74 -20.79 -5.43
N ASP C 217 -10.12 -21.21 -6.64
CA ASP C 217 -9.23 -21.95 -7.50
C ASP C 217 -8.06 -21.07 -7.95
N ALA C 218 -6.92 -21.71 -8.19
CA ALA C 218 -5.74 -21.03 -8.67
C ALA C 218 -5.47 -21.26 -10.15
N HIS C 219 -6.24 -22.14 -10.81
CA HIS C 219 -6.13 -22.34 -12.24
C HIS C 219 -6.72 -21.20 -13.05
N PHE C 220 -7.43 -20.27 -12.40
CA PHE C 220 -8.15 -19.20 -13.07
C PHE C 220 -7.57 -17.85 -12.65
N ASN C 221 -7.71 -16.86 -13.53
CA ASN C 221 -7.23 -15.52 -13.28
C ASN C 221 -8.01 -14.89 -12.12
N TYR C 222 -7.58 -13.69 -11.73
CA TYR C 222 -8.27 -12.90 -10.72
C TYR C 222 -8.63 -11.51 -11.21
N PHE C 223 -8.10 -11.07 -12.34
CA PHE C 223 -8.51 -9.84 -13.00
C PHE C 223 -9.64 -10.07 -13.99
N VAL C 224 -9.89 -11.32 -14.38
CA VAL C 224 -10.88 -11.61 -15.40
C VAL C 224 -12.18 -12.08 -14.75
N ILE C 225 -12.08 -12.67 -13.56
CA ILE C 225 -13.27 -13.19 -12.90
C ILE C 225 -13.94 -12.14 -12.02
N ARG C 226 -13.18 -11.19 -11.48
CA ARG C 226 -13.78 -10.14 -10.67
C ARG C 226 -14.20 -8.93 -11.50
N VAL C 227 -14.06 -8.99 -12.82
CA VAL C 227 -14.56 -7.95 -13.70
C VAL C 227 -15.76 -8.41 -14.52
N ILE C 228 -15.98 -9.72 -14.66
CA ILE C 228 -17.21 -10.23 -15.25
C ILE C 228 -18.36 -10.21 -14.25
N LYS C 229 -18.07 -10.03 -12.97
CA LYS C 229 -19.11 -9.86 -11.97
C LYS C 229 -19.57 -8.41 -11.85
N LEU C 230 -19.02 -7.50 -12.67
CA LEU C 230 -19.44 -6.11 -12.69
C LEU C 230 -20.28 -5.77 -13.90
N LEU C 231 -20.64 -6.74 -14.72
CA LEU C 231 -21.55 -6.53 -15.84
C LEU C 231 -22.97 -6.98 -15.52
N CYS C 232 -23.11 -8.16 -14.92
CA CYS C 232 -24.43 -8.70 -14.62
C CYS C 232 -25.19 -7.78 -13.67
N VAL C 233 -24.51 -7.27 -12.64
CA VAL C 233 -25.18 -6.44 -11.64
C VAL C 233 -25.76 -5.18 -12.30
N THR C 234 -24.93 -4.47 -13.07
CA THR C 234 -25.39 -3.23 -13.69
C THR C 234 -26.47 -3.48 -14.73
N ILE C 235 -26.34 -4.54 -15.52
CA ILE C 235 -27.34 -4.80 -16.54
C ILE C 235 -28.68 -5.15 -15.90
N PHE C 236 -28.67 -5.94 -14.82
CA PHE C 236 -29.90 -6.25 -14.10
C PHE C 236 -30.50 -4.98 -13.51
N TRP C 237 -29.66 -4.10 -12.95
CA TRP C 237 -30.14 -2.85 -12.37
C TRP C 237 -30.86 -2.01 -13.43
N ILE C 238 -30.25 -1.87 -14.61
CA ILE C 238 -30.85 -1.09 -15.69
C ILE C 238 -32.18 -1.70 -16.12
N HIS C 239 -32.21 -3.02 -16.29
CA HIS C 239 -33.43 -3.71 -16.68
C HIS C 239 -34.56 -3.44 -15.69
N LEU C 240 -34.27 -3.61 -14.40
CA LEU C 240 -35.28 -3.40 -13.36
C LEU C 240 -35.84 -1.98 -13.41
N ALA C 241 -34.94 -0.98 -13.48
CA ALA C 241 -35.39 0.41 -13.45
C ALA C 241 -36.27 0.73 -14.66
N GLY C 242 -35.86 0.29 -15.85
CA GLY C 242 -36.66 0.59 -17.03
C GLY C 242 -38.04 -0.04 -16.97
N CYS C 243 -38.11 -1.33 -16.59
CA CYS C 243 -39.41 -1.98 -16.54
C CYS C 243 -40.32 -1.34 -15.50
N ILE C 244 -39.79 -0.96 -14.34
CA ILE C 244 -40.61 -0.34 -13.31
C ILE C 244 -41.15 1.01 -13.80
N LEU C 245 -40.31 1.81 -14.46
CA LEU C 245 -40.79 3.10 -14.95
C LEU C 245 -41.90 2.96 -15.98
N TYR C 246 -41.73 2.03 -16.93
CA TYR C 246 -42.79 1.84 -17.92
C TYR C 246 -44.08 1.37 -17.26
N TRP C 247 -43.97 0.49 -16.25
CA TRP C 247 -45.18 0.05 -15.56
C TRP C 247 -45.89 1.20 -14.86
N ILE C 248 -45.12 2.09 -14.22
CA ILE C 248 -45.74 3.25 -13.59
C ILE C 248 -46.47 4.09 -14.63
N ALA C 249 -45.85 4.28 -15.79
CA ALA C 249 -46.46 5.15 -16.80
C ALA C 249 -47.72 4.54 -17.41
N TYR C 250 -47.77 3.20 -17.54
CA TYR C 250 -48.90 2.58 -18.24
C TYR C 250 -50.21 2.82 -17.50
N HIS C 251 -50.23 2.68 -16.18
CA HIS C 251 -51.47 2.72 -15.40
C HIS C 251 -51.68 4.12 -14.82
N TYR C 252 -52.05 5.05 -15.68
CA TYR C 252 -52.34 6.40 -15.25
C TYR C 252 -53.64 6.89 -15.86
N PRO C 253 -54.40 7.73 -15.13
CA PRO C 253 -55.66 8.25 -15.67
C PRO C 253 -55.51 9.01 -16.98
N ARG C 254 -54.67 10.05 -17.00
CA ARG C 254 -54.54 10.90 -18.18
C ARG C 254 -53.35 10.44 -19.01
N PRO C 255 -53.57 10.01 -20.26
CA PRO C 255 -52.47 9.49 -21.07
C PRO C 255 -51.55 10.55 -21.65
N THR C 256 -51.91 11.83 -21.59
CA THR C 256 -51.11 12.91 -22.16
C THR C 256 -50.34 13.69 -21.11
N ASP C 257 -50.22 13.15 -19.90
CA ASP C 257 -49.45 13.77 -18.82
C ASP C 257 -48.45 12.79 -18.26
N THR C 258 -47.73 12.11 -19.15
CA THR C 258 -46.70 11.15 -18.77
C THR C 258 -45.41 11.49 -19.51
N TRP C 259 -44.35 10.73 -19.21
CA TRP C 259 -43.06 11.01 -19.84
C TRP C 259 -43.03 10.57 -21.30
N ILE C 260 -43.85 9.58 -21.67
CA ILE C 260 -43.85 9.08 -23.03
C ILE C 260 -45.10 9.56 -23.75
N GLY C 261 -46.16 9.84 -22.99
CA GLY C 261 -47.40 10.29 -23.59
C GLY C 261 -47.37 11.72 -24.08
N SER C 262 -46.35 12.49 -23.72
CA SER C 262 -46.20 13.85 -24.20
C SER C 262 -45.29 13.97 -25.42
N GLN C 263 -44.73 12.84 -25.88
CA GLN C 263 -43.94 12.81 -27.11
C GLN C 263 -44.60 11.96 -28.19
N VAL C 264 -44.94 10.72 -27.87
CA VAL C 264 -45.68 9.86 -28.77
C VAL C 264 -47.13 9.86 -28.31
N GLU C 265 -48.05 10.21 -29.21
CA GLU C 265 -49.44 10.43 -28.81
C GLU C 265 -50.07 9.16 -28.27
N ASP C 266 -49.84 8.03 -28.92
CA ASP C 266 -50.43 6.75 -28.53
C ASP C 266 -49.32 5.71 -28.42
N PHE C 267 -48.68 5.64 -27.25
CA PHE C 267 -47.70 4.58 -27.03
C PHE C 267 -48.36 3.21 -26.94
N LYS C 268 -49.60 3.16 -26.44
CA LYS C 268 -50.38 1.94 -26.55
C LYS C 268 -50.80 1.70 -27.99
N GLU C 269 -51.26 0.49 -28.26
CA GLU C 269 -51.69 0.08 -29.61
C GLU C 269 -50.56 0.17 -30.63
N ARG C 270 -49.32 0.12 -30.15
CA ARG C 270 -48.14 0.07 -30.99
C ARG C 270 -47.38 -1.22 -30.68
N SER C 271 -46.20 -1.36 -31.29
CA SER C 271 -45.37 -2.53 -31.05
C SER C 271 -44.79 -2.49 -29.63
N VAL C 272 -44.50 -3.67 -29.09
CA VAL C 272 -43.93 -3.77 -27.76
C VAL C 272 -42.48 -3.29 -27.74
N TRP C 273 -41.72 -3.63 -28.78
CA TRP C 273 -40.29 -3.32 -28.79
C TRP C 273 -40.04 -1.82 -28.96
N LEU C 274 -40.99 -1.11 -29.60
CA LEU C 274 -40.88 0.34 -29.67
C LEU C 274 -40.98 0.96 -28.28
N GLY C 275 -41.84 0.42 -27.43
CA GLY C 275 -41.88 0.86 -26.04
C GLY C 275 -40.72 0.37 -25.21
N TYR C 276 -40.09 -0.73 -25.63
CA TYR C 276 -38.93 -1.25 -24.90
C TYR C 276 -37.69 -0.40 -25.12
N THR C 277 -37.45 0.02 -26.37
CA THR C 277 -36.23 0.76 -26.68
C THR C 277 -36.19 2.11 -25.96
N TYR C 278 -37.32 2.82 -25.90
CA TYR C 278 -37.34 4.11 -25.23
C TYR C 278 -37.00 3.99 -23.75
N SER C 279 -37.55 2.99 -23.08
CA SER C 279 -37.34 2.83 -21.65
C SER C 279 -36.00 2.19 -21.31
N MET C 280 -35.31 1.58 -22.27
CA MET C 280 -33.91 1.25 -22.03
C MET C 280 -33.00 2.46 -22.27
N TYR C 281 -33.34 3.27 -23.28
CA TYR C 281 -32.55 4.46 -23.59
C TYR C 281 -32.56 5.46 -22.45
N TRP C 282 -33.74 5.69 -21.86
CA TRP C 282 -33.82 6.61 -20.73
C TRP C 282 -32.97 6.14 -19.55
N SER C 283 -33.03 4.85 -19.23
CA SER C 283 -32.28 4.33 -18.08
C SER C 283 -30.78 4.41 -18.31
N ILE C 284 -30.31 4.06 -19.51
CA ILE C 284 -28.89 4.10 -19.77
C ILE C 284 -28.38 5.53 -19.87
N VAL C 285 -29.24 6.50 -20.21
CA VAL C 285 -28.80 7.89 -20.17
C VAL C 285 -28.76 8.43 -18.75
N THR C 286 -29.75 8.08 -17.91
CA THR C 286 -29.75 8.57 -16.54
C THR C 286 -28.59 7.98 -15.73
N LEU C 287 -28.34 6.68 -15.86
CA LEU C 287 -27.07 6.16 -15.39
C LEU C 287 -25.95 6.70 -16.27
N THR C 288 -24.73 6.71 -15.74
CA THR C 288 -23.54 7.29 -16.36
C THR C 288 -23.54 8.82 -16.34
N THR C 289 -24.64 9.44 -15.87
CA THR C 289 -24.71 10.87 -15.56
C THR C 289 -24.56 11.78 -16.78
N VAL C 290 -24.97 11.33 -17.95
CA VAL C 290 -25.21 12.22 -19.08
C VAL C 290 -26.69 12.58 -19.06
N GLY C 291 -27.01 13.84 -19.32
CA GLY C 291 -28.41 14.17 -19.42
C GLY C 291 -28.78 15.07 -20.57
N TYR C 292 -29.59 14.57 -21.50
CA TYR C 292 -30.25 15.43 -22.46
C TYR C 292 -31.60 15.87 -21.92
N GLY C 293 -32.24 16.79 -22.63
CA GLY C 293 -33.60 17.16 -22.28
C GLY C 293 -34.59 16.38 -23.11
N ASP C 294 -34.12 15.28 -23.70
CA ASP C 294 -34.94 14.47 -24.59
C ASP C 294 -36.18 13.95 -23.87
N LEU C 295 -35.99 13.29 -22.73
CA LEU C 295 -37.08 12.67 -21.99
C LEU C 295 -36.89 12.94 -20.51
N HIS C 296 -37.95 13.38 -19.83
CA HIS C 296 -37.88 13.70 -18.41
C HIS C 296 -39.24 13.40 -17.77
N ALA C 297 -39.36 13.69 -16.48
CA ALA C 297 -40.53 13.35 -15.68
C ALA C 297 -41.47 14.54 -15.55
N VAL C 298 -42.78 14.27 -15.64
CA VAL C 298 -43.79 15.33 -15.68
C VAL C 298 -44.76 15.22 -14.52
N ASN C 299 -45.00 13.99 -14.04
CA ASN C 299 -45.98 13.75 -12.99
C ASN C 299 -45.40 14.09 -11.61
N SER C 300 -46.13 13.72 -10.56
CA SER C 300 -45.61 13.71 -9.21
C SER C 300 -45.49 12.31 -8.64
N ARG C 301 -46.00 11.30 -9.35
CA ARG C 301 -45.79 9.91 -8.98
C ARG C 301 -44.43 9.38 -9.42
N GLU C 302 -43.82 10.00 -10.43
CA GLU C 302 -42.56 9.54 -10.98
C GLU C 302 -41.38 10.44 -10.67
N LYS C 303 -41.62 11.68 -10.25
CA LYS C 303 -40.53 12.50 -9.72
C LYS C 303 -39.90 11.85 -8.49
N THR C 304 -40.74 11.29 -7.61
CA THR C 304 -40.23 10.64 -6.40
C THR C 304 -39.40 9.40 -6.74
N PHE C 305 -39.89 8.58 -7.66
CA PHE C 305 -39.13 7.41 -8.08
C PHE C 305 -37.82 7.82 -8.73
N ASN C 306 -37.83 8.89 -9.52
CA ASN C 306 -36.59 9.35 -10.13
C ASN C 306 -35.59 9.82 -9.07
N MET C 307 -36.06 10.55 -8.06
CA MET C 307 -35.19 10.98 -6.96
C MET C 307 -34.55 9.77 -6.28
N PHE C 308 -35.36 8.77 -5.94
CA PHE C 308 -34.81 7.62 -5.24
C PHE C 308 -33.90 6.78 -6.12
N TYR C 309 -34.15 6.77 -7.44
CA TYR C 309 -33.25 6.07 -8.35
C TYR C 309 -31.91 6.77 -8.47
N MET C 310 -31.93 8.11 -8.51
CA MET C 310 -30.68 8.86 -8.62
C MET C 310 -29.89 8.89 -7.32
N LEU C 311 -30.54 8.73 -6.16
CA LEU C 311 -29.80 8.74 -4.90
C LEU C 311 -29.03 7.45 -4.67
N PHE C 312 -29.54 6.32 -5.13
CA PHE C 312 -28.86 5.03 -4.95
C PHE C 312 -27.70 4.83 -5.91
N ASN C 313 -27.61 5.61 -6.99
CA ASN C 313 -26.60 5.40 -8.01
C ASN C 313 -25.25 6.00 -7.65
N ILE C 314 -25.17 6.80 -6.58
CA ILE C 314 -23.88 7.32 -6.13
C ILE C 314 -22.98 6.18 -5.67
N GLY C 315 -23.53 5.26 -4.87
CA GLY C 315 -22.76 4.21 -4.25
C GLY C 315 -22.34 3.07 -5.15
N LEU C 316 -22.81 3.05 -6.40
CA LEU C 316 -22.42 2.03 -7.38
C LEU C 316 -21.35 2.53 -8.33
N THR C 317 -21.51 3.74 -8.86
CA THR C 317 -20.46 4.34 -9.66
C THR C 317 -19.28 4.78 -8.80
N SER C 318 -19.50 4.98 -7.50
CA SER C 318 -18.40 5.20 -6.57
C SER C 318 -17.80 3.91 -6.05
N TYR C 319 -18.32 2.76 -6.48
CA TYR C 319 -17.83 1.45 -6.11
C TYR C 319 -17.11 0.73 -7.23
N ILE C 320 -17.50 0.98 -8.49
CA ILE C 320 -16.75 0.43 -9.61
C ILE C 320 -15.31 0.94 -9.61
N ILE C 321 -15.13 2.22 -9.32
CA ILE C 321 -13.79 2.81 -9.30
C ILE C 321 -12.95 2.19 -8.19
N GLY C 322 -13.56 1.91 -7.04
CA GLY C 322 -12.83 1.34 -5.92
C GLY C 322 -12.30 -0.06 -6.16
N ILE C 323 -12.74 -0.73 -7.24
CA ILE C 323 -12.23 -2.03 -7.62
C ILE C 323 -11.26 -1.93 -8.79
N MET C 324 -11.61 -1.11 -9.79
CA MET C 324 -10.70 -0.95 -10.92
C MET C 324 -9.44 -0.17 -10.53
N THR C 325 -9.44 0.49 -9.37
CA THR C 325 -8.20 1.06 -8.85
C THR C 325 -7.37 0.00 -8.13
N ASN C 326 -8.03 -0.85 -7.34
CA ASN C 326 -7.33 -1.90 -6.60
C ASN C 326 -6.61 -2.85 -7.54
N LEU C 327 -7.26 -3.27 -8.62
CA LEU C 327 -6.63 -4.22 -9.54
C LEU C 327 -5.34 -3.65 -10.11
N VAL C 328 -5.40 -2.41 -10.61
CA VAL C 328 -4.23 -1.81 -11.24
C VAL C 328 -3.14 -1.55 -10.21
N VAL C 329 -3.52 -1.11 -9.00
CA VAL C 329 -2.51 -0.82 -7.99
C VAL C 329 -1.78 -2.10 -7.59
N HIS C 330 -2.52 -3.18 -7.37
CA HIS C 330 -1.90 -4.40 -6.88
C HIS C 330 -1.29 -5.27 -7.98
N GLY C 331 -1.47 -4.91 -9.24
CA GLY C 331 -0.80 -5.67 -10.27
C GLY C 331 0.57 -5.17 -10.70
N ALA C 332 1.13 -4.15 -10.04
CA ALA C 332 2.31 -3.46 -10.53
C ALA C 332 3.33 -3.20 -9.41
N LEU C 333 3.69 -4.22 -8.64
CA LEU C 333 4.64 -4.05 -7.54
C LEU C 333 6.00 -4.67 -7.79
N ARG C 334 6.04 -5.91 -8.28
CA ARG C 334 7.33 -6.59 -8.48
C ARG C 334 8.21 -5.84 -9.49
N THR C 335 7.61 -5.40 -10.60
CA THR C 335 8.35 -4.62 -11.58
C THR C 335 8.84 -3.31 -10.96
N PHE C 336 8.02 -2.70 -10.10
CA PHE C 336 8.44 -1.49 -9.41
C PHE C 336 9.71 -1.73 -8.60
N ALA C 337 9.72 -2.81 -7.81
CA ALA C 337 10.89 -3.09 -6.97
C ALA C 337 12.14 -3.37 -7.81
N MET C 338 12.00 -4.23 -8.82
CA MET C 338 13.18 -4.59 -9.62
C MET C 338 13.69 -3.40 -10.41
N ARG C 339 12.79 -2.59 -10.97
CA ARG C 339 13.21 -1.39 -11.70
C ARG C 339 13.83 -0.37 -10.75
N SER C 340 13.37 -0.31 -9.51
CA SER C 340 14.03 0.55 -8.53
C SER C 340 15.46 0.10 -8.28
N ALA C 341 15.67 -1.21 -8.18
CA ALA C 341 17.03 -1.72 -8.03
C ALA C 341 17.90 -1.37 -9.24
N ILE C 342 17.37 -1.57 -10.44
CA ILE C 342 18.14 -1.24 -11.65
C ILE C 342 18.48 0.24 -11.70
N ASN C 343 17.49 1.10 -11.43
CA ASN C 343 17.73 2.54 -11.47
C ASN C 343 18.73 2.97 -10.41
N ASP C 344 18.68 2.34 -9.22
CA ASP C 344 19.64 2.67 -8.18
C ASP C 344 21.06 2.28 -8.58
N ILE C 345 21.23 1.09 -9.16
CA ILE C 345 22.58 0.65 -9.51
C ILE C 345 23.13 1.45 -10.69
N LEU C 346 22.31 1.70 -11.71
CA LEU C 346 22.82 2.31 -12.93
C LEU C 346 23.29 3.74 -12.73
N ARG C 347 22.82 4.39 -11.66
CA ARG C 347 23.22 5.78 -11.41
C ARG C 347 24.65 5.86 -10.89
N TYR C 348 25.13 4.81 -10.24
CA TYR C 348 26.48 4.82 -9.69
C TYR C 348 27.54 4.61 -10.77
N THR C 349 27.22 3.83 -11.80
CA THR C 349 28.21 3.42 -12.80
C THR C 349 28.39 4.44 -13.92
N SER C 350 27.70 5.58 -13.88
CA SER C 350 27.80 6.54 -14.96
C SER C 350 28.53 7.81 -14.50
N LYS C 351 28.15 8.34 -13.34
CA LYS C 351 28.74 9.59 -12.88
C LYS C 351 30.21 9.42 -12.52
N ASN C 352 30.62 8.23 -12.10
CA ASN C 352 32.00 7.95 -11.74
C ASN C 352 32.81 7.37 -12.89
N ARG C 353 32.19 7.11 -14.03
CA ARG C 353 32.89 6.71 -15.26
C ARG C 353 33.70 5.43 -15.05
N LEU C 354 33.09 4.45 -14.39
CA LEU C 354 33.69 3.13 -14.27
C LEU C 354 33.53 2.35 -15.57
N PRO C 355 34.42 1.40 -15.85
CA PRO C 355 34.38 0.70 -17.14
C PRO C 355 33.14 -0.18 -17.32
N ASP C 356 33.03 -0.81 -18.49
CA ASP C 356 31.82 -1.55 -18.82
C ASP C 356 31.74 -2.87 -18.07
N THR C 357 32.87 -3.57 -17.95
CA THR C 357 32.87 -4.87 -17.27
C THR C 357 32.48 -4.74 -15.81
N MET C 358 32.93 -3.68 -15.15
CA MET C 358 32.62 -3.48 -13.75
C MET C 358 31.11 -3.29 -13.54
N ARG C 359 30.47 -2.53 -14.41
CA ARG C 359 29.02 -2.38 -14.35
C ARG C 359 28.32 -3.70 -14.66
N GLU C 360 28.83 -4.42 -15.66
CA GLU C 360 28.20 -5.66 -16.09
C GLU C 360 28.22 -6.70 -14.98
N GLN C 361 29.34 -6.82 -14.26
CA GLN C 361 29.41 -7.80 -13.19
C GLN C 361 28.45 -7.45 -12.05
N MET C 362 28.36 -6.16 -11.70
CA MET C 362 27.41 -5.72 -10.68
C MET C 362 25.97 -6.00 -11.10
N LEU C 363 25.62 -5.77 -12.36
CA LEU C 363 24.28 -6.04 -12.83
C LEU C 363 23.96 -7.53 -12.90
N ALA C 364 24.96 -8.36 -13.24
CA ALA C 364 24.73 -9.80 -13.32
C ALA C 364 24.67 -10.44 -11.95
N HIS C 365 25.36 -9.87 -10.95
CA HIS C 365 25.38 -10.49 -9.63
C HIS C 365 24.07 -10.32 -8.87
N MET C 366 23.34 -9.23 -9.11
CA MET C 366 22.15 -8.96 -8.31
C MET C 366 21.02 -9.94 -8.62
N GLN C 367 20.98 -10.47 -9.85
CA GLN C 367 19.87 -11.30 -10.26
C GLN C 367 19.75 -12.55 -9.40
N LEU C 368 20.88 -13.13 -8.99
CA LEU C 368 20.83 -14.36 -8.20
C LEU C 368 20.24 -14.11 -6.81
N LYS C 369 20.39 -12.90 -6.26
CA LYS C 369 19.88 -12.60 -4.94
C LYS C 369 18.36 -12.72 -4.90
N PHE C 370 17.68 -12.23 -5.93
CA PHE C 370 16.22 -12.37 -5.99
C PHE C 370 15.82 -13.83 -6.09
N LYS C 371 16.59 -14.64 -6.80
CA LYS C 371 16.31 -16.07 -6.86
C LYS C 371 16.47 -16.73 -5.50
N THR C 372 17.50 -16.35 -4.74
CA THR C 372 17.65 -16.89 -3.39
C THR C 372 16.47 -16.50 -2.53
N ALA C 373 16.01 -15.25 -2.62
CA ALA C 373 14.82 -14.85 -1.88
C ALA C 373 13.60 -15.67 -2.29
N GLU C 374 13.46 -15.92 -3.59
CA GLU C 374 12.32 -16.70 -4.09
C GLU C 374 12.32 -18.11 -3.51
N LEU C 375 13.45 -18.81 -3.63
CA LEU C 375 13.53 -20.16 -3.04
C LEU C 375 13.36 -20.12 -1.52
N ARG C 376 13.76 -19.03 -0.87
CA ARG C 376 13.48 -18.91 0.56
C ARG C 376 12.01 -18.69 0.84
N GLN C 377 11.24 -18.21 -0.13
CA GLN C 377 9.81 -17.96 0.05
C GLN C 377 8.95 -19.09 -0.53
N GLU C 378 9.54 -20.27 -0.73
CA GLU C 378 8.79 -21.42 -1.23
C GLU C 378 8.70 -22.55 -0.20
N GLU C 379 8.94 -22.25 1.07
CA GLU C 379 8.85 -23.26 2.12
C GLU C 379 7.53 -23.11 2.87
N VAL C 380 6.77 -24.20 2.94
CA VAL C 380 5.45 -24.19 3.56
C VAL C 380 5.32 -25.16 4.72
N LEU C 381 6.21 -26.14 4.86
CA LEU C 381 6.16 -27.10 5.96
C LEU C 381 6.78 -26.51 7.21
N GLN C 382 5.99 -25.72 7.94
CA GLN C 382 6.45 -25.20 9.22
C GLN C 382 5.70 -25.79 10.40
N ASP C 383 4.37 -25.71 10.42
CA ASP C 383 3.59 -26.06 11.61
C ASP C 383 2.69 -27.27 11.39
N LEU C 384 2.99 -28.10 10.39
CA LEU C 384 2.28 -29.35 10.25
C LEU C 384 2.68 -30.30 11.37
N PRO C 385 1.83 -31.26 11.72
CA PRO C 385 2.17 -32.22 12.78
C PRO C 385 3.43 -33.00 12.45
N LYS C 386 4.15 -33.40 13.50
CA LYS C 386 5.46 -34.01 13.35
C LYS C 386 5.42 -35.28 12.50
N ALA C 387 4.28 -35.98 12.49
CA ALA C 387 4.19 -37.26 11.78
C ALA C 387 4.29 -37.10 10.27
N ILE C 388 4.20 -35.88 9.74
CA ILE C 388 4.36 -35.64 8.31
C ILE C 388 5.71 -35.01 8.01
N ARG C 389 6.17 -34.10 8.87
CA ARG C 389 7.51 -33.53 8.71
C ARG C 389 8.56 -34.63 8.78
N SER C 390 8.40 -35.58 9.70
CA SER C 390 9.35 -36.67 9.80
C SER C 390 9.39 -37.51 8.52
N SER C 391 8.21 -37.81 7.96
CA SER C 391 8.16 -38.58 6.73
C SER C 391 8.83 -37.84 5.57
N ILE C 392 8.53 -36.55 5.44
CA ILE C 392 9.12 -35.77 4.35
C ILE C 392 10.63 -35.71 4.49
N ASN C 393 11.11 -35.45 5.71
CA ASN C 393 12.56 -35.38 5.94
C ASN C 393 13.23 -36.72 5.66
N GLN C 394 12.62 -37.81 6.13
CA GLN C 394 13.18 -39.13 5.86
C GLN C 394 13.21 -39.44 4.37
N HIS C 395 12.24 -38.93 3.61
CA HIS C 395 12.25 -39.14 2.17
C HIS C 395 13.28 -38.27 1.47
N LEU C 396 13.61 -37.11 2.04
CA LEU C 396 14.47 -36.16 1.34
C LEU C 396 15.94 -36.23 1.74
N PHE C 397 16.26 -36.59 2.98
CA PHE C 397 17.61 -36.40 3.49
C PHE C 397 18.28 -37.63 4.10
N ARG C 398 17.62 -38.79 4.15
CA ARG C 398 18.20 -39.93 4.84
C ARG C 398 19.42 -40.51 4.12
N SER C 399 19.43 -40.48 2.78
CA SER C 399 20.47 -41.18 2.04
C SER C 399 21.84 -40.60 2.29
N ILE C 400 21.97 -39.28 2.33
CA ILE C 400 23.27 -38.64 2.39
C ILE C 400 23.87 -38.58 3.79
N ILE C 401 23.04 -38.67 4.84
CA ILE C 401 23.58 -38.62 6.20
C ILE C 401 24.39 -39.88 6.50
N GLU C 402 23.93 -41.03 6.01
CA GLU C 402 24.62 -42.29 6.28
C GLU C 402 26.01 -42.31 5.67
N GLU C 403 26.18 -41.73 4.49
CA GLU C 403 27.48 -41.72 3.82
C GLU C 403 28.36 -40.59 4.32
N ALA C 404 28.53 -40.51 5.64
CA ALA C 404 29.40 -39.53 6.27
C ALA C 404 30.54 -40.26 6.97
N TYR C 405 31.75 -39.70 6.86
CA TYR C 405 32.92 -40.42 7.37
C TYR C 405 32.86 -40.58 8.88
N LEU C 406 32.35 -39.57 9.59
CA LEU C 406 32.18 -39.72 11.03
C LEU C 406 30.99 -40.63 11.36
N PHE C 407 29.91 -40.51 10.61
CA PHE C 407 28.71 -41.32 10.84
C PHE C 407 28.80 -42.61 10.02
N LYS C 408 29.67 -43.50 10.48
CA LYS C 408 29.81 -44.83 9.89
C LYS C 408 29.80 -45.87 11.00
N GLY C 409 29.02 -46.93 10.82
CA GLY C 409 28.84 -47.90 11.87
C GLY C 409 28.04 -47.39 13.05
N PHE C 410 27.25 -46.33 12.84
CA PHE C 410 26.50 -45.70 13.90
C PHE C 410 25.23 -46.50 14.21
N PRO C 411 24.80 -46.48 15.47
CA PRO C 411 23.53 -47.16 15.81
C PRO C 411 22.36 -46.59 15.04
N GLU C 412 21.43 -47.47 14.66
CA GLU C 412 20.27 -47.06 13.87
C GLU C 412 19.22 -46.33 14.70
N GLY C 413 19.27 -46.46 16.04
CA GLY C 413 18.28 -45.81 16.86
C GLY C 413 18.37 -44.29 16.83
N LEU C 414 19.58 -43.75 16.91
CA LEU C 414 19.75 -42.30 16.96
C LEU C 414 19.50 -41.64 15.61
N LEU C 415 19.73 -42.36 14.51
CA LEU C 415 19.58 -41.77 13.18
C LEU C 415 18.14 -41.36 12.91
N VAL C 416 17.17 -42.03 13.53
CA VAL C 416 15.76 -41.75 13.25
C VAL C 416 15.41 -40.32 13.67
N GLN C 417 15.80 -39.93 14.89
CA GLN C 417 15.57 -38.57 15.36
C GLN C 417 16.73 -37.64 15.06
N LEU C 418 17.80 -38.13 14.43
CA LEU C 418 18.78 -37.23 13.83
C LEU C 418 18.27 -36.64 12.52
N VAL C 419 17.53 -37.45 11.74
CA VAL C 419 16.98 -36.98 10.47
C VAL C 419 15.93 -35.90 10.68
N SER C 420 15.21 -35.90 11.79
CA SER C 420 14.18 -34.91 12.03
C SER C 420 14.78 -33.62 12.59
N GLN C 421 13.90 -32.64 12.80
CA GLN C 421 14.24 -31.29 13.28
C GLN C 421 15.49 -30.70 12.60
N ILE C 422 15.63 -30.93 11.30
CA ILE C 422 16.68 -30.27 10.52
C ILE C 422 16.01 -29.33 9.53
N GLN C 423 16.54 -28.11 9.44
CA GLN C 423 15.99 -27.10 8.54
C GLN C 423 17.02 -26.79 7.45
N ALA C 424 16.62 -26.94 6.20
CA ALA C 424 17.53 -26.70 5.08
C ALA C 424 17.80 -25.21 4.93
N GLU C 425 18.96 -24.91 4.35
CA GLU C 425 19.40 -23.55 4.11
C GLU C 425 19.67 -23.33 2.63
N TYR C 426 19.95 -22.08 2.27
CA TYR C 426 20.24 -21.72 0.89
C TYR C 426 21.14 -20.50 0.90
N PHE C 427 22.19 -20.52 0.09
CA PHE C 427 23.18 -19.45 0.11
C PHE C 427 23.59 -19.05 -1.30
N PRO C 428 23.77 -17.75 -1.54
CA PRO C 428 24.33 -17.29 -2.81
C PRO C 428 25.81 -17.64 -2.90
N PRO C 429 26.38 -17.70 -4.09
CA PRO C 429 27.80 -18.02 -4.21
C PRO C 429 28.68 -16.88 -3.71
N LYS C 430 29.90 -17.25 -3.34
CA LYS C 430 30.94 -16.30 -2.92
C LYS C 430 30.49 -15.49 -1.71
N MET C 431 30.29 -16.22 -0.60
CA MET C 431 29.89 -15.60 0.66
C MET C 431 30.46 -16.40 1.81
N GLU C 432 30.90 -15.70 2.86
CA GLU C 432 31.43 -16.37 4.04
C GLU C 432 30.31 -17.05 4.82
N ILE C 433 30.63 -18.20 5.42
CA ILE C 433 29.75 -18.87 6.37
C ILE C 433 30.43 -19.10 7.71
N ILE C 434 31.68 -19.58 7.71
CA ILE C 434 32.47 -19.75 8.91
C ILE C 434 33.74 -18.93 8.77
N LEU C 435 34.00 -18.05 9.73
CA LEU C 435 35.18 -17.19 9.71
C LEU C 435 36.32 -17.87 10.45
N GLN C 436 37.38 -17.10 10.73
CA GLN C 436 38.56 -17.62 11.41
C GLN C 436 38.68 -17.00 12.80
N ASN C 437 39.21 -17.79 13.74
CA ASN C 437 39.48 -17.36 15.11
C ASN C 437 38.20 -16.88 15.79
N GLU C 438 37.26 -17.82 15.95
CA GLU C 438 35.98 -17.51 16.58
C GLU C 438 35.53 -18.73 17.38
N ILE C 439 34.62 -18.48 18.31
CA ILE C 439 34.07 -19.57 19.12
C ILE C 439 33.24 -20.50 18.23
N PRO C 440 33.51 -21.80 18.23
CA PRO C 440 32.68 -22.71 17.43
C PRO C 440 31.24 -22.71 17.91
N THR C 441 30.32 -22.83 16.96
CA THR C 441 28.90 -22.84 17.29
C THR C 441 28.16 -24.03 16.71
N ASP C 442 28.56 -24.50 15.53
CA ASP C 442 27.86 -25.58 14.84
C ASP C 442 28.77 -26.10 13.73
N PHE C 443 28.23 -26.98 12.90
CA PHE C 443 28.90 -27.44 11.69
C PHE C 443 27.84 -27.81 10.67
N TYR C 444 28.26 -27.85 9.40
CA TYR C 444 27.34 -27.97 8.28
C TYR C 444 27.62 -29.25 7.50
N VAL C 445 26.62 -29.67 6.72
CA VAL C 445 26.74 -30.82 5.85
C VAL C 445 26.31 -30.40 4.45
N ILE C 446 27.16 -30.67 3.46
CA ILE C 446 26.90 -30.26 2.09
C ILE C 446 25.88 -31.20 1.45
N VAL C 447 25.03 -30.64 0.58
CA VAL C 447 23.95 -31.39 -0.05
C VAL C 447 24.09 -31.40 -1.57
N SER C 448 24.05 -30.23 -2.20
CA SER C 448 23.96 -30.15 -3.65
C SER C 448 24.82 -29.04 -4.26
N GLY C 449 25.99 -28.74 -3.69
CA GLY C 449 26.80 -27.70 -4.27
C GLY C 449 28.25 -27.78 -3.84
N GLY C 450 29.09 -26.98 -4.51
CA GLY C 450 30.49 -26.92 -4.17
C GLY C 450 30.80 -25.86 -3.12
N VAL C 451 32.03 -25.92 -2.60
CA VAL C 451 32.48 -25.01 -1.56
C VAL C 451 34.00 -24.99 -1.56
N ASP C 452 34.58 -23.94 -0.98
CA ASP C 452 36.02 -23.74 -0.96
C ASP C 452 36.50 -23.50 0.46
N ILE C 453 37.74 -23.91 0.73
CA ILE C 453 38.36 -23.79 2.04
C ILE C 453 39.56 -22.86 1.95
N ILE C 454 39.64 -21.92 2.89
CA ILE C 454 40.66 -20.86 2.89
C ILE C 454 41.22 -20.73 4.31
N ALA C 455 42.49 -20.33 4.40
CA ALA C 455 43.11 -20.08 5.70
C ALA C 455 44.20 -19.04 5.53
N SER C 456 43.93 -17.80 5.92
CA SER C 456 44.91 -16.73 5.88
C SER C 456 44.48 -15.62 6.83
N LYS C 457 45.44 -14.79 7.24
CA LYS C 457 45.16 -13.77 8.24
C LYS C 457 44.51 -12.54 7.62
N GLY C 458 45.23 -11.87 6.71
CA GLY C 458 44.72 -10.66 6.08
C GLY C 458 44.64 -10.75 4.56
N VAL C 459 44.77 -11.95 3.99
CA VAL C 459 44.74 -12.14 2.55
C VAL C 459 43.99 -13.43 2.25
N SER C 460 44.14 -13.93 1.03
CA SER C 460 43.52 -15.18 0.62
C SER C 460 44.58 -16.08 -0.02
N GLU C 461 44.54 -17.35 0.35
CA GLU C 461 45.45 -18.36 -0.19
C GLU C 461 44.69 -19.66 -0.35
N GLN C 462 44.48 -20.08 -1.60
CA GLN C 462 43.72 -21.29 -1.87
C GLN C 462 44.48 -22.52 -1.39
N VAL C 463 43.79 -23.37 -0.63
CA VAL C 463 44.38 -24.57 -0.05
C VAL C 463 43.43 -25.74 -0.29
N LEU C 464 43.99 -26.95 -0.26
CA LEU C 464 43.24 -28.20 -0.44
C LEU C 464 42.65 -28.17 -1.84
N ALA C 465 41.36 -28.50 -2.02
CA ALA C 465 40.76 -28.57 -3.35
C ALA C 465 39.26 -28.39 -3.22
N LYS C 466 38.56 -28.64 -4.32
CA LYS C 466 37.11 -28.49 -4.35
C LYS C 466 36.44 -29.57 -3.50
N LEU C 467 35.26 -29.26 -2.98
CA LEU C 467 34.48 -30.18 -2.17
C LEU C 467 33.11 -30.36 -2.80
N GLY C 468 32.78 -31.60 -3.16
CA GLY C 468 31.51 -31.92 -3.75
C GLY C 468 30.48 -32.30 -2.70
N PRO C 469 29.29 -32.69 -3.16
CA PRO C 469 28.24 -33.11 -2.22
C PRO C 469 28.68 -34.31 -1.39
N GLY C 470 28.29 -34.30 -0.11
CA GLY C 470 28.62 -35.39 0.78
C GLY C 470 29.64 -35.02 1.83
N SER C 471 30.36 -33.92 1.62
CA SER C 471 31.40 -33.51 2.54
C SER C 471 30.82 -32.77 3.74
N MET C 472 31.66 -32.59 4.75
CA MET C 472 31.33 -31.84 5.96
C MET C 472 31.95 -30.44 5.88
N ALA C 473 31.86 -29.68 6.96
CA ALA C 473 32.52 -28.40 7.06
C ALA C 473 32.68 -28.03 8.53
N GLY C 474 33.85 -27.52 8.88
CA GLY C 474 34.12 -27.09 10.23
C GLY C 474 34.07 -28.17 11.28
N GLU C 475 34.24 -29.44 10.88
CA GLU C 475 34.15 -30.54 11.81
C GLU C 475 35.36 -30.57 12.74
N ILE C 476 36.49 -30.02 12.28
CA ILE C 476 37.75 -30.15 13.01
C ILE C 476 37.66 -29.43 14.35
N GLY C 477 37.14 -28.21 14.35
CA GLY C 477 37.23 -27.38 15.55
C GLY C 477 36.24 -27.77 16.64
N VAL C 478 35.08 -28.30 16.25
CA VAL C 478 34.01 -28.51 17.22
C VAL C 478 34.36 -29.64 18.18
N VAL C 479 35.07 -30.66 17.70
CA VAL C 479 35.36 -31.81 18.55
C VAL C 479 36.37 -31.45 19.64
N PHE C 480 37.37 -30.64 19.30
CA PHE C 480 38.43 -30.27 20.24
C PHE C 480 38.13 -29.01 21.04
N ASN C 481 36.98 -28.36 20.80
CA ASN C 481 36.60 -27.13 21.48
C ASN C 481 37.65 -26.04 21.29
N ILE C 482 38.18 -25.94 20.07
CA ILE C 482 39.21 -24.97 19.73
C ILE C 482 38.58 -23.97 18.77
N PRO C 483 39.02 -22.71 18.79
CA PRO C 483 38.57 -21.76 17.78
C PRO C 483 38.84 -22.26 16.38
N GLN C 484 37.92 -21.96 15.46
CA GLN C 484 37.93 -22.57 14.14
C GLN C 484 39.24 -22.25 13.43
N PRO C 485 39.95 -23.27 12.92
CA PRO C 485 41.27 -23.06 12.34
C PRO C 485 41.31 -22.72 10.87
N PHE C 486 40.16 -22.59 10.20
CA PHE C 486 40.15 -22.27 8.77
C PHE C 486 39.00 -21.31 8.49
N THR C 487 38.80 -21.00 7.21
CA THR C 487 37.71 -20.17 6.74
C THR C 487 37.17 -20.76 5.45
N VAL C 488 35.85 -20.85 5.35
CA VAL C 488 35.19 -21.55 4.27
C VAL C 488 34.24 -20.59 3.55
N ARG C 489 34.30 -20.59 2.22
CA ARG C 489 33.49 -19.71 1.39
C ARG C 489 32.81 -20.51 0.29
N THR C 490 31.63 -20.05 -0.12
CA THR C 490 30.83 -20.76 -1.11
C THR C 490 31.39 -20.56 -2.51
N ARG C 491 30.90 -21.38 -3.44
CA ARG C 491 31.29 -21.28 -4.84
C ARG C 491 30.10 -21.13 -5.78
N ARG C 492 29.00 -21.84 -5.53
CA ARG C 492 27.82 -21.77 -6.39
C ARG C 492 26.58 -21.85 -5.52
N LEU C 493 25.42 -21.70 -6.16
CA LEU C 493 24.14 -21.75 -5.46
C LEU C 493 23.94 -23.14 -4.90
N SER C 494 24.03 -23.28 -3.58
CA SER C 494 24.00 -24.57 -2.92
C SER C 494 23.08 -24.51 -1.70
N GLN C 495 22.81 -25.69 -1.15
CA GLN C 495 22.02 -25.83 0.07
C GLN C 495 22.80 -26.66 1.07
N VAL C 496 22.67 -26.31 2.35
CA VAL C 496 23.43 -26.95 3.42
C VAL C 496 22.49 -27.29 4.57
N ILE C 497 22.93 -28.22 5.41
CA ILE C 497 22.17 -28.69 6.56
C ILE C 497 22.97 -28.37 7.81
N ARG C 498 22.35 -27.64 8.74
CA ARG C 498 22.98 -27.25 9.99
C ARG C 498 22.51 -28.17 11.12
N ILE C 499 23.38 -28.38 12.10
CA ILE C 499 23.11 -29.33 13.18
C ILE C 499 23.15 -28.63 14.53
N GLY C 500 24.29 -28.07 14.88
CA GLY C 500 24.47 -27.43 16.17
C GLY C 500 25.44 -28.20 17.05
N HIS C 501 25.77 -27.57 18.18
CA HIS C 501 26.74 -28.11 19.12
C HIS C 501 26.11 -28.50 20.45
N HIS C 502 25.25 -27.65 21.01
CA HIS C 502 24.62 -27.95 22.30
C HIS C 502 23.76 -29.19 22.21
N LYS C 503 23.00 -29.34 21.12
CA LYS C 503 22.20 -30.55 20.93
C LYS C 503 23.11 -31.78 20.83
N PHE C 504 24.13 -31.70 19.99
CA PHE C 504 25.01 -32.84 19.73
C PHE C 504 25.80 -33.24 20.97
N LYS C 505 25.99 -32.32 21.93
CA LYS C 505 26.70 -32.68 23.15
C LYS C 505 25.97 -33.78 23.92
N GLU C 506 24.66 -33.65 24.08
CA GLU C 506 23.87 -34.64 24.80
C GLU C 506 23.31 -35.73 23.91
N MET C 507 23.19 -35.48 22.60
CA MET C 507 22.60 -36.47 21.71
C MET C 507 23.43 -37.75 21.67
N VAL C 508 24.76 -37.62 21.62
CA VAL C 508 25.61 -38.80 21.60
C VAL C 508 25.61 -39.50 22.97
N GLN C 509 25.60 -38.72 24.05
CA GLN C 509 25.68 -39.30 25.39
C GLN C 509 24.38 -39.97 25.80
N SER C 510 23.26 -39.63 25.17
CA SER C 510 21.98 -40.19 25.57
C SER C 510 21.85 -41.68 25.25
N ASP C 511 22.62 -42.18 24.28
CA ASP C 511 22.45 -43.54 23.79
C ASP C 511 23.27 -44.53 24.60
N ASN C 512 22.81 -45.78 24.62
CA ASN C 512 23.48 -46.86 25.33
C ASN C 512 24.41 -47.67 24.44
N ASP C 513 24.40 -47.46 23.13
CA ASP C 513 25.25 -48.19 22.20
C ASP C 513 26.43 -47.31 21.85
N VAL C 514 27.45 -47.34 22.70
CA VAL C 514 28.69 -46.58 22.50
C VAL C 514 29.81 -47.55 22.19
N ASP C 515 30.57 -47.26 21.15
CA ASP C 515 31.67 -48.11 20.73
C ASP C 515 32.96 -47.66 21.39
N ALA C 516 34.04 -48.39 21.12
CA ALA C 516 35.32 -48.09 21.75
C ALA C 516 35.95 -46.86 21.12
N LYS C 517 35.29 -45.70 21.28
CA LYS C 517 35.75 -44.43 20.72
C LYS C 517 35.99 -44.55 19.21
N MET C 518 35.09 -45.26 18.53
CA MET C 518 35.19 -45.35 17.08
C MET C 518 35.01 -44.00 16.42
N ILE C 519 34.41 -43.03 17.13
CA ILE C 519 34.42 -41.65 16.66
C ILE C 519 35.86 -41.18 16.48
N ILE C 520 36.69 -41.41 17.50
CA ILE C 520 38.09 -41.03 17.43
C ILE C 520 38.80 -41.80 16.33
N ALA C 521 38.51 -43.09 16.20
CA ALA C 521 39.17 -43.91 15.18
C ALA C 521 38.84 -43.41 13.77
N ASN C 522 37.56 -43.14 13.49
CA ASN C 522 37.18 -42.63 12.18
C ASN C 522 37.76 -41.24 11.94
N PHE C 523 37.75 -40.38 12.96
CA PHE C 523 38.29 -39.04 12.81
C PHE C 523 39.78 -39.09 12.49
N MET C 524 40.53 -39.96 13.19
CA MET C 524 41.96 -40.05 12.95
C MET C 524 42.24 -40.70 11.59
N THR C 525 41.42 -41.67 11.18
CA THR C 525 41.59 -42.27 9.87
C THR C 525 41.38 -41.24 8.76
N TYR C 526 40.36 -40.39 8.90
CA TYR C 526 40.15 -39.34 7.92
C TYR C 526 41.27 -38.29 7.96
N LEU C 527 41.71 -37.92 9.16
CA LEU C 527 42.69 -36.85 9.29
C LEU C 527 44.06 -37.29 8.78
N LYS C 528 44.42 -38.55 8.98
CA LYS C 528 45.71 -39.04 8.51
C LYS C 528 45.82 -38.97 6.99
N GLY C 529 44.75 -39.33 6.30
CA GLY C 529 44.73 -39.28 4.85
C GLY C 529 45.33 -40.52 4.20
N ASP D 54 -26.46 5.58 35.80
CA ASP D 54 -25.87 4.66 34.83
C ASP D 54 -26.93 4.14 33.87
N HIS D 55 -27.53 3.00 34.22
CA HIS D 55 -28.54 2.40 33.36
C HIS D 55 -29.75 3.32 33.19
N LYS D 56 -30.20 3.93 34.30
CA LYS D 56 -31.34 4.83 34.21
C LYS D 56 -31.00 6.10 33.45
N TYR D 57 -29.72 6.49 33.42
CA TYR D 57 -29.32 7.69 32.70
C TYR D 57 -29.19 7.45 31.20
N ARG D 58 -28.83 6.23 30.79
CA ARG D 58 -28.67 5.95 29.38
C ARG D 58 -30.00 6.10 28.62
N ILE D 59 -31.09 5.58 29.19
CA ILE D 59 -32.38 5.63 28.51
C ILE D 59 -32.82 7.07 28.31
N TRP D 60 -32.72 7.89 29.36
CA TRP D 60 -33.13 9.29 29.24
C TRP D 60 -32.21 10.08 28.34
N GLU D 61 -30.91 9.76 28.34
CA GLU D 61 -29.98 10.47 27.47
C GLU D 61 -30.22 10.14 26.01
N ALA D 62 -30.55 8.89 25.70
CA ALA D 62 -30.84 8.49 24.33
C ALA D 62 -32.19 8.99 23.84
N PHE D 63 -33.02 9.54 24.72
CA PHE D 63 -34.33 10.04 24.31
C PHE D 63 -34.20 11.35 23.54
N LEU D 64 -33.34 12.26 24.01
CA LEU D 64 -33.22 13.58 23.38
C LEU D 64 -32.60 13.52 22.00
N VAL D 65 -31.82 12.48 21.69
CA VAL D 65 -31.24 12.33 20.36
C VAL D 65 -32.30 11.98 19.32
N VAL D 66 -33.53 11.69 19.74
CA VAL D 66 -34.60 11.47 18.78
C VAL D 66 -35.27 12.78 18.42
N LEU D 67 -35.37 13.71 19.36
CA LEU D 67 -36.00 15.00 19.08
C LEU D 67 -35.09 15.93 18.29
N VAL D 68 -33.79 15.69 18.29
CA VAL D 68 -32.88 16.56 17.54
C VAL D 68 -33.13 16.42 16.04
N VAL D 69 -33.45 15.22 15.57
CA VAL D 69 -33.76 15.02 14.16
C VAL D 69 -35.04 15.77 13.80
N TYR D 70 -36.05 15.70 14.68
CA TYR D 70 -37.29 16.42 14.44
C TYR D 70 -37.04 17.93 14.37
N THR D 71 -36.22 18.46 15.27
CA THR D 71 -35.91 19.89 15.24
C THR D 71 -35.17 20.27 13.97
N ALA D 72 -34.15 19.47 13.60
CA ALA D 72 -33.37 19.77 12.40
C ALA D 72 -34.19 19.65 11.13
N TRP D 73 -35.27 18.88 11.14
CA TRP D 73 -36.13 18.85 9.95
C TRP D 73 -37.13 20.01 9.97
N VAL D 74 -37.72 20.30 11.12
CA VAL D 74 -38.79 21.30 11.16
C VAL D 74 -38.25 22.70 10.93
N SER D 75 -37.13 23.06 11.57
CA SER D 75 -36.73 24.47 11.58
C SER D 75 -36.48 25.05 10.20
N PRO D 76 -35.75 24.42 9.27
CA PRO D 76 -35.61 25.04 7.94
C PRO D 76 -36.91 25.10 7.16
N PHE D 77 -37.77 24.09 7.30
CA PHE D 77 -39.05 24.11 6.59
C PHE D 77 -39.92 25.26 7.06
N GLU D 78 -39.97 25.49 8.37
CA GLU D 78 -40.73 26.61 8.90
C GLU D 78 -40.07 27.94 8.55
N PHE D 79 -38.75 27.96 8.40
CA PHE D 79 -38.07 29.19 7.99
C PHE D 79 -38.39 29.55 6.55
N GLY D 80 -38.43 28.56 5.66
CA GLY D 80 -38.56 28.83 4.25
C GLY D 80 -39.97 28.84 3.68
N PHE D 81 -40.79 27.84 4.02
CA PHE D 81 -42.06 27.64 3.33
C PHE D 81 -43.24 28.29 4.02
N LEU D 82 -43.08 28.86 5.21
CA LEU D 82 -44.19 29.44 5.95
C LEU D 82 -43.85 30.87 6.36
N ARG D 83 -44.87 31.60 6.78
CA ARG D 83 -44.74 32.99 7.21
C ARG D 83 -45.29 33.24 8.60
N LYS D 84 -46.38 32.60 8.98
CA LYS D 84 -47.03 32.80 10.26
C LYS D 84 -47.35 31.45 10.90
N PRO D 85 -47.39 31.39 12.23
CA PRO D 85 -47.61 30.11 12.90
C PRO D 85 -49.00 29.55 12.60
N ARG D 86 -49.08 28.23 12.55
CA ARG D 86 -50.32 27.52 12.28
C ARG D 86 -50.54 26.44 13.32
N PRO D 87 -51.79 26.10 13.61
CA PRO D 87 -52.10 25.18 14.72
C PRO D 87 -51.38 23.85 14.64
N PRO D 88 -51.38 23.15 13.48
CA PRO D 88 -50.83 21.77 13.50
C PRO D 88 -49.38 21.69 13.93
N LEU D 89 -48.56 22.68 13.59
CA LEU D 89 -47.15 22.66 13.94
C LEU D 89 -46.79 23.56 15.11
N SER D 90 -47.75 24.32 15.66
CA SER D 90 -47.50 25.17 16.80
C SER D 90 -47.92 24.52 18.11
N ILE D 91 -48.01 23.19 18.15
CA ILE D 91 -48.39 22.45 19.34
C ILE D 91 -47.23 21.60 19.85
N THR D 92 -46.62 20.81 18.98
CA THR D 92 -45.49 19.97 19.38
C THR D 92 -44.27 20.78 19.75
N ASP D 93 -44.14 22.01 19.21
CA ASP D 93 -42.99 22.84 19.53
C ASP D 93 -42.94 23.14 21.02
N ASN D 94 -44.08 23.49 21.62
CA ASN D 94 -44.11 23.78 23.06
C ASN D 94 -43.75 22.54 23.87
N ILE D 95 -44.20 21.36 23.43
CA ILE D 95 -43.84 20.13 24.12
C ILE D 95 -42.33 19.90 24.07
N VAL D 96 -41.73 20.12 22.90
CA VAL D 96 -40.28 19.95 22.77
C VAL D 96 -39.54 20.95 23.67
N ASN D 97 -40.02 22.20 23.71
CA ASN D 97 -39.41 23.18 24.61
C ASN D 97 -39.54 22.77 26.06
N ALA D 98 -40.67 22.17 26.44
CA ALA D 98 -40.85 21.69 27.81
C ALA D 98 -39.83 20.59 28.13
N PHE D 99 -39.67 19.62 27.23
CA PHE D 99 -38.68 18.57 27.46
C PHE D 99 -37.28 19.16 27.60
N PHE D 100 -36.91 20.08 26.70
CA PHE D 100 -35.56 20.62 26.76
C PHE D 100 -35.35 21.50 27.99
N ALA D 101 -36.38 22.22 28.43
CA ALA D 101 -36.25 23.01 29.66
C ALA D 101 -36.08 22.10 30.87
N ILE D 102 -36.84 21.00 30.93
CA ILE D 102 -36.66 20.04 32.02
C ILE D 102 -35.27 19.45 31.98
N ASP D 103 -34.72 19.24 30.78
CA ASP D 103 -33.32 18.83 30.67
C ASP D 103 -32.40 19.91 31.22
N ILE D 104 -32.70 21.18 30.94
CA ILE D 104 -31.85 22.28 31.39
C ILE D 104 -31.80 22.34 32.91
N ILE D 105 -32.95 22.21 33.57
CA ILE D 105 -32.95 22.28 35.03
C ILE D 105 -32.21 21.09 35.64
N MET D 106 -32.34 19.91 35.03
CA MET D 106 -31.66 18.71 35.53
C MET D 106 -30.31 18.58 34.82
N THR D 107 -29.37 19.43 35.24
CA THR D 107 -27.99 19.33 34.77
C THR D 107 -26.96 19.61 35.85
N PHE D 108 -27.38 19.85 37.09
CA PHE D 108 -26.45 20.17 38.17
C PHE D 108 -26.11 18.96 39.03
N PHE D 109 -26.95 17.94 39.03
CA PHE D 109 -26.68 16.69 39.76
C PHE D 109 -25.96 15.68 38.87
N VAL D 110 -24.85 16.11 38.28
CA VAL D 110 -24.15 15.34 37.27
C VAL D 110 -22.74 15.03 37.75
N GLY D 111 -22.23 13.88 37.34
CA GLY D 111 -20.86 13.50 37.62
C GLY D 111 -20.16 13.09 36.34
N TYR D 112 -18.86 13.39 36.28
CA TYR D 112 -18.06 13.15 35.09
C TYR D 112 -16.77 12.44 35.46
N LEU D 113 -16.19 11.76 34.48
CA LEU D 113 -14.97 10.98 34.65
C LEU D 113 -13.85 11.59 33.81
N ASP D 114 -12.62 11.38 34.28
CA ASP D 114 -11.44 11.84 33.56
C ASP D 114 -10.24 11.01 34.01
N LYS D 115 -9.18 11.07 33.21
CA LYS D 115 -7.95 10.37 33.57
C LYS D 115 -7.34 10.96 34.85
N SER D 116 -7.32 12.29 34.95
CA SER D 116 -6.78 12.96 36.12
C SER D 116 -7.83 13.23 37.18
N THR D 117 -9.04 13.61 36.80
CA THR D 117 -10.09 13.87 37.76
C THR D 117 -10.67 12.55 38.28
N TYR D 118 -11.38 12.66 39.40
CA TYR D 118 -11.98 11.48 40.02
C TYR D 118 -13.13 10.95 39.18
N LEU D 119 -13.43 9.67 39.38
CA LEU D 119 -14.53 9.03 38.64
C LEU D 119 -15.86 9.71 38.97
N ILE D 120 -16.08 10.05 40.24
CA ILE D 120 -17.28 10.74 40.67
C ILE D 120 -16.88 11.94 41.50
N VAL D 121 -17.24 13.13 41.04
CA VAL D 121 -17.02 14.37 41.77
C VAL D 121 -18.38 14.97 42.09
N ASP D 122 -18.62 15.26 43.37
CA ASP D 122 -19.94 15.64 43.85
C ASP D 122 -20.06 17.06 44.35
N ASP D 123 -18.96 17.80 44.50
CA ASP D 123 -19.06 19.17 45.02
C ASP D 123 -19.82 20.04 44.04
N ARG D 124 -21.03 20.45 44.45
CA ARG D 124 -21.94 21.12 43.52
C ARG D 124 -21.41 22.46 43.05
N LYS D 125 -20.83 23.25 43.96
CA LYS D 125 -20.36 24.58 43.59
C LYS D 125 -19.18 24.50 42.64
N GLN D 126 -18.42 23.41 42.68
CA GLN D 126 -17.29 23.25 41.77
C GLN D 126 -17.76 23.06 40.33
N ILE D 127 -18.87 22.35 40.14
CA ILE D 127 -19.36 22.05 38.80
C ILE D 127 -19.84 23.32 38.11
N ALA D 128 -20.42 24.25 38.88
CA ALA D 128 -21.07 25.41 38.29
C ALA D 128 -20.10 26.28 37.50
N PHE D 129 -18.87 26.45 38.01
CA PHE D 129 -17.90 27.29 37.32
C PHE D 129 -17.52 26.71 35.96
N LYS D 130 -17.55 25.38 35.82
CA LYS D 130 -17.27 24.76 34.53
C LYS D 130 -18.49 24.82 33.62
N TYR D 131 -19.66 24.45 34.14
CA TYR D 131 -20.86 24.37 33.31
C TYR D 131 -21.27 25.74 32.76
N LEU D 132 -21.24 26.77 33.61
CA LEU D 132 -21.68 28.09 33.18
C LEU D 132 -20.76 28.68 32.13
N ARG D 133 -19.51 28.20 32.07
CA ARG D 133 -18.51 28.70 31.14
C ARG D 133 -18.36 27.79 29.91
N SER D 134 -19.28 26.85 29.70
CA SER D 134 -19.16 25.95 28.56
C SER D 134 -20.22 26.21 27.49
N TRP D 135 -21.51 26.04 27.81
CA TRP D 135 -22.54 26.40 26.85
C TRP D 135 -23.80 26.96 27.52
N PHE D 136 -23.67 27.59 28.69
CA PHE D 136 -24.87 28.01 29.40
C PHE D 136 -25.58 29.16 28.69
N LEU D 137 -24.84 30.05 28.04
CA LEU D 137 -25.48 31.17 27.34
C LEU D 137 -26.25 30.68 26.13
N LEU D 138 -25.67 29.79 25.33
CA LEU D 138 -26.30 29.32 24.10
C LEU D 138 -27.36 28.25 24.36
N ASP D 139 -27.30 27.56 25.50
CA ASP D 139 -28.29 26.53 25.78
C ASP D 139 -29.63 27.11 26.23
N LEU D 140 -29.66 28.38 26.62
CA LEU D 140 -30.89 29.01 27.09
C LEU D 140 -31.64 29.74 25.99
N VAL D 141 -30.93 30.29 25.00
CA VAL D 141 -31.58 31.10 23.98
C VAL D 141 -32.51 30.24 23.12
N SER D 142 -32.17 28.98 22.90
CA SER D 142 -33.00 28.10 22.08
C SER D 142 -34.00 27.31 22.92
N THR D 143 -34.73 28.00 23.79
CA THR D 143 -35.85 27.39 24.49
C THR D 143 -37.07 28.28 24.60
N ILE D 144 -36.96 29.58 24.35
CA ILE D 144 -38.11 30.48 24.46
C ILE D 144 -39.11 30.17 23.35
N PRO D 145 -40.39 30.01 23.66
CA PRO D 145 -41.37 29.78 22.60
C PRO D 145 -41.43 30.95 21.62
N SER D 146 -41.62 30.62 20.34
CA SER D 146 -41.61 31.66 19.31
C SER D 146 -42.79 32.61 19.47
N GLU D 147 -43.91 32.13 20.01
CA GLU D 147 -45.07 33.00 20.19
C GLU D 147 -44.78 34.11 21.19
N ALA D 148 -44.00 33.82 22.23
CA ALA D 148 -43.62 34.85 23.18
C ALA D 148 -42.75 35.92 22.51
N ALA D 149 -41.83 35.49 21.64
CA ALA D 149 -40.91 36.40 20.98
C ALA D 149 -41.50 37.06 19.73
N MET D 150 -42.75 36.73 19.38
CA MET D 150 -43.36 37.32 18.19
C MET D 150 -43.61 38.82 18.37
N ARG D 151 -43.86 39.26 19.59
CA ARG D 151 -44.18 40.66 19.84
C ARG D 151 -42.97 41.57 19.71
N ILE D 152 -41.76 41.02 19.66
CA ILE D 152 -40.57 41.85 19.47
C ILE D 152 -40.57 42.46 18.08
N SER D 153 -40.81 41.64 17.06
CA SER D 153 -40.86 42.12 15.68
C SER D 153 -41.60 41.12 14.82
N SER D 154 -42.27 41.62 13.78
CA SER D 154 -42.99 40.74 12.87
C SER D 154 -42.04 39.99 11.95
N GLN D 155 -41.04 40.69 11.41
CA GLN D 155 -40.10 40.07 10.48
C GLN D 155 -39.09 39.16 11.17
N SER D 156 -39.02 39.20 12.50
CA SER D 156 -38.02 38.41 13.23
C SER D 156 -38.45 36.97 13.45
N TYR D 157 -39.66 36.59 13.02
CA TYR D 157 -40.11 35.21 13.18
C TYR D 157 -39.23 34.24 12.40
N GLY D 158 -38.65 34.69 11.28
CA GLY D 158 -37.82 33.80 10.49
C GLY D 158 -36.48 33.52 11.12
N LEU D 159 -35.73 34.59 11.44
CA LEU D 159 -34.39 34.43 11.99
C LEU D 159 -34.39 33.86 13.40
N PHE D 160 -35.53 33.82 14.09
CA PHE D 160 -35.58 33.26 15.43
C PHE D 160 -35.79 31.76 15.43
N ASN D 161 -36.25 31.19 14.31
CA ASN D 161 -36.46 29.75 14.21
C ASN D 161 -35.22 29.00 13.76
N MET D 162 -34.16 29.69 13.37
CA MET D 162 -32.92 29.05 12.97
C MET D 162 -31.92 28.94 14.11
N LEU D 163 -32.28 29.39 15.31
CA LEU D 163 -31.42 29.26 16.47
C LEU D 163 -31.62 27.94 17.20
N ARG D 164 -32.63 27.15 16.82
CA ARG D 164 -32.83 25.84 17.43
C ARG D 164 -31.80 24.81 16.96
N LEU D 165 -31.07 25.10 15.88
CA LEU D 165 -30.04 24.18 15.40
C LEU D 165 -28.84 24.11 16.32
N TRP D 166 -28.84 24.85 17.43
CA TRP D 166 -27.76 24.71 18.42
C TRP D 166 -27.83 23.36 19.11
N ARG D 167 -29.03 22.78 19.24
CA ARG D 167 -29.17 21.46 19.84
C ARG D 167 -28.56 20.35 19.00
N LEU D 168 -27.98 20.67 17.84
CA LEU D 168 -27.42 19.66 16.96
C LEU D 168 -26.03 19.22 17.39
N ARG D 169 -25.45 19.87 18.41
CA ARG D 169 -24.15 19.47 18.92
C ARG D 169 -24.18 18.08 19.54
N ARG D 170 -25.32 17.70 20.12
CA ARG D 170 -25.43 16.41 20.81
C ARG D 170 -25.29 15.23 19.87
N VAL D 171 -25.44 15.43 18.57
CA VAL D 171 -25.12 14.38 17.61
C VAL D 171 -23.62 14.34 17.36
N GLY D 172 -22.93 15.47 17.47
CA GLY D 172 -21.49 15.49 17.33
C GLY D 172 -20.74 14.91 18.51
N ALA D 173 -21.37 14.86 19.68
CA ALA D 173 -20.79 14.22 20.85
C ALA D 173 -21.22 12.77 20.99
N LEU D 174 -22.00 12.25 20.03
CA LEU D 174 -22.40 10.85 20.01
C LEU D 174 -21.69 10.04 18.94
N PHE D 175 -21.26 10.68 17.85
CA PHE D 175 -20.54 10.00 16.78
C PHE D 175 -19.04 9.94 17.02
N ALA D 176 -18.57 10.54 18.11
CA ALA D 176 -17.18 10.38 18.54
C ALA D 176 -17.04 9.56 19.81
N ARG D 177 -18.00 9.68 20.73
CA ARG D 177 -18.03 8.79 21.88
C ARG D 177 -18.19 7.33 21.47
N LEU D 178 -19.08 7.07 20.51
CA LEU D 178 -19.30 5.72 20.00
C LEU D 178 -18.17 5.24 19.10
N GLU D 179 -17.29 6.15 18.64
CA GLU D 179 -16.18 5.75 17.79
C GLU D 179 -15.23 4.82 18.53
N LYS D 180 -14.93 5.11 19.79
CA LYS D 180 -13.98 4.33 20.58
C LYS D 180 -14.74 3.24 21.32
N ASP D 181 -15.11 2.19 20.58
CA ASP D 181 -15.78 1.04 21.14
C ASP D 181 -15.48 -0.16 20.24
N ARG D 182 -15.65 -1.36 20.80
CA ARG D 182 -15.30 -2.58 20.08
C ARG D 182 -16.47 -3.51 19.83
N ASN D 183 -17.57 -3.42 20.59
CA ASN D 183 -18.70 -4.29 20.37
C ASN D 183 -19.48 -3.95 19.10
N PHE D 184 -19.18 -2.81 18.48
CA PHE D 184 -19.83 -2.41 17.24
C PHE D 184 -18.80 -2.35 16.11
N ASN D 185 -19.23 -2.78 14.93
CA ASN D 185 -18.34 -2.84 13.78
C ASN D 185 -17.87 -1.43 13.39
N TYR D 186 -16.72 -1.39 12.71
CA TYR D 186 -16.20 -0.14 12.17
C TYR D 186 -16.74 0.17 10.78
N PHE D 187 -17.41 -0.78 10.14
CA PHE D 187 -18.01 -0.54 8.83
C PHE D 187 -19.26 0.32 8.92
N TRP D 188 -19.95 0.32 10.07
CA TRP D 188 -21.22 1.01 10.23
C TRP D 188 -21.11 2.23 11.15
N VAL D 189 -19.99 2.95 11.06
CA VAL D 189 -19.81 4.17 11.86
C VAL D 189 -19.38 5.29 10.92
N ARG D 190 -19.09 4.95 9.66
CA ARG D 190 -18.77 5.93 8.64
C ARG D 190 -19.93 6.19 7.69
N CYS D 191 -20.60 5.13 7.25
CA CYS D 191 -21.66 5.28 6.26
C CYS D 191 -22.82 6.09 6.81
N ALA D 192 -23.20 5.85 8.07
CA ALA D 192 -24.30 6.61 8.67
C ALA D 192 -23.99 8.10 8.70
N LYS D 193 -22.77 8.46 9.12
CA LYS D 193 -22.38 9.86 9.18
C LYS D 193 -22.41 10.50 7.81
N LEU D 194 -21.84 9.82 6.81
CA LEU D 194 -21.80 10.39 5.46
C LEU D 194 -23.20 10.57 4.89
N VAL D 195 -24.07 9.58 5.10
CA VAL D 195 -25.44 9.66 4.61
C VAL D 195 -26.18 10.83 5.25
N CYS D 196 -26.04 10.99 6.56
CA CYS D 196 -26.71 12.09 7.25
C CYS D 196 -26.21 13.44 6.74
N VAL D 197 -24.90 13.57 6.53
CA VAL D 197 -24.37 14.84 6.03
C VAL D 197 -24.95 15.17 4.67
N THR D 198 -24.98 14.19 3.77
CA THR D 198 -25.49 14.44 2.42
C THR D 198 -26.97 14.84 2.45
N LEU D 199 -27.79 14.13 3.24
CA LEU D 199 -29.21 14.45 3.29
C LEU D 199 -29.45 15.85 3.86
N PHE D 200 -28.69 16.22 4.90
CA PHE D 200 -28.84 17.56 5.46
C PHE D 200 -28.49 18.64 4.44
N ALA D 201 -27.40 18.45 3.70
CA ALA D 201 -27.00 19.43 2.70
C ALA D 201 -28.09 19.61 1.65
N VAL D 202 -28.63 18.49 1.16
CA VAL D 202 -29.66 18.56 0.11
C VAL D 202 -30.89 19.33 0.61
N HIS D 203 -31.35 18.99 1.82
CA HIS D 203 -32.55 19.62 2.37
C HIS D 203 -32.36 21.13 2.52
N CYS D 204 -31.21 21.53 3.10
CA CYS D 204 -30.97 22.95 3.34
C CYS D 204 -30.91 23.73 2.02
N ALA D 205 -30.22 23.18 1.02
CA ALA D 205 -30.10 23.90 -0.25
C ALA D 205 -31.48 24.08 -0.89
N ALA D 206 -32.31 23.03 -0.87
CA ALA D 206 -33.64 23.16 -1.48
C ALA D 206 -34.47 24.24 -0.80
N CYS D 207 -34.46 24.25 0.54
CA CYS D 207 -35.27 25.24 1.25
C CYS D 207 -34.80 26.67 0.96
N PHE D 208 -33.48 26.89 0.95
CA PHE D 208 -32.98 28.24 0.68
C PHE D 208 -33.32 28.69 -0.73
N TYR D 209 -33.20 27.80 -1.72
CA TYR D 209 -33.54 28.19 -3.09
C TYR D 209 -35.00 28.59 -3.20
N TYR D 210 -35.91 27.82 -2.60
CA TYR D 210 -37.31 28.21 -2.70
C TYR D 210 -37.57 29.53 -1.98
N LEU D 211 -36.88 29.78 -0.86
CA LEU D 211 -37.06 31.07 -0.19
C LEU D 211 -36.66 32.22 -1.11
N ILE D 212 -35.50 32.08 -1.78
CA ILE D 212 -35.07 33.12 -2.71
C ILE D 212 -36.11 33.34 -3.81
N ALA D 213 -36.69 32.25 -4.32
CA ALA D 213 -37.69 32.38 -5.37
C ALA D 213 -38.94 33.10 -4.88
N ALA D 214 -39.38 32.77 -3.66
CA ALA D 214 -40.66 33.29 -3.18
C ALA D 214 -40.57 34.75 -2.75
N ARG D 215 -39.46 35.14 -2.11
CA ARG D 215 -39.39 36.48 -1.54
C ARG D 215 -39.45 37.59 -2.58
N ASN D 216 -39.10 37.30 -3.83
CA ASN D 216 -39.10 38.32 -4.86
C ASN D 216 -40.52 38.73 -5.25
N SER D 217 -40.66 39.97 -5.70
CA SER D 217 -41.91 40.43 -6.29
C SER D 217 -41.95 40.03 -7.76
N ASN D 218 -43.04 40.40 -8.45
CA ASN D 218 -43.22 40.04 -9.85
C ASN D 218 -43.07 38.53 -10.03
N PRO D 219 -44.08 37.74 -9.68
CA PRO D 219 -43.92 36.27 -9.69
C PRO D 219 -43.38 35.69 -10.98
N ALA D 220 -43.62 36.33 -12.13
CA ALA D 220 -43.02 35.87 -13.36
C ALA D 220 -41.54 36.21 -13.40
N LYS D 221 -40.82 35.57 -14.32
CA LYS D 221 -39.36 35.71 -14.43
C LYS D 221 -38.65 35.19 -13.18
N THR D 222 -39.01 33.96 -12.79
CA THR D 222 -38.32 33.24 -11.73
C THR D 222 -38.12 31.81 -12.22
N TRP D 223 -37.31 31.05 -11.48
CA TRP D 223 -37.02 29.69 -11.91
C TRP D 223 -38.22 28.77 -11.84
N ILE D 224 -39.24 29.13 -11.07
CA ILE D 224 -40.43 28.30 -10.93
C ILE D 224 -41.64 28.87 -11.65
N GLY D 225 -41.77 30.21 -11.73
CA GLY D 225 -42.90 30.81 -12.40
C GLY D 225 -42.84 30.72 -13.92
N ALA D 226 -41.65 30.51 -14.48
CA ALA D 226 -41.50 30.36 -15.92
C ALA D 226 -41.82 28.95 -16.40
N ASN D 227 -42.02 28.02 -15.48
CA ASN D 227 -42.36 26.63 -15.82
C ASN D 227 -43.78 26.27 -15.44
N VAL D 228 -44.34 26.89 -14.41
CA VAL D 228 -45.71 26.66 -13.96
C VAL D 228 -46.46 27.97 -14.09
N ALA D 229 -47.65 27.93 -14.71
CA ALA D 229 -48.40 29.16 -14.95
C ALA D 229 -48.79 29.84 -13.65
N ASN D 230 -49.27 29.08 -12.67
CA ASN D 230 -49.72 29.61 -11.39
C ASN D 230 -49.13 28.76 -10.28
N PHE D 231 -47.95 29.14 -9.79
CA PHE D 231 -47.27 28.38 -8.76
C PHE D 231 -47.66 28.79 -7.35
N LEU D 232 -48.41 29.87 -7.17
CA LEU D 232 -48.83 30.32 -5.86
C LEU D 232 -50.23 29.84 -5.48
N GLU D 233 -50.85 29.01 -6.32
CA GLU D 233 -52.18 28.51 -6.04
C GLU D 233 -52.19 26.99 -6.01
N GLU D 234 -51.21 26.40 -5.33
CA GLU D 234 -51.07 24.95 -5.26
C GLU D 234 -50.71 24.54 -3.84
N SER D 235 -50.91 23.25 -3.56
CA SER D 235 -50.74 22.73 -2.21
C SER D 235 -49.28 22.83 -1.76
N LEU D 236 -49.08 22.92 -0.44
CA LEU D 236 -47.74 23.04 0.12
C LEU D 236 -46.89 21.82 -0.12
N TRP D 237 -47.49 20.66 -0.37
CA TRP D 237 -46.73 19.44 -0.61
C TRP D 237 -46.48 19.19 -2.10
N MET D 238 -46.94 20.08 -2.97
CA MET D 238 -46.60 20.00 -4.38
C MET D 238 -45.44 20.93 -4.75
N ARG D 239 -45.28 22.03 -4.02
CA ARG D 239 -44.12 22.90 -4.19
C ARG D 239 -42.87 22.33 -3.54
N TYR D 240 -43.02 21.40 -2.60
CA TYR D 240 -41.87 20.83 -1.90
C TYR D 240 -41.20 19.70 -2.67
N VAL D 241 -41.84 19.16 -3.69
CA VAL D 241 -41.24 18.07 -4.47
C VAL D 241 -40.38 18.61 -5.60
N THR D 242 -40.80 19.71 -6.23
CA THR D 242 -40.03 20.28 -7.34
C THR D 242 -38.68 20.80 -6.86
N SER D 243 -38.63 21.42 -5.68
CA SER D 243 -37.37 21.95 -5.17
C SER D 243 -36.37 20.84 -4.90
N MET D 244 -36.82 19.75 -4.27
CA MET D 244 -35.91 18.64 -4.02
C MET D 244 -35.52 17.93 -5.31
N TYR D 245 -36.43 17.90 -6.29
CA TYR D 245 -36.08 17.37 -7.60
C TYR D 245 -34.91 18.16 -8.19
N TRP D 246 -35.00 19.49 -8.17
CA TRP D 246 -33.90 20.30 -8.69
C TRP D 246 -32.61 20.09 -7.90
N SER D 247 -32.72 20.01 -6.58
CA SER D 247 -31.52 19.89 -5.75
C SER D 247 -30.78 18.58 -6.03
N ILE D 248 -31.52 17.46 -6.12
CA ILE D 248 -30.85 16.19 -6.38
C ILE D 248 -30.43 16.08 -7.85
N THR D 249 -31.09 16.81 -8.75
CA THR D 249 -30.63 16.87 -10.13
C THR D 249 -29.30 17.57 -10.24
N THR D 250 -29.09 18.63 -9.45
CA THR D 250 -27.83 19.37 -9.52
C THR D 250 -26.71 18.71 -8.71
N LEU D 251 -27.01 18.06 -7.58
CA LEU D 251 -25.94 17.51 -6.75
C LEU D 251 -25.24 16.32 -7.41
N THR D 252 -25.97 15.50 -8.15
CA THR D 252 -25.39 14.31 -8.79
C THR D 252 -24.88 14.59 -10.20
N THR D 253 -24.89 15.85 -10.63
CA THR D 253 -24.34 16.30 -11.91
C THR D 253 -25.06 15.68 -13.10
N VAL D 254 -26.34 15.35 -12.95
CA VAL D 254 -27.17 15.02 -14.10
C VAL D 254 -28.02 16.23 -14.44
N GLY D 255 -27.53 17.12 -15.27
CA GLY D 255 -28.30 18.32 -15.56
C GLY D 255 -29.28 18.10 -16.68
N TYR D 256 -30.58 18.07 -16.37
CA TYR D 256 -31.57 17.75 -17.40
C TYR D 256 -31.80 18.93 -18.33
N GLY D 257 -32.23 20.07 -17.80
CA GLY D 257 -32.39 21.23 -18.65
C GLY D 257 -33.58 22.09 -18.31
N ASP D 258 -34.56 21.53 -17.61
CA ASP D 258 -35.63 22.33 -17.03
C ASP D 258 -35.24 22.76 -15.62
N LEU D 259 -35.89 23.80 -15.13
CA LEU D 259 -35.63 24.34 -13.79
C LEU D 259 -34.17 24.78 -13.64
N HIS D 260 -33.82 25.80 -14.40
CA HIS D 260 -32.52 26.45 -14.33
C HIS D 260 -32.67 27.92 -13.96
N PRO D 261 -31.61 28.56 -13.45
CA PRO D 261 -31.72 29.97 -13.04
C PRO D 261 -32.09 30.90 -14.18
N VAL D 262 -32.59 32.08 -13.82
CA VAL D 262 -33.09 33.07 -14.78
C VAL D 262 -32.38 34.40 -14.63
N ASN D 263 -32.34 34.95 -13.41
CA ASN D 263 -31.73 36.25 -13.16
C ASN D 263 -30.44 36.09 -12.37
N THR D 264 -29.85 37.22 -11.97
CA THR D 264 -28.47 37.23 -11.50
C THR D 264 -28.33 36.68 -10.07
N LYS D 265 -29.29 36.94 -9.20
CA LYS D 265 -29.17 36.47 -7.81
C LYS D 265 -29.10 34.95 -7.75
N GLU D 266 -29.95 34.28 -8.51
CA GLU D 266 -29.92 32.82 -8.54
C GLU D 266 -28.66 32.32 -9.21
N MET D 267 -28.12 33.06 -10.18
CA MET D 267 -26.85 32.69 -10.78
C MET D 267 -25.72 32.70 -9.75
N ILE D 268 -25.69 33.74 -8.90
CA ILE D 268 -24.65 33.82 -7.87
C ILE D 268 -24.82 32.70 -6.84
N PHE D 269 -26.06 32.47 -6.39
CA PHE D 269 -26.29 31.39 -5.43
C PHE D 269 -25.86 30.05 -6.01
N ASP D 270 -26.16 29.79 -7.28
CA ASP D 270 -25.81 28.52 -7.88
C ASP D 270 -24.30 28.40 -8.10
N ILE D 271 -23.64 29.50 -8.41
CA ILE D 271 -22.18 29.50 -8.50
C ILE D 271 -21.57 29.08 -7.17
N PHE D 272 -22.09 29.62 -6.07
CA PHE D 272 -21.53 29.25 -4.76
C PHE D 272 -21.91 27.83 -4.36
N TYR D 273 -23.06 27.33 -4.82
CA TYR D 273 -23.49 25.99 -4.46
C TYR D 273 -22.86 24.90 -5.31
N MET D 274 -22.31 25.23 -6.48
CA MET D 274 -21.74 24.22 -7.37
C MET D 274 -20.27 23.93 -7.11
N LEU D 275 -19.64 24.64 -6.18
CA LEU D 275 -18.24 24.38 -5.82
C LEU D 275 -18.11 23.50 -4.59
N PHE D 276 -19.06 23.57 -3.66
CA PHE D 276 -19.04 22.72 -2.49
C PHE D 276 -19.14 21.25 -2.86
N ASN D 277 -19.99 20.93 -3.84
CA ASN D 277 -20.17 19.54 -4.26
C ASN D 277 -18.92 18.98 -4.91
N LEU D 278 -18.10 19.82 -5.54
CA LEU D 278 -16.88 19.33 -6.18
C LEU D 278 -15.93 18.71 -5.16
N GLY D 279 -16.01 19.11 -3.90
CA GLY D 279 -15.20 18.50 -2.86
C GLY D 279 -15.97 17.45 -2.09
N LEU D 280 -17.26 17.69 -1.88
CA LEU D 280 -18.09 16.70 -1.18
C LEU D 280 -18.20 15.40 -1.96
N THR D 281 -18.03 15.42 -3.27
CA THR D 281 -18.06 14.19 -4.05
C THR D 281 -16.72 13.48 -4.10
N ALA D 282 -15.62 14.23 -4.11
CA ALA D 282 -14.29 13.62 -4.10
C ALA D 282 -13.88 13.14 -2.72
N TYR D 283 -14.58 13.56 -1.67
CA TYR D 283 -14.35 13.02 -0.34
C TYR D 283 -15.15 11.75 -0.07
N LEU D 284 -15.94 11.28 -1.03
CA LEU D 284 -16.68 10.03 -0.87
C LEU D 284 -16.09 8.87 -1.66
N ILE D 285 -15.17 9.14 -2.58
CA ILE D 285 -14.52 8.06 -3.33
C ILE D 285 -13.27 7.55 -2.62
N GLY D 286 -12.53 8.44 -1.93
CA GLY D 286 -11.38 8.00 -1.16
C GLY D 286 -11.76 7.03 -0.05
N ASN D 287 -12.85 7.31 0.66
CA ASN D 287 -13.30 6.41 1.72
C ASN D 287 -13.70 5.05 1.17
N MET D 288 -14.43 5.03 0.05
CA MET D 288 -14.83 3.75 -0.54
C MET D 288 -13.62 2.96 -1.02
N THR D 289 -12.64 3.62 -1.63
CA THR D 289 -11.44 2.90 -2.06
C THR D 289 -10.67 2.36 -0.86
N ASN D 290 -10.52 3.17 0.19
CA ASN D 290 -9.89 2.71 1.43
C ASN D 290 -10.59 1.46 1.96
N LEU D 291 -11.92 1.49 1.98
CA LEU D 291 -12.70 0.38 2.52
C LEU D 291 -12.54 -0.87 1.67
N VAL D 292 -12.52 -0.72 0.34
CA VAL D 292 -12.43 -1.88 -0.53
C VAL D 292 -11.05 -2.52 -0.45
N VAL D 293 -10.00 -1.70 -0.43
CA VAL D 293 -8.64 -2.25 -0.44
C VAL D 293 -8.32 -3.02 0.84
N HIS D 294 -8.95 -2.64 1.96
CA HIS D 294 -8.68 -3.26 3.24
C HIS D 294 -9.73 -4.31 3.62
N GLY D 295 -10.29 -5.00 2.64
CA GLY D 295 -11.33 -5.97 2.94
C GLY D 295 -11.26 -7.25 2.11
N THR D 296 -10.24 -7.39 1.28
CA THR D 296 -10.10 -8.56 0.41
C THR D 296 -8.72 -9.19 0.54
N SER D 297 -8.25 -9.40 1.76
CA SER D 297 -6.90 -9.91 1.97
C SER D 297 -6.86 -11.43 2.07
N ARG D 298 -7.87 -12.04 2.68
CA ARG D 298 -7.80 -13.46 3.02
C ARG D 298 -7.68 -14.35 1.78
N THR D 299 -8.47 -14.05 0.76
CA THR D 299 -8.54 -14.94 -0.40
C THR D 299 -7.22 -14.96 -1.16
N ARG D 300 -6.57 -13.81 -1.29
CA ARG D 300 -5.26 -13.78 -1.94
C ARG D 300 -4.24 -14.57 -1.13
N ASN D 301 -4.33 -14.50 0.20
CA ASN D 301 -3.46 -15.32 1.04
C ASN D 301 -3.67 -16.80 0.75
N PHE D 302 -4.93 -17.22 0.68
CA PHE D 302 -5.22 -18.63 0.39
C PHE D 302 -4.64 -19.05 -0.94
N ARG D 303 -4.88 -18.25 -1.99
CA ARG D 303 -4.38 -18.59 -3.32
C ARG D 303 -2.85 -18.65 -3.34
N ASP D 304 -2.19 -17.68 -2.70
CA ASP D 304 -0.74 -17.65 -2.69
C ASP D 304 -0.15 -18.84 -1.96
N THR D 305 -0.73 -19.21 -0.81
CA THR D 305 -0.25 -20.36 -0.07
C THR D 305 -0.40 -21.65 -0.87
N ILE D 306 -1.56 -21.83 -1.50
CA ILE D 306 -1.77 -23.04 -2.31
C ILE D 306 -0.78 -23.08 -3.47
N GLN D 307 -0.57 -21.95 -4.14
CA GLN D 307 0.39 -21.91 -5.25
C GLN D 307 1.79 -22.26 -4.78
N ALA D 308 2.22 -21.71 -3.65
CA ALA D 308 3.56 -21.99 -3.14
C ALA D 308 3.73 -23.46 -2.79
N ALA D 309 2.75 -24.04 -2.09
CA ALA D 309 2.85 -25.45 -1.72
C ALA D 309 2.89 -26.34 -2.95
N SER D 310 2.04 -26.06 -3.94
CA SER D 310 2.04 -26.87 -5.16
C SER D 310 3.36 -26.75 -5.90
N ASN D 311 3.90 -25.54 -6.00
CA ASN D 311 5.16 -25.35 -6.70
C ASN D 311 6.30 -26.10 -6.02
N PHE D 312 6.37 -26.02 -4.69
CA PHE D 312 7.43 -26.70 -3.95
C PHE D 312 7.32 -28.22 -4.13
N ALA D 313 6.10 -28.75 -3.98
CA ALA D 313 5.88 -30.19 -4.12
C ALA D 313 6.26 -30.66 -5.51
N HIS D 314 5.90 -29.90 -6.55
CA HIS D 314 6.29 -30.28 -7.90
C HIS D 314 7.80 -30.19 -8.09
N ARG D 315 8.43 -29.18 -7.47
CA ARG D 315 9.86 -28.99 -7.67
C ARG D 315 10.67 -30.16 -7.12
N ASN D 316 10.31 -30.66 -5.94
CA ASN D 316 11.10 -31.78 -5.41
C ASN D 316 10.62 -33.15 -5.92
N HIS D 317 9.60 -33.19 -6.79
CA HIS D 317 9.17 -34.44 -7.43
C HIS D 317 8.78 -35.50 -6.40
N LEU D 318 7.90 -35.12 -5.48
CA LEU D 318 7.43 -36.04 -4.46
C LEU D 318 6.57 -37.13 -5.10
N PRO D 319 6.46 -38.29 -4.45
CA PRO D 319 5.60 -39.34 -4.98
C PRO D 319 4.16 -38.87 -5.03
N PRO D 320 3.34 -39.45 -5.92
CA PRO D 320 1.96 -38.96 -6.08
C PRO D 320 1.14 -38.99 -4.80
N ARG D 321 1.35 -39.97 -3.93
CA ARG D 321 0.52 -40.12 -2.75
C ARG D 321 0.92 -39.19 -1.61
N LEU D 322 2.06 -38.50 -1.70
CA LEU D 322 2.58 -37.73 -0.59
C LEU D 322 2.13 -36.27 -0.58
N GLN D 323 1.41 -35.82 -1.61
CA GLN D 323 0.87 -34.47 -1.62
C GLN D 323 -0.49 -34.37 -0.96
N ASP D 324 -1.23 -35.47 -0.90
CA ASP D 324 -2.60 -35.43 -0.38
C ASP D 324 -2.63 -35.08 1.10
N GLN D 325 -1.75 -35.71 1.89
CA GLN D 325 -1.70 -35.40 3.32
C GLN D 325 -1.31 -33.95 3.55
N MET D 326 -0.33 -33.46 2.78
CA MET D 326 0.09 -32.07 2.89
C MET D 326 -1.07 -31.12 2.60
N LEU D 327 -1.79 -31.37 1.50
CA LEU D 327 -2.89 -30.48 1.13
C LEU D 327 -4.01 -30.52 2.15
N ALA D 328 -4.36 -31.72 2.63
CA ALA D 328 -5.43 -31.84 3.63
C ALA D 328 -5.06 -31.10 4.90
N HIS D 329 -3.83 -31.28 5.38
CA HIS D 329 -3.41 -30.58 6.59
C HIS D 329 -3.40 -29.07 6.36
N LEU D 330 -2.93 -28.62 5.20
CA LEU D 330 -2.88 -27.18 4.93
C LEU D 330 -4.27 -26.56 4.93
N CYS D 331 -5.25 -27.23 4.32
CA CYS D 331 -6.59 -26.64 4.25
C CYS D 331 -7.31 -26.76 5.60
N LEU D 332 -6.91 -27.72 6.43
CA LEU D 332 -7.60 -27.88 7.71
C LEU D 332 -7.34 -26.70 8.65
N LYS D 333 -6.15 -26.08 8.56
CA LYS D 333 -5.92 -24.88 9.36
C LYS D 333 -6.84 -23.74 8.94
N TYR D 334 -7.02 -23.56 7.63
CA TYR D 334 -7.90 -22.49 7.16
C TYR D 334 -9.35 -22.77 7.52
N ARG D 335 -9.73 -24.05 7.60
CA ARG D 335 -11.04 -24.39 8.15
C ARG D 335 -11.12 -24.01 9.63
N THR D 336 -10.16 -24.46 10.43
CA THR D 336 -10.11 -24.15 11.86
C THR D 336 -9.16 -22.97 12.11
N ASP D 337 -9.45 -21.86 11.43
CA ASP D 337 -8.60 -20.68 11.54
C ASP D 337 -8.68 -20.03 12.91
N SER D 338 -9.66 -20.43 13.73
CA SER D 338 -9.88 -19.80 15.02
C SER D 338 -9.72 -20.76 16.20
N GLU D 339 -9.35 -22.02 15.96
CA GLU D 339 -9.31 -23.01 17.04
C GLU D 339 -7.93 -23.25 17.60
N GLY D 340 -6.89 -22.59 17.09
CA GLY D 340 -5.58 -22.59 17.71
C GLY D 340 -4.46 -23.26 16.95
N LEU D 341 -4.71 -23.75 15.73
CA LEU D 341 -3.60 -24.31 14.95
C LEU D 341 -2.75 -23.21 14.33
N GLN D 342 -3.36 -22.39 13.46
CA GLN D 342 -2.67 -21.22 12.91
C GLN D 342 -2.70 -20.04 13.87
N GLN D 343 -3.54 -20.10 14.91
CA GLN D 343 -3.59 -19.05 15.92
C GLN D 343 -2.49 -19.20 16.97
N GLN D 344 -1.61 -20.20 16.85
CA GLN D 344 -0.63 -20.46 17.89
C GLN D 344 0.36 -19.32 18.03
N GLU D 345 0.83 -18.75 16.91
CA GLU D 345 1.79 -17.66 16.99
C GLU D 345 1.15 -16.40 17.56
N THR D 346 -0.16 -16.23 17.33
CA THR D 346 -0.88 -15.16 18.01
C THR D 346 -0.95 -15.41 19.50
N LEU D 347 -0.76 -16.66 19.91
CA LEU D 347 -0.72 -17.05 21.31
C LEU D 347 0.69 -17.33 21.81
N ASP D 348 1.65 -17.53 20.90
CA ASP D 348 3.02 -17.85 21.28
C ASP D 348 3.90 -16.61 21.34
N ALA D 349 3.30 -15.42 21.36
CA ALA D 349 4.03 -14.17 21.51
C ALA D 349 3.89 -13.60 22.92
N LEU D 350 3.57 -14.45 23.90
CA LEU D 350 3.30 -14.04 25.27
C LEU D 350 4.37 -14.62 26.21
N PRO D 351 4.57 -13.99 27.37
CA PRO D 351 5.57 -14.50 28.32
C PRO D 351 5.23 -15.88 28.86
N LYS D 352 6.13 -16.44 29.68
CA LYS D 352 5.98 -17.82 30.14
C LYS D 352 4.77 -17.99 31.04
N ALA D 353 4.53 -17.03 31.95
CA ALA D 353 3.49 -17.20 32.96
C ALA D 353 2.11 -17.29 32.34
N ILE D 354 1.83 -16.47 31.33
CA ILE D 354 0.49 -16.44 30.73
C ILE D 354 0.18 -17.76 30.06
N ARG D 355 1.07 -18.23 29.18
CA ARG D 355 0.82 -19.48 28.48
C ARG D 355 1.02 -20.71 29.36
N SER D 356 1.61 -20.54 30.55
CA SER D 356 1.62 -21.63 31.52
C SER D 356 0.33 -21.69 32.30
N SER D 357 -0.31 -20.55 32.55
CA SER D 357 -1.58 -20.51 33.27
C SER D 357 -2.77 -20.82 32.38
N ILE D 358 -2.67 -20.61 31.06
CA ILE D 358 -3.80 -20.91 30.18
C ILE D 358 -4.13 -22.39 30.19
N SER D 359 -3.10 -23.26 30.21
CA SER D 359 -3.34 -24.70 30.18
C SER D 359 -4.11 -25.20 31.39
N HIS D 360 -4.16 -24.41 32.47
CA HIS D 360 -4.89 -24.81 33.67
C HIS D 360 -6.37 -25.00 33.36
N PHE D 361 -6.98 -24.02 32.68
CA PHE D 361 -8.40 -24.08 32.37
C PHE D 361 -8.73 -25.11 31.30
N LEU D 362 -7.72 -25.70 30.66
CA LEU D 362 -7.93 -26.59 29.53
C LEU D 362 -7.69 -28.06 29.86
N PHE D 363 -6.56 -28.40 30.49
CA PHE D 363 -6.19 -29.80 30.61
C PHE D 363 -5.92 -30.29 32.03
N TYR D 364 -5.95 -29.40 33.02
CA TYR D 364 -5.59 -29.80 34.39
C TYR D 364 -6.51 -30.88 34.92
N SER D 365 -7.82 -30.65 34.83
CA SER D 365 -8.78 -31.63 35.34
C SER D 365 -8.72 -32.94 34.56
N LEU D 366 -8.56 -32.85 33.24
CA LEU D 366 -8.52 -34.04 32.41
C LEU D 366 -7.31 -34.91 32.74
N MET D 367 -6.17 -34.28 33.03
CA MET D 367 -4.96 -35.05 33.30
C MET D 367 -5.01 -35.79 34.63
N ASP D 368 -5.95 -35.45 35.51
CA ASP D 368 -5.99 -36.10 36.83
C ASP D 368 -6.46 -37.54 36.74
N LYS D 369 -7.52 -37.79 35.98
CA LYS D 369 -8.15 -39.12 35.92
C LYS D 369 -7.57 -39.89 34.74
N VAL D 370 -6.40 -40.48 34.97
CA VAL D 370 -5.66 -41.19 33.94
C VAL D 370 -5.21 -42.54 34.51
N TYR D 371 -4.97 -43.48 33.59
CA TYR D 371 -4.43 -44.81 33.94
C TYR D 371 -3.28 -44.71 34.93
N LEU D 372 -2.22 -43.99 34.55
CA LEU D 372 -1.06 -43.78 35.41
C LEU D 372 -1.33 -42.62 36.37
N PHE D 373 -0.28 -42.14 37.02
CA PHE D 373 -0.34 -40.97 37.90
C PHE D 373 -1.30 -41.21 39.07
N ARG D 374 -0.96 -42.20 39.89
CA ARG D 374 -1.84 -42.63 40.97
C ARG D 374 -2.06 -41.51 41.99
N GLY D 375 -0.99 -41.07 42.66
CA GLY D 375 -1.17 -40.16 43.78
C GLY D 375 -0.13 -39.08 43.95
N VAL D 376 0.52 -38.65 42.86
CA VAL D 376 1.46 -37.54 42.94
C VAL D 376 0.69 -36.28 43.29
N SER D 377 1.10 -35.61 44.36
CA SER D 377 0.27 -34.56 44.95
C SER D 377 0.06 -33.36 44.03
N ASN D 378 1.10 -32.55 43.79
CA ASN D 378 0.91 -31.34 42.99
C ASN D 378 2.02 -31.03 42.00
N ASP D 379 3.26 -31.49 42.19
CA ASP D 379 4.38 -30.90 41.46
C ASP D 379 4.67 -31.59 40.13
N LEU D 380 4.82 -32.91 40.14
CA LEU D 380 5.10 -33.63 38.91
C LEU D 380 3.96 -33.47 37.92
N LEU D 381 2.72 -33.57 38.41
CA LEU D 381 1.56 -33.38 37.54
C LEU D 381 1.55 -31.97 36.95
N PHE D 382 1.85 -30.96 37.77
CA PHE D 382 1.87 -29.59 37.30
C PHE D 382 2.90 -29.40 36.19
N GLN D 383 4.13 -29.85 36.43
CA GLN D 383 5.20 -29.66 35.45
C GLN D 383 4.92 -30.45 34.17
N LEU D 384 4.40 -31.68 34.30
CA LEU D 384 4.06 -32.46 33.12
C LEU D 384 2.92 -31.83 32.32
N VAL D 385 1.93 -31.27 33.03
CA VAL D 385 0.79 -30.66 32.35
C VAL D 385 1.25 -29.42 31.57
N SER D 386 2.02 -28.56 32.22
CA SER D 386 2.42 -27.32 31.55
C SER D 386 3.68 -27.50 30.71
N GLU D 387 3.71 -28.58 29.92
CA GLU D 387 4.78 -28.75 28.94
C GLU D 387 4.30 -29.41 27.65
N MET D 388 2.99 -29.56 27.43
CA MET D 388 2.48 -30.34 26.32
C MET D 388 2.30 -29.48 25.08
N LYS D 389 1.82 -30.09 24.00
CA LYS D 389 1.63 -29.41 22.72
C LYS D 389 0.42 -30.03 22.02
N ALA D 390 -0.64 -29.25 21.86
CA ALA D 390 -1.87 -29.74 21.26
C ALA D 390 -1.77 -29.77 19.74
N GLU D 391 -2.37 -30.79 19.12
CA GLU D 391 -2.36 -30.95 17.68
C GLU D 391 -3.68 -31.54 17.21
N TYR D 392 -4.14 -31.08 16.05
CA TYR D 392 -5.35 -31.59 15.42
C TYR D 392 -4.98 -32.51 14.27
N PHE D 393 -5.77 -33.57 14.09
CA PHE D 393 -5.53 -34.57 13.06
C PHE D 393 -6.78 -34.73 12.21
N PRO D 394 -6.66 -34.77 10.89
CA PRO D 394 -7.82 -35.05 10.05
C PRO D 394 -8.26 -36.49 10.19
N PRO D 395 -9.53 -36.79 9.91
CA PRO D 395 -10.01 -38.17 10.04
C PRO D 395 -9.30 -39.11 9.06
N LYS D 396 -9.20 -40.38 9.47
CA LYS D 396 -8.61 -41.45 8.66
C LYS D 396 -7.15 -41.13 8.31
N GLU D 397 -6.33 -41.04 9.35
CA GLU D 397 -4.90 -40.79 9.19
C GLU D 397 -4.13 -41.54 10.26
N ASP D 398 -3.01 -42.15 9.87
CA ASP D 398 -2.20 -42.92 10.80
C ASP D 398 -1.39 -42.00 11.69
N VAL D 399 -1.14 -42.46 12.91
CA VAL D 399 -0.28 -41.73 13.85
C VAL D 399 0.84 -42.58 14.42
N ILE D 400 0.72 -43.90 14.46
CA ILE D 400 1.78 -44.80 14.92
C ILE D 400 1.84 -45.99 13.99
N LEU D 401 3.04 -46.32 13.53
CA LEU D 401 3.25 -47.41 12.59
C LEU D 401 3.90 -48.60 13.30
N GLN D 402 4.25 -49.63 12.54
CA GLN D 402 4.79 -50.87 13.07
C GLN D 402 6.31 -50.78 13.17
N ASN D 403 6.84 -50.89 14.39
CA ASN D 403 8.28 -50.98 14.66
C ASN D 403 9.03 -49.80 14.03
N GLU D 404 8.74 -48.62 14.57
CA GLU D 404 9.21 -47.37 14.00
C GLU D 404 9.85 -46.48 15.05
N ALA D 405 10.77 -47.05 15.85
CA ALA D 405 11.65 -46.27 16.71
C ALA D 405 10.88 -45.37 17.67
N PRO D 406 10.28 -45.94 18.71
CA PRO D 406 9.41 -45.14 19.59
C PRO D 406 10.13 -43.93 20.16
N THR D 407 9.43 -42.79 20.13
CA THR D 407 9.99 -41.52 20.61
C THR D 407 9.08 -40.77 21.58
N ASP D 408 7.77 -41.00 21.55
CA ASP D 408 6.84 -40.19 22.32
C ASP D 408 5.50 -40.91 22.42
N PHE D 409 4.66 -40.41 23.33
CA PHE D 409 3.33 -40.97 23.56
C PHE D 409 2.28 -39.87 23.42
N TYR D 410 1.02 -40.27 23.41
CA TYR D 410 -0.08 -39.35 23.12
C TYR D 410 -1.21 -39.53 24.14
N ILE D 411 -1.89 -38.43 24.44
CA ILE D 411 -3.08 -38.41 25.28
C ILE D 411 -4.21 -37.81 24.47
N LEU D 412 -5.35 -38.51 24.44
CA LEU D 412 -6.47 -38.14 23.57
C LEU D 412 -7.52 -37.40 24.40
N VAL D 413 -7.93 -36.23 23.90
CA VAL D 413 -8.89 -35.38 24.62
C VAL D 413 -10.28 -35.57 24.03
N ASN D 414 -10.42 -35.32 22.73
CA ASN D 414 -11.69 -35.44 22.04
C ASN D 414 -11.57 -36.40 20.87
N GLY D 415 -12.72 -36.75 20.31
CA GLY D 415 -12.76 -37.67 19.19
C GLY D 415 -12.67 -39.12 19.63
N THR D 416 -12.59 -39.99 18.63
CA THR D 416 -12.49 -41.43 18.86
C THR D 416 -11.45 -42.03 17.93
N ALA D 417 -10.90 -43.16 18.35
CA ALA D 417 -9.94 -43.90 17.54
C ALA D 417 -10.03 -45.37 17.90
N ASP D 418 -9.54 -46.22 17.00
CA ASP D 418 -9.58 -47.66 17.18
C ASP D 418 -8.17 -48.23 17.09
N LEU D 419 -7.77 -49.00 18.10
CA LEU D 419 -6.48 -49.66 18.06
C LEU D 419 -6.51 -50.78 17.02
N VAL D 420 -5.50 -50.81 16.16
CA VAL D 420 -5.46 -51.70 15.01
C VAL D 420 -4.16 -52.49 15.05
N ASP D 421 -4.28 -53.82 14.92
CA ASP D 421 -3.12 -54.71 14.85
C ASP D 421 -3.00 -55.19 13.40
N VAL D 422 -2.04 -54.61 12.68
CA VAL D 422 -1.80 -54.96 11.27
C VAL D 422 -0.86 -56.16 11.28
N ASP D 423 -1.44 -57.36 11.27
CA ASP D 423 -0.68 -58.59 11.23
C ASP D 423 -0.42 -58.97 9.77
N THR D 424 0.06 -60.20 9.55
CA THR D 424 0.40 -60.66 8.21
C THR D 424 -0.88 -60.95 7.44
N GLY D 425 -1.34 -59.97 6.65
CA GLY D 425 -2.48 -60.15 5.78
C GLY D 425 -3.82 -59.85 6.41
N THR D 426 -3.87 -59.51 7.70
CA THR D 426 -5.13 -59.22 8.38
C THR D 426 -5.01 -57.92 9.16
N GLU D 427 -6.15 -57.26 9.34
CA GLU D 427 -6.24 -55.99 10.06
C GLU D 427 -7.38 -56.08 11.05
N SER D 428 -7.06 -56.17 12.34
CA SER D 428 -8.05 -56.39 13.38
C SER D 428 -8.47 -55.07 14.03
N ILE D 429 -9.63 -55.13 14.68
CA ILE D 429 -10.21 -53.96 15.36
C ILE D 429 -10.40 -54.38 16.82
N VAL D 430 -9.44 -55.16 17.33
CA VAL D 430 -9.60 -55.84 18.62
C VAL D 430 -9.87 -54.85 19.75
N ARG D 431 -9.29 -53.66 19.70
CA ARG D 431 -9.44 -52.68 20.77
C ARG D 431 -9.97 -51.37 20.21
N GLU D 432 -10.70 -50.64 21.04
CA GLU D 432 -11.24 -49.33 20.69
C GLU D 432 -11.11 -48.40 21.90
N VAL D 433 -10.60 -47.20 21.66
CA VAL D 433 -10.25 -46.26 22.72
C VAL D 433 -11.14 -45.03 22.62
N LYS D 434 -11.52 -44.51 23.77
CA LYS D 434 -12.28 -43.26 23.88
C LYS D 434 -11.44 -42.23 24.63
N ALA D 435 -12.06 -41.11 24.98
CA ALA D 435 -11.34 -40.01 25.62
C ALA D 435 -10.75 -40.45 26.96
N GLY D 436 -9.48 -40.12 27.17
CA GLY D 436 -8.85 -40.33 28.45
C GLY D 436 -7.60 -41.20 28.45
N ASP D 437 -7.61 -42.27 27.66
CA ASP D 437 -6.54 -43.24 27.72
C ASP D 437 -5.30 -42.76 26.97
N ILE D 438 -4.15 -43.35 27.31
CA ILE D 438 -2.87 -43.02 26.71
C ILE D 438 -2.53 -44.07 25.66
N ILE D 439 -1.88 -43.63 24.59
CA ILE D 439 -1.47 -44.50 23.48
C ILE D 439 0.04 -44.43 23.35
N GLY D 440 0.68 -45.60 23.32
CA GLY D 440 2.11 -45.67 23.08
C GLY D 440 2.96 -45.55 24.32
N GLU D 441 2.63 -46.32 25.37
CA GLU D 441 3.33 -46.20 26.65
C GLU D 441 4.36 -47.31 26.85
N ILE D 442 3.98 -48.56 26.60
CA ILE D 442 4.91 -49.66 26.86
C ILE D 442 6.13 -49.58 25.95
N GLY D 443 5.97 -49.01 24.76
CA GLY D 443 7.08 -48.93 23.83
C GLY D 443 8.12 -47.88 24.16
N VAL D 444 7.86 -46.99 25.11
CA VAL D 444 8.80 -45.96 25.48
C VAL D 444 9.40 -46.17 26.87
N LEU D 445 8.76 -46.93 27.74
CA LEU D 445 9.33 -47.28 29.03
C LEU D 445 10.11 -48.58 29.00
N CYS D 446 10.13 -49.28 27.86
CA CYS D 446 10.86 -50.52 27.74
C CYS D 446 11.80 -50.56 26.54
N TYR D 447 11.90 -49.46 25.77
CA TYR D 447 12.77 -49.39 24.59
C TYR D 447 12.48 -50.52 23.61
N ARG D 448 11.20 -50.80 23.41
CA ARG D 448 10.72 -51.85 22.54
C ARG D 448 9.84 -51.26 21.45
N PRO D 449 9.91 -51.78 20.22
CA PRO D 449 9.10 -51.22 19.13
C PRO D 449 7.61 -51.34 19.43
N GLN D 450 6.84 -50.39 18.90
CA GLN D 450 5.42 -50.31 19.17
C GLN D 450 4.69 -51.54 18.64
N LEU D 451 3.77 -52.06 19.45
CA LEU D 451 3.09 -53.32 19.12
C LEU D 451 2.09 -53.14 17.97
N PHE D 452 1.28 -52.08 18.02
CA PHE D 452 0.17 -51.96 17.08
C PHE D 452 0.19 -50.63 16.34
N THR D 453 -0.87 -50.35 15.59
CA THR D 453 -1.04 -49.11 14.85
C THR D 453 -2.37 -48.47 15.21
N VAL D 454 -2.45 -47.16 15.01
CA VAL D 454 -3.64 -46.38 15.36
C VAL D 454 -4.11 -45.64 14.11
N ARG D 455 -5.40 -45.76 13.80
CA ARG D 455 -6.03 -45.02 12.72
C ARG D 455 -7.31 -44.40 13.24
N THR D 456 -7.45 -43.08 13.07
CA THR D 456 -8.60 -42.38 13.61
C THR D 456 -9.82 -42.53 12.70
N LYS D 457 -10.98 -42.24 13.27
CA LYS D 457 -12.25 -42.27 12.54
C LYS D 457 -12.99 -40.94 12.62
N ARG D 458 -12.35 -39.89 13.10
CA ARG D 458 -13.01 -38.61 13.32
C ARG D 458 -11.95 -37.53 13.50
N LEU D 459 -12.37 -36.28 13.39
CA LEU D 459 -11.49 -35.15 13.68
C LEU D 459 -11.12 -35.17 15.15
N CYS D 460 -9.89 -35.53 15.46
CA CYS D 460 -9.44 -35.72 16.83
C CYS D 460 -8.42 -34.67 17.23
N GLN D 461 -8.40 -34.35 18.52
CA GLN D 461 -7.40 -33.47 19.11
C GLN D 461 -6.64 -34.25 20.18
N LEU D 462 -5.32 -34.22 20.10
CA LEU D 462 -4.47 -35.04 20.97
C LEU D 462 -3.44 -34.16 21.68
N LEU D 463 -2.55 -34.82 22.42
CA LEU D 463 -1.47 -34.19 23.15
C LEU D 463 -0.18 -34.98 22.92
N ARG D 464 0.95 -34.30 23.06
CA ARG D 464 2.24 -34.90 22.76
C ARG D 464 3.28 -34.51 23.80
N MET D 465 4.28 -35.38 23.96
CA MET D 465 5.44 -35.12 24.80
C MET D 465 6.53 -36.12 24.45
N ASN D 466 7.73 -35.62 24.20
CA ASN D 466 8.84 -36.47 23.80
C ASN D 466 9.50 -37.13 25.02
N ARG D 467 10.35 -38.12 24.75
CA ARG D 467 10.92 -38.94 25.82
C ARG D 467 12.01 -38.20 26.57
N THR D 468 12.75 -37.32 25.88
CA THR D 468 13.89 -36.66 26.51
C THR D 468 13.44 -35.74 27.64
N THR D 469 12.38 -34.96 27.42
CA THR D 469 11.86 -34.10 28.48
C THR D 469 11.35 -34.92 29.65
N PHE D 470 10.68 -36.05 29.36
CA PHE D 470 10.20 -36.92 30.42
C PHE D 470 11.34 -37.45 31.26
N LEU D 471 12.42 -37.89 30.61
CA LEU D 471 13.57 -38.42 31.35
C LEU D 471 14.26 -37.33 32.17
N ASN D 472 14.36 -36.12 31.61
CA ASN D 472 14.97 -35.03 32.36
C ASN D 472 14.13 -34.66 33.58
N ILE D 473 12.81 -34.63 33.44
CA ILE D 473 11.93 -34.36 34.58
C ILE D 473 12.07 -35.46 35.62
N ILE D 474 12.15 -36.72 35.18
CA ILE D 474 12.32 -37.83 36.12
C ILE D 474 13.65 -37.70 36.87
N GLN D 475 14.72 -37.36 36.16
CA GLN D 475 16.03 -37.23 36.80
C GLN D 475 16.05 -36.04 37.76
N ALA D 476 15.28 -34.99 37.47
CA ALA D 476 15.22 -33.85 38.38
C ALA D 476 14.63 -34.25 39.72
N ASN D 477 13.58 -35.09 39.72
CA ASN D 477 12.92 -35.57 40.94
C ASN D 477 12.59 -37.05 40.74
N VAL D 478 13.47 -37.91 41.26
CA VAL D 478 13.31 -39.36 41.13
C VAL D 478 12.38 -39.94 42.20
N GLY D 479 12.25 -39.26 43.35
CA GLY D 479 11.44 -39.81 44.43
C GLY D 479 9.99 -40.03 44.03
N ASP D 480 9.39 -39.07 43.32
CA ASP D 480 8.04 -39.27 42.82
C ASP D 480 8.02 -40.22 41.63
N GLY D 481 9.16 -40.43 40.98
CA GLY D 481 9.22 -41.28 39.80
C GLY D 481 8.97 -42.75 40.08
N THR D 482 9.23 -43.21 41.30
CA THR D 482 9.11 -44.63 41.62
C THR D 482 7.68 -45.12 41.48
N ILE D 483 6.71 -44.21 41.62
CA ILE D 483 5.29 -44.59 41.58
C ILE D 483 4.91 -45.07 40.18
N ILE D 484 5.49 -44.47 39.14
CA ILE D 484 5.04 -44.72 37.77
C ILE D 484 5.29 -46.17 37.36
N MET D 485 6.51 -46.67 37.55
CA MET D 485 6.79 -48.04 37.14
C MET D 485 5.99 -49.04 37.96
N ASN D 486 5.72 -48.72 39.22
CA ASN D 486 4.86 -49.58 40.04
C ASN D 486 3.43 -49.59 39.50
N ASN D 487 2.97 -48.45 38.98
CA ASN D 487 1.61 -48.38 38.45
C ASN D 487 1.43 -49.32 37.26
N LEU D 488 2.44 -49.40 36.39
CA LEU D 488 2.33 -50.29 35.23
C LEU D 488 2.24 -51.75 35.67
N LEU D 489 3.09 -52.17 36.61
CA LEU D 489 3.06 -53.55 37.07
C LEU D 489 1.77 -53.88 37.81
N GLN D 490 1.27 -52.93 38.62
CA GLN D 490 0.01 -53.12 39.31
C GLN D 490 -1.17 -53.19 38.33
N HIS D 491 -1.00 -52.68 37.12
CA HIS D 491 -2.08 -52.61 36.15
C HIS D 491 -1.96 -53.64 35.04
N LEU D 492 -0.83 -54.34 34.93
CA LEU D 492 -0.73 -55.50 34.04
C LEU D 492 -1.12 -56.79 34.78
N LYS D 493 -2.33 -56.76 35.32
CA LYS D 493 -2.95 -57.94 35.94
C LYS D 493 -4.24 -58.23 35.18
N GLU D 494 -4.11 -58.98 34.09
CA GLU D 494 -5.23 -59.32 33.23
C GLU D 494 -5.10 -60.77 32.79
N MET D 495 -6.21 -61.34 32.34
CA MET D 495 -6.27 -62.74 31.92
C MET D 495 -6.11 -62.90 30.41
N ASN D 496 -5.82 -61.82 29.69
CA ASN D 496 -5.74 -61.86 28.24
C ASN D 496 -4.30 -62.18 27.80
N ASP D 497 -4.03 -62.02 26.51
CA ASP D 497 -2.75 -62.46 25.95
C ASP D 497 -1.52 -61.67 26.40
N PRO D 498 -1.58 -60.38 26.76
CA PRO D 498 -0.34 -59.67 27.13
C PRO D 498 0.43 -60.25 28.30
N VAL D 499 -0.05 -61.33 28.93
CA VAL D 499 0.71 -61.93 30.02
C VAL D 499 2.02 -62.53 29.51
N MET D 500 2.01 -63.07 28.29
CA MET D 500 3.21 -63.65 27.72
C MET D 500 4.31 -62.62 27.57
N THR D 501 3.96 -61.40 27.16
CA THR D 501 4.91 -60.30 27.08
C THR D 501 5.18 -59.66 28.43
N ASN D 502 4.24 -59.76 29.38
CA ASN D 502 4.51 -59.29 30.74
C ASN D 502 5.60 -60.15 31.39
N VAL D 503 5.62 -61.44 31.07
CA VAL D 503 6.71 -62.30 31.56
C VAL D 503 8.05 -61.80 31.02
N LEU D 504 8.10 -61.46 29.73
CA LEU D 504 9.32 -60.91 29.14
C LEU D 504 9.70 -59.59 29.82
N LEU D 505 8.71 -58.73 30.07
CA LEU D 505 8.97 -57.47 30.76
C LEU D 505 9.58 -57.72 32.12
N GLU D 506 9.01 -58.63 32.91
CA GLU D 506 9.55 -58.94 34.23
C GLU D 506 10.94 -59.53 34.12
N ILE D 507 11.22 -60.25 33.02
CA ILE D 507 12.59 -60.69 32.78
C ILE D 507 13.51 -59.50 32.59
N GLU D 508 13.05 -58.49 31.87
CA GLU D 508 13.84 -57.28 31.62
C GLU D 508 13.48 -56.13 32.55
N ASN D 509 12.74 -56.39 33.63
CA ASN D 509 12.47 -55.34 34.62
C ASN D 509 12.96 -55.79 36.00
K K E . -24.40 16.17 -17.29
K K F . -22.10 14.59 -15.64
K K G . -28.97 19.02 -20.66
#